data_2MO5
#
_entry.id   2MO5
#
loop_
_entity.id
_entity.type
_entity.pdbx_description
1 polymer 'Fatty acid-binding protein, intestinal'
2 non-polymer 'OLEIC ACID'
#
_entity_poly.entity_id   1
_entity_poly.type   'polypeptide(L)'
_entity_poly.pdbx_seq_one_letter_code
;AHHHHHHVGTQAFDSTWKVDRSENYDKFMEKMGVNIVKRKLAAHDNLKLTITQEGNKFTVKESSAFRNIEVVFELGVTFN
YNLADGTELRGTWSLEGNKLIGKFKRTDNGNELNTVREIIGDELVQTYVYEGVEAKRIFKKD
;
_entity_poly.pdbx_strand_id   A
#
# COMPACT_ATOMS: atom_id res chain seq x y z
N ALA A 1 -49.59 -17.63 5.47
CA ALA A 1 -48.34 -17.30 6.22
C ALA A 1 -47.43 -16.37 5.40
N HIS A 2 -46.74 -15.46 6.08
CA HIS A 2 -45.84 -14.52 5.42
C HIS A 2 -44.88 -13.85 6.41
N HIS A 3 -43.82 -13.21 5.89
CA HIS A 3 -42.82 -12.53 6.71
C HIS A 3 -41.81 -11.77 5.85
N HIS A 4 -41.15 -10.76 6.44
CA HIS A 4 -40.15 -9.95 5.72
C HIS A 4 -39.22 -9.21 6.68
N HIS A 5 -38.09 -8.70 6.14
CA HIS A 5 -37.09 -7.97 6.92
C HIS A 5 -35.93 -7.51 6.02
N HIS A 6 -35.10 -6.56 6.50
CA HIS A 6 -33.96 -6.07 5.71
C HIS A 6 -33.00 -5.21 6.57
N HIS A 7 -31.76 -5.05 6.07
CA HIS A 7 -30.73 -4.25 6.76
C HIS A 7 -29.74 -3.63 5.75
N VAL A 8 -28.58 -3.15 6.24
CA VAL A 8 -27.57 -2.53 5.36
C VAL A 8 -26.18 -2.47 6.03
N GLY A 9 -25.14 -2.21 5.23
CA GLY A 9 -23.77 -2.13 5.75
C GLY A 9 -23.04 -0.87 5.30
N THR A 10 -21.72 -1.00 5.05
CA THR A 10 -20.86 0.11 4.61
C THR A 10 -19.39 -0.13 5.01
N GLN A 11 -18.54 -0.39 4.02
CA GLN A 11 -17.11 -0.65 4.24
C GLN A 11 -16.42 0.51 4.98
N ALA A 12 -15.18 0.26 5.43
CA ALA A 12 -14.40 1.27 6.16
C ALA A 12 -13.20 1.78 5.36
N PHE A 13 -12.43 0.85 4.79
CA PHE A 13 -11.23 1.18 4.01
C PHE A 13 -11.53 2.02 2.77
N ASP A 14 -12.71 1.86 2.18
CA ASP A 14 -13.09 2.60 0.97
C ASP A 14 -13.21 4.10 1.26
N SER A 15 -12.07 4.78 1.37
CA SER A 15 -12.03 6.21 1.65
C SER A 15 -10.84 6.89 0.98
N THR A 16 -10.63 8.17 1.29
CA THR A 16 -9.52 8.94 0.74
C THR A 16 -8.61 9.40 1.88
N TRP A 17 -7.50 8.72 2.08
CA TRP A 17 -6.56 9.08 3.14
C TRP A 17 -5.23 9.56 2.55
N LYS A 18 -4.78 10.72 3.02
CA LYS A 18 -3.52 11.32 2.57
C LYS A 18 -2.42 11.11 3.60
N VAL A 19 -1.17 11.09 3.14
CA VAL A 19 -0.04 10.90 4.05
C VAL A 19 -0.06 11.96 5.15
N ASP A 20 -0.34 11.50 6.35
CA ASP A 20 -0.39 12.39 7.49
C ASP A 20 0.85 12.18 8.36
N ARG A 21 1.51 11.03 8.19
CA ARG A 21 2.71 10.72 8.95
C ARG A 21 3.32 9.39 8.53
N SER A 22 4.50 9.09 9.07
CA SER A 22 5.20 7.85 8.78
C SER A 22 6.11 7.49 9.96
N GLU A 23 6.60 6.26 9.96
CA GLU A 23 7.47 5.79 11.03
C GLU A 23 8.56 4.86 10.49
N ASN A 24 9.81 5.23 10.79
CA ASN A 24 10.98 4.44 10.37
C ASN A 24 11.25 4.54 8.86
N TYR A 25 10.46 5.32 8.13
CA TYR A 25 10.65 5.47 6.68
C TYR A 25 12.08 5.86 6.37
N ASP A 26 12.64 6.69 7.22
CA ASP A 26 14.00 7.17 7.05
C ASP A 26 14.99 6.03 6.78
N LYS A 27 14.91 4.97 7.61
CA LYS A 27 15.80 3.82 7.46
C LYS A 27 15.50 3.05 6.17
N PHE A 28 14.22 2.98 5.80
CA PHE A 28 13.81 2.27 4.60
C PHE A 28 14.46 2.87 3.36
N MET A 29 14.31 4.18 3.17
CA MET A 29 14.91 4.86 2.01
C MET A 29 16.43 4.86 2.09
N GLU A 30 16.96 5.03 3.31
CA GLU A 30 18.41 5.03 3.50
C GLU A 30 18.99 3.64 3.20
N LYS A 31 18.24 2.59 3.53
CA LYS A 31 18.68 1.21 3.30
C LYS A 31 18.99 0.97 1.83
N MET A 32 18.02 1.25 0.97
CA MET A 32 18.19 1.07 -0.48
C MET A 32 19.43 1.79 -0.99
N GLY A 33 19.72 2.94 -0.36
CA GLY A 33 20.89 3.74 -0.75
C GLY A 33 20.49 4.97 -1.55
N VAL A 34 19.32 5.52 -1.24
CA VAL A 34 18.80 6.69 -1.94
C VAL A 34 19.64 7.95 -1.66
N ASN A 35 19.76 8.80 -2.68
CA ASN A 35 20.51 10.05 -2.57
C ASN A 35 19.70 11.12 -1.84
N ILE A 36 20.42 12.05 -1.20
CA ILE A 36 19.79 13.13 -0.45
C ILE A 36 18.64 13.78 -1.22
N VAL A 37 18.86 14.06 -2.51
CA VAL A 37 17.84 14.69 -3.35
C VAL A 37 16.63 13.78 -3.55
N LYS A 38 16.89 12.50 -3.82
CA LYS A 38 15.82 11.53 -4.01
C LYS A 38 15.03 11.33 -2.71
N ARG A 39 15.72 11.44 -1.58
CA ARG A 39 15.10 11.30 -0.27
C ARG A 39 14.31 12.56 0.12
N LYS A 40 14.57 13.68 -0.57
CA LYS A 40 13.89 14.94 -0.29
C LYS A 40 12.46 14.94 -0.80
N LEU A 41 12.24 14.58 -2.08
CA LEU A 41 10.89 14.57 -2.62
C LEU A 41 10.14 13.29 -2.27
N ALA A 42 10.84 12.16 -2.21
CA ALA A 42 10.22 10.89 -1.86
C ALA A 42 9.76 10.89 -0.40
N ALA A 43 10.22 11.88 0.37
CA ALA A 43 9.85 12.01 1.78
C ALA A 43 8.72 13.03 1.94
N HIS A 44 8.74 14.07 1.11
CA HIS A 44 7.72 15.12 1.13
C HIS A 44 6.92 15.10 -0.18
N ASP A 45 6.63 13.88 -0.66
CA ASP A 45 5.90 13.70 -1.90
C ASP A 45 4.41 14.03 -1.73
N ASN A 46 3.89 13.88 -0.50
CA ASN A 46 2.49 14.17 -0.21
C ASN A 46 1.59 13.14 -0.91
N LEU A 47 1.88 11.87 -0.66
CA LEU A 47 1.14 10.77 -1.25
C LEU A 47 -0.34 10.80 -0.87
N LYS A 48 -1.20 11.06 -1.86
CA LYS A 48 -2.65 11.09 -1.64
C LYS A 48 -3.23 9.74 -2.06
N LEU A 49 -3.91 9.06 -1.13
CA LEU A 49 -4.47 7.75 -1.41
C LEU A 49 -6.01 7.73 -1.40
N THR A 50 -6.56 6.98 -2.35
CA THR A 50 -8.00 6.80 -2.48
C THR A 50 -8.29 5.31 -2.64
N ILE A 51 -9.05 4.77 -1.70
CA ILE A 51 -9.36 3.34 -1.69
C ILE A 51 -10.78 3.02 -2.18
N THR A 52 -10.87 2.10 -3.14
CA THR A 52 -12.15 1.66 -3.69
C THR A 52 -12.05 0.20 -4.17
N GLN A 53 -12.96 -0.65 -3.69
CA GLN A 53 -12.93 -2.08 -4.06
C GLN A 53 -14.30 -2.59 -4.49
N GLU A 54 -14.28 -3.55 -5.41
CA GLU A 54 -15.48 -4.18 -5.92
C GLU A 54 -15.26 -5.68 -6.06
N GLY A 55 -15.28 -6.34 -4.91
CA GLY A 55 -15.06 -7.79 -4.87
C GLY A 55 -13.67 -8.16 -4.42
N ASN A 56 -12.98 -8.88 -5.27
CA ASN A 56 -11.62 -9.32 -5.00
C ASN A 56 -10.64 -8.52 -5.85
N LYS A 57 -11.11 -7.37 -6.34
CA LYS A 57 -10.30 -6.49 -7.16
C LYS A 57 -10.32 -5.09 -6.58
N PHE A 58 -9.17 -4.66 -6.08
CA PHE A 58 -9.05 -3.35 -5.46
C PHE A 58 -8.32 -2.37 -6.37
N THR A 59 -8.77 -1.13 -6.35
CA THR A 59 -8.16 -0.07 -7.14
C THR A 59 -7.92 1.15 -6.28
N VAL A 60 -6.67 1.58 -6.21
CA VAL A 60 -6.29 2.73 -5.41
C VAL A 60 -5.54 3.76 -6.25
N LYS A 61 -5.91 5.03 -6.07
CA LYS A 61 -5.27 6.12 -6.79
C LYS A 61 -4.26 6.84 -5.90
N GLU A 62 -3.01 6.90 -6.35
CA GLU A 62 -1.95 7.53 -5.60
C GLU A 62 -1.28 8.64 -6.43
N SER A 63 -1.06 9.79 -5.79
CA SER A 63 -0.43 10.92 -6.47
C SER A 63 0.76 11.43 -5.66
N SER A 64 1.81 11.85 -6.36
CA SER A 64 3.02 12.36 -5.73
C SER A 64 3.43 13.71 -6.32
N ALA A 65 4.53 14.27 -5.81
CA ALA A 65 5.02 15.57 -6.28
C ALA A 65 5.56 15.52 -7.72
N PHE A 66 6.07 14.37 -8.14
CA PHE A 66 6.64 14.24 -9.49
C PHE A 66 5.77 13.37 -10.44
N ARG A 67 4.71 12.74 -9.93
CA ARG A 67 3.85 11.91 -10.78
C ARG A 67 2.61 11.40 -10.02
N ASN A 68 1.84 10.52 -10.67
CA ASN A 68 0.64 9.93 -10.06
C ASN A 68 0.00 8.90 -11.01
N ILE A 69 -0.32 7.72 -10.48
CA ILE A 69 -0.93 6.66 -11.30
C ILE A 69 -1.97 5.85 -10.52
N GLU A 70 -2.78 5.09 -11.25
CA GLU A 70 -3.81 4.25 -10.67
C GLU A 70 -3.41 2.77 -10.80
N VAL A 71 -3.54 2.01 -9.72
CA VAL A 71 -3.18 0.59 -9.73
C VAL A 71 -4.39 -0.29 -9.41
N VAL A 72 -4.42 -1.46 -10.04
CA VAL A 72 -5.50 -2.42 -9.83
C VAL A 72 -4.94 -3.82 -9.61
N PHE A 73 -5.37 -4.47 -8.53
CA PHE A 73 -4.90 -5.81 -8.21
C PHE A 73 -6.07 -6.76 -7.94
N GLU A 74 -5.75 -8.03 -7.74
CA GLU A 74 -6.73 -9.06 -7.44
C GLU A 74 -6.20 -9.99 -6.36
N LEU A 75 -7.01 -10.26 -5.34
CA LEU A 75 -6.57 -11.14 -4.26
C LEU A 75 -6.18 -12.51 -4.78
N GLY A 76 -4.87 -12.79 -4.76
CA GLY A 76 -4.35 -14.06 -5.22
C GLY A 76 -3.98 -14.10 -6.70
N VAL A 77 -3.70 -12.93 -7.29
CA VAL A 77 -3.32 -12.86 -8.70
C VAL A 77 -1.96 -12.18 -8.88
N THR A 78 -0.92 -12.99 -9.12
CA THR A 78 0.43 -12.45 -9.30
C THR A 78 0.59 -11.75 -10.64
N PHE A 79 1.05 -10.50 -10.60
CA PHE A 79 1.27 -9.71 -11.81
C PHE A 79 2.58 -8.94 -11.73
N ASN A 80 3.05 -8.44 -12.87
CA ASN A 80 4.30 -7.70 -12.92
C ASN A 80 4.09 -6.20 -12.76
N TYR A 81 4.76 -5.61 -11.77
CA TYR A 81 4.67 -4.17 -11.51
C TYR A 81 6.01 -3.49 -11.81
N ASN A 82 5.97 -2.35 -12.50
CA ASN A 82 7.18 -1.62 -12.85
C ASN A 82 7.38 -0.41 -11.94
N LEU A 83 8.64 -0.01 -11.78
CA LEU A 83 9.00 1.14 -10.93
C LEU A 83 9.23 2.39 -11.78
N ALA A 84 9.49 3.51 -11.10
CA ALA A 84 9.73 4.79 -11.79
C ALA A 84 10.97 4.73 -12.68
N ASP A 85 11.96 3.92 -12.28
CA ASP A 85 13.20 3.79 -13.06
C ASP A 85 13.10 2.71 -14.15
N GLY A 86 12.09 1.84 -14.05
CA GLY A 86 11.93 0.80 -15.05
C GLY A 86 12.01 -0.62 -14.49
N THR A 87 12.47 -0.77 -13.23
CA THR A 87 12.57 -2.09 -12.61
C THR A 87 11.20 -2.75 -12.52
N GLU A 88 11.14 -4.04 -12.82
CA GLU A 88 9.89 -4.79 -12.77
C GLU A 88 9.95 -5.92 -11.75
N LEU A 89 9.03 -5.89 -10.79
CA LEU A 89 8.98 -6.92 -9.74
C LEU A 89 7.70 -7.75 -9.88
N ARG A 90 7.76 -9.00 -9.43
CA ARG A 90 6.60 -9.88 -9.48
C ARG A 90 6.01 -10.02 -8.09
N GLY A 91 4.86 -9.40 -7.87
CA GLY A 91 4.24 -9.47 -6.57
C GLY A 91 2.76 -9.09 -6.59
N THR A 92 2.14 -9.15 -5.40
CA THR A 92 0.71 -8.83 -5.24
C THR A 92 0.29 -8.99 -3.78
N TRP A 93 -1.02 -8.95 -3.53
CA TRP A 93 -1.54 -9.10 -2.18
C TRP A 93 -2.48 -10.30 -2.07
N SER A 94 -2.54 -10.87 -0.87
CA SER A 94 -3.39 -12.03 -0.61
C SER A 94 -3.66 -12.15 0.89
N LEU A 95 -4.90 -12.49 1.24
CA LEU A 95 -5.27 -12.63 2.64
C LEU A 95 -4.91 -14.01 3.18
N GLU A 96 -4.55 -14.03 4.46
CA GLU A 96 -4.20 -15.27 5.15
C GLU A 96 -4.76 -15.23 6.56
N GLY A 97 -5.47 -16.26 6.96
CA GLY A 97 -6.06 -16.30 8.27
C GLY A 97 -6.94 -15.10 8.52
N ASN A 98 -6.41 -14.18 9.31
CA ASN A 98 -7.11 -12.95 9.65
C ASN A 98 -6.25 -11.72 9.36
N LYS A 99 -5.32 -11.85 8.40
CA LYS A 99 -4.43 -10.74 8.03
C LYS A 99 -4.20 -10.68 6.52
N LEU A 100 -3.80 -9.50 6.03
CA LEU A 100 -3.55 -9.32 4.59
C LEU A 100 -2.06 -9.26 4.28
N ILE A 101 -1.65 -10.11 3.35
CA ILE A 101 -0.27 -10.22 2.93
C ILE A 101 0.03 -9.48 1.63
N GLY A 102 1.19 -8.82 1.60
CA GLY A 102 1.63 -8.10 0.42
C GLY A 102 3.10 -8.37 0.18
N LYS A 103 3.42 -9.04 -0.92
CA LYS A 103 4.81 -9.38 -1.20
C LYS A 103 5.22 -9.09 -2.64
N PHE A 104 6.44 -8.55 -2.79
CA PHE A 104 7.01 -8.24 -4.10
C PHE A 104 8.51 -8.54 -4.08
N LYS A 105 9.03 -9.11 -5.17
CA LYS A 105 10.47 -9.45 -5.22
C LYS A 105 11.19 -8.85 -6.43
N ARG A 106 12.39 -8.32 -6.17
CA ARG A 106 13.23 -7.73 -7.22
C ARG A 106 13.64 -8.82 -8.22
N THR A 107 13.94 -8.40 -9.46
CA THR A 107 14.39 -9.33 -10.49
C THR A 107 15.91 -9.51 -10.44
N ASP A 108 16.60 -8.52 -9.86
CA ASP A 108 18.06 -8.55 -9.75
C ASP A 108 18.54 -9.75 -8.94
N ASN A 109 18.27 -9.74 -7.63
CA ASN A 109 18.70 -10.84 -6.75
C ASN A 109 17.50 -11.53 -6.08
N GLY A 110 16.28 -11.05 -6.34
CA GLY A 110 15.11 -11.65 -5.73
C GLY A 110 14.85 -11.16 -4.32
N ASN A 111 15.13 -9.89 -4.05
CA ASN A 111 14.90 -9.32 -2.72
C ASN A 111 13.44 -9.42 -2.37
N GLU A 112 13.13 -10.19 -1.33
CA GLU A 112 11.75 -10.38 -0.91
C GLU A 112 11.31 -9.28 0.06
N LEU A 113 10.34 -8.49 -0.37
CA LEU A 113 9.78 -7.44 0.47
C LEU A 113 8.45 -7.90 1.00
N ASN A 114 8.15 -7.54 2.24
CA ASN A 114 6.91 -7.97 2.84
C ASN A 114 6.15 -6.79 3.42
N THR A 115 4.86 -6.70 3.08
CA THR A 115 4.01 -5.62 3.56
C THR A 115 2.62 -6.11 3.99
N VAL A 116 2.15 -5.59 5.12
CA VAL A 116 0.84 -5.97 5.66
C VAL A 116 -0.09 -4.74 5.75
N ARG A 117 -1.39 -4.93 5.53
CA ARG A 117 -2.35 -3.81 5.59
C ARG A 117 -3.28 -3.90 6.81
N GLU A 118 -3.37 -2.79 7.56
CA GLU A 118 -4.25 -2.77 8.75
C GLU A 118 -4.75 -1.35 9.02
N ILE A 119 -5.74 -1.23 9.90
CA ILE A 119 -6.29 0.07 10.28
C ILE A 119 -6.42 0.17 11.80
N ILE A 120 -5.89 1.25 12.36
CA ILE A 120 -5.95 1.48 13.80
C ILE A 120 -6.74 2.73 14.12
N GLY A 121 -7.71 2.60 15.03
CA GLY A 121 -8.53 3.73 15.41
C GLY A 121 -9.20 4.39 14.22
N ASP A 122 -8.69 5.54 13.85
CA ASP A 122 -9.22 6.31 12.73
C ASP A 122 -8.12 6.68 11.73
N GLU A 123 -7.07 5.85 11.66
CA GLU A 123 -5.96 6.09 10.74
C GLU A 123 -5.53 4.80 10.05
N LEU A 124 -5.40 4.85 8.73
CA LEU A 124 -5.00 3.68 7.95
C LEU A 124 -3.50 3.49 8.01
N VAL A 125 -3.07 2.23 8.03
CA VAL A 125 -1.67 1.91 8.09
C VAL A 125 -1.26 0.78 7.17
N GLN A 126 -0.03 0.87 6.70
CA GLN A 126 0.58 -0.13 5.83
C GLN A 126 2.04 -0.33 6.25
N THR A 127 2.39 -1.56 6.65
CA THR A 127 3.75 -1.86 7.08
C THR A 127 4.57 -2.50 5.97
N TYR A 128 5.85 -2.15 5.91
CA TYR A 128 6.76 -2.70 4.91
C TYR A 128 8.07 -3.13 5.56
N VAL A 129 8.43 -4.38 5.35
CA VAL A 129 9.65 -4.95 5.91
C VAL A 129 10.71 -5.14 4.82
N TYR A 130 11.91 -4.59 5.07
CA TYR A 130 13.02 -4.70 4.12
C TYR A 130 14.33 -4.99 4.86
N GLU A 131 14.82 -6.23 4.73
CA GLU A 131 16.05 -6.67 5.37
C GLU A 131 16.03 -6.48 6.90
N GLY A 132 14.94 -6.92 7.54
CA GLY A 132 14.83 -6.80 8.99
C GLY A 132 14.20 -5.49 9.43
N VAL A 133 14.33 -4.45 8.61
CA VAL A 133 13.78 -3.14 8.93
C VAL A 133 12.29 -3.08 8.57
N GLU A 134 11.45 -2.82 9.57
CA GLU A 134 10.02 -2.74 9.35
C GLU A 134 9.52 -1.31 9.52
N ALA A 135 9.29 -0.64 8.39
CA ALA A 135 8.80 0.74 8.40
C ALA A 135 7.36 0.81 7.90
N LYS A 136 6.64 1.86 8.28
CA LYS A 136 5.25 2.02 7.86
C LYS A 136 4.85 3.48 7.69
N ARG A 137 3.81 3.71 6.90
CA ARG A 137 3.28 5.05 6.65
C ARG A 137 1.83 5.12 7.13
N ILE A 138 1.51 6.17 7.87
CA ILE A 138 0.16 6.35 8.39
C ILE A 138 -0.59 7.41 7.58
N PHE A 139 -1.67 6.99 6.92
CA PHE A 139 -2.47 7.90 6.11
C PHE A 139 -3.79 8.24 6.78
N LYS A 140 -4.07 9.54 6.89
CA LYS A 140 -5.32 10.02 7.50
C LYS A 140 -6.24 10.56 6.43
N LYS A 141 -7.54 10.36 6.61
CA LYS A 141 -8.54 10.84 5.63
C LYS A 141 -8.22 12.25 5.19
N ASP A 142 -8.42 12.52 3.92
CA ASP A 142 -8.16 13.84 3.37
C ASP A 142 -9.44 14.65 3.29
N ALA A 1 -48.34 -18.11 4.96
CA ALA A 1 -47.46 -17.40 5.92
C ALA A 1 -46.10 -17.07 5.29
N HIS A 2 -45.58 -15.86 5.57
CA HIS A 2 -44.29 -15.43 5.03
C HIS A 2 -43.90 -14.05 5.58
N HIS A 3 -42.69 -13.58 5.23
CA HIS A 3 -42.20 -12.27 5.69
C HIS A 3 -41.06 -11.76 4.80
N HIS A 4 -40.73 -10.47 4.95
CA HIS A 4 -39.66 -9.85 4.15
C HIS A 4 -39.29 -8.46 4.69
N HIS A 5 -38.02 -8.06 4.50
CA HIS A 5 -37.53 -6.75 4.96
C HIS A 5 -36.25 -6.34 4.20
N HIS A 6 -35.68 -5.19 4.57
CA HIS A 6 -34.46 -4.69 3.91
C HIS A 6 -33.46 -4.08 4.90
N HIS A 7 -32.29 -3.67 4.37
CA HIS A 7 -31.22 -3.07 5.18
C HIS A 7 -30.09 -2.51 4.27
N VAL A 8 -28.99 -2.05 4.89
CA VAL A 8 -27.86 -1.50 4.13
C VAL A 8 -26.54 -1.59 4.90
N GLY A 9 -25.40 -1.47 4.19
CA GLY A 9 -24.09 -1.53 4.82
C GLY A 9 -23.27 -0.27 4.62
N THR A 10 -21.95 -0.43 4.40
CA THR A 10 -21.01 0.68 4.20
C THR A 10 -19.58 0.29 4.59
N GLN A 11 -18.71 0.16 3.59
CA GLN A 11 -17.30 -0.22 3.80
C GLN A 11 -16.56 0.83 4.66
N ALA A 12 -15.33 0.48 5.07
CA ALA A 12 -14.50 1.37 5.90
C ALA A 12 -13.28 1.91 5.13
N PHE A 13 -12.55 1.01 4.47
CA PHE A 13 -11.33 1.38 3.74
C PHE A 13 -11.60 2.31 2.55
N ASP A 14 -12.78 2.21 1.95
CA ASP A 14 -13.15 3.03 0.79
C ASP A 14 -13.19 4.52 1.13
N SER A 15 -12.01 5.14 1.27
CA SER A 15 -11.92 6.56 1.59
C SER A 15 -10.70 7.20 0.93
N THR A 16 -10.37 8.43 1.36
CA THR A 16 -9.22 9.15 0.84
C THR A 16 -8.33 9.59 2.00
N TRP A 17 -7.21 8.89 2.19
CA TRP A 17 -6.29 9.19 3.28
C TRP A 17 -4.93 9.66 2.76
N LYS A 18 -4.44 10.75 3.35
CA LYS A 18 -3.15 11.34 2.98
C LYS A 18 -2.10 11.01 4.04
N VAL A 19 -0.83 11.15 3.66
CA VAL A 19 0.26 10.89 4.59
C VAL A 19 0.20 11.86 5.75
N ASP A 20 -0.28 11.37 6.88
CA ASP A 20 -0.38 12.17 8.07
C ASP A 20 0.83 11.94 8.97
N ARG A 21 1.48 10.78 8.78
CA ARG A 21 2.66 10.43 9.55
C ARG A 21 3.26 9.10 9.10
N SER A 22 4.45 8.79 9.64
CA SER A 22 5.14 7.55 9.32
C SER A 22 6.01 7.10 10.51
N GLU A 23 6.61 5.92 10.39
CA GLU A 23 7.45 5.37 11.45
C GLU A 23 8.54 4.46 10.89
N ASN A 24 9.78 4.73 11.28
CA ASN A 24 10.93 3.93 10.84
C ASN A 24 11.28 4.13 9.36
N TYR A 25 10.55 5.02 8.66
CA TYR A 25 10.83 5.26 7.24
C TYR A 25 12.31 5.53 7.01
N ASP A 26 12.92 6.20 7.97
CA ASP A 26 14.33 6.56 7.90
C ASP A 26 15.20 5.38 7.44
N LYS A 27 14.99 4.19 8.02
CA LYS A 27 15.77 3.01 7.67
C LYS A 27 15.38 2.43 6.32
N PHE A 28 14.09 2.53 5.97
CA PHE A 28 13.60 1.99 4.69
C PHE A 28 14.28 2.69 3.50
N MET A 29 14.48 4.00 3.61
CA MET A 29 15.12 4.77 2.53
C MET A 29 16.64 4.59 2.53
N GLU A 30 17.26 4.61 3.70
CA GLU A 30 18.70 4.44 3.80
C GLU A 30 19.13 3.02 3.39
N LYS A 31 18.23 2.05 3.54
CA LYS A 31 18.51 0.66 3.16
C LYS A 31 18.80 0.54 1.67
N MET A 32 17.86 1.00 0.85
CA MET A 32 18.01 0.95 -0.60
C MET A 32 19.31 1.64 -1.03
N GLY A 33 19.68 2.68 -0.29
CA GLY A 33 20.89 3.45 -0.59
C GLY A 33 20.59 4.76 -1.28
N VAL A 34 19.46 5.37 -0.91
CA VAL A 34 19.02 6.63 -1.51
C VAL A 34 19.91 7.81 -1.09
N ASN A 35 20.18 8.69 -2.06
CA ASN A 35 21.00 9.88 -1.84
C ASN A 35 20.25 10.92 -1.03
N ILE A 36 21.00 11.76 -0.31
CA ILE A 36 20.43 12.82 0.53
C ILE A 36 19.31 13.57 -0.19
N VAL A 37 19.55 13.92 -1.46
CA VAL A 37 18.56 14.65 -2.26
C VAL A 37 17.36 13.76 -2.61
N LYS A 38 17.64 12.51 -2.94
CA LYS A 38 16.59 11.55 -3.30
C LYS A 38 15.71 11.24 -2.09
N ARG A 39 16.29 11.27 -0.89
CA ARG A 39 15.55 11.01 0.33
C ARG A 39 14.69 12.23 0.71
N LYS A 40 15.12 13.42 0.27
CA LYS A 40 14.42 14.67 0.56
C LYS A 40 13.01 14.67 -0.01
N LEU A 41 12.85 14.42 -1.32
CA LEU A 41 11.52 14.44 -1.91
C LEU A 41 10.73 13.15 -1.64
N ALA A 42 11.42 12.01 -1.56
CA ALA A 42 10.75 10.74 -1.29
C ALA A 42 10.20 10.72 0.15
N ALA A 43 10.66 11.67 0.97
CA ALA A 43 10.21 11.78 2.36
C ALA A 43 9.09 12.82 2.48
N HIS A 44 9.19 13.87 1.65
CA HIS A 44 8.20 14.95 1.63
C HIS A 44 7.48 14.94 0.29
N ASP A 45 7.15 13.73 -0.18
CA ASP A 45 6.48 13.55 -1.45
C ASP A 45 5.00 13.92 -1.39
N ASN A 46 4.40 13.86 -0.18
CA ASN A 46 2.99 14.19 0.01
C ASN A 46 2.12 13.13 -0.66
N LEU A 47 2.37 11.87 -0.31
CA LEU A 47 1.64 10.74 -0.86
C LEU A 47 0.17 10.76 -0.45
N LYS A 48 -0.70 11.06 -1.41
CA LYS A 48 -2.14 11.09 -1.16
C LYS A 48 -2.77 9.77 -1.64
N LEU A 49 -3.34 9.03 -0.69
CA LEU A 49 -3.94 7.73 -1.01
C LEU A 49 -5.46 7.78 -1.06
N THR A 50 -6.01 7.08 -2.04
CA THR A 50 -7.46 6.97 -2.22
C THR A 50 -7.80 5.50 -2.42
N ILE A 51 -8.79 5.04 -1.66
CA ILE A 51 -9.18 3.64 -1.69
C ILE A 51 -10.57 3.43 -2.28
N THR A 52 -10.66 2.60 -3.31
CA THR A 52 -11.92 2.26 -3.96
C THR A 52 -11.86 0.83 -4.50
N GLN A 53 -12.85 0.01 -4.15
CA GLN A 53 -12.88 -1.40 -4.58
C GLN A 53 -14.26 -1.85 -5.04
N GLU A 54 -14.26 -2.78 -6.00
CA GLU A 54 -15.49 -3.35 -6.54
C GLU A 54 -15.32 -4.85 -6.68
N GLY A 55 -15.47 -5.57 -5.57
CA GLY A 55 -15.31 -7.02 -5.57
C GLY A 55 -14.01 -7.46 -4.99
N ASN A 56 -13.26 -8.18 -5.79
CA ASN A 56 -11.95 -8.68 -5.38
C ASN A 56 -10.87 -7.96 -6.18
N LYS A 57 -11.25 -6.79 -6.71
CA LYS A 57 -10.35 -5.96 -7.49
C LYS A 57 -10.33 -4.56 -6.90
N PHE A 58 -9.23 -4.22 -6.24
CA PHE A 58 -9.08 -2.93 -5.60
C PHE A 58 -8.23 -1.98 -6.43
N THR A 59 -8.61 -0.71 -6.41
CA THR A 59 -7.88 0.32 -7.13
C THR A 59 -7.63 1.51 -6.23
N VAL A 60 -6.36 1.84 -6.03
CA VAL A 60 -5.97 2.95 -5.19
C VAL A 60 -5.14 3.98 -5.97
N LYS A 61 -5.36 5.24 -5.66
CA LYS A 61 -4.65 6.33 -6.34
C LYS A 61 -3.63 6.98 -5.40
N GLU A 62 -2.37 6.97 -5.81
CA GLU A 62 -1.29 7.57 -5.02
C GLU A 62 -0.60 8.68 -5.79
N SER A 63 -0.61 9.90 -5.23
CA SER A 63 0.02 11.05 -5.86
C SER A 63 1.24 11.52 -5.07
N SER A 64 2.34 11.76 -5.76
CA SER A 64 3.58 12.20 -5.12
C SER A 64 3.99 13.59 -5.63
N ALA A 65 5.17 14.04 -5.21
CA ALA A 65 5.69 15.33 -5.61
C ALA A 65 6.32 15.31 -7.01
N PHE A 66 6.85 14.14 -7.40
CA PHE A 66 7.49 13.99 -8.71
C PHE A 66 6.68 13.13 -9.69
N ARG A 67 5.49 12.66 -9.27
CA ARG A 67 4.65 11.84 -10.14
C ARG A 67 3.34 11.45 -9.44
N ASN A 68 2.49 10.70 -10.16
CA ASN A 68 1.20 10.25 -9.64
C ASN A 68 0.57 9.23 -10.58
N ILE A 69 0.19 8.07 -10.04
CA ILE A 69 -0.42 7.02 -10.85
C ILE A 69 -1.37 6.14 -10.01
N GLU A 70 -2.39 5.59 -10.66
CA GLU A 70 -3.36 4.72 -10.01
C GLU A 70 -3.10 3.26 -10.41
N VAL A 71 -3.21 2.35 -9.44
CA VAL A 71 -2.97 0.93 -9.70
C VAL A 71 -4.14 0.08 -9.22
N VAL A 72 -4.47 -0.96 -9.99
CA VAL A 72 -5.56 -1.86 -9.64
C VAL A 72 -5.07 -3.30 -9.51
N PHE A 73 -5.23 -3.87 -8.32
CA PHE A 73 -4.82 -5.24 -8.05
C PHE A 73 -6.04 -6.14 -7.87
N GLU A 74 -5.80 -7.44 -7.71
CA GLU A 74 -6.85 -8.42 -7.50
C GLU A 74 -6.40 -9.44 -6.47
N LEU A 75 -7.26 -9.73 -5.48
CA LEU A 75 -6.93 -10.68 -4.43
C LEU A 75 -6.62 -12.07 -5.02
N GLY A 76 -5.34 -12.43 -4.98
CA GLY A 76 -4.92 -13.74 -5.48
C GLY A 76 -4.55 -13.76 -6.95
N VAL A 77 -4.25 -12.60 -7.53
CA VAL A 77 -3.88 -12.52 -8.94
C VAL A 77 -2.50 -11.89 -9.09
N THR A 78 -1.47 -12.72 -9.24
CA THR A 78 -0.10 -12.24 -9.38
C THR A 78 0.13 -11.59 -10.74
N PHE A 79 0.67 -10.37 -10.70
CA PHE A 79 0.98 -9.64 -11.93
C PHE A 79 2.34 -8.96 -11.83
N ASN A 80 2.71 -8.21 -12.86
CA ASN A 80 4.00 -7.52 -12.88
C ASN A 80 3.83 -6.04 -12.58
N TYR A 81 4.78 -5.48 -11.83
CA TYR A 81 4.77 -4.07 -11.46
C TYR A 81 6.12 -3.43 -11.75
N ASN A 82 6.11 -2.24 -12.36
CA ASN A 82 7.35 -1.53 -12.69
C ASN A 82 7.56 -0.37 -11.72
N LEU A 83 8.83 -0.04 -11.49
CA LEU A 83 9.19 1.04 -10.58
C LEU A 83 9.50 2.35 -11.34
N ALA A 84 10.08 3.33 -10.63
CA ALA A 84 10.41 4.62 -11.23
C ALA A 84 11.70 4.55 -12.08
N ASP A 85 12.46 3.46 -11.96
CA ASP A 85 13.70 3.31 -12.72
C ASP A 85 13.56 2.31 -13.88
N GLY A 86 12.47 1.53 -13.88
CA GLY A 86 12.26 0.55 -14.95
C GLY A 86 12.21 -0.89 -14.44
N THR A 87 12.89 -1.18 -13.33
CA THR A 87 12.92 -2.53 -12.76
C THR A 87 11.49 -3.05 -12.55
N GLU A 88 11.24 -4.27 -13.03
CA GLU A 88 9.92 -4.89 -12.89
C GLU A 88 9.94 -6.05 -11.90
N LEU A 89 9.02 -6.01 -10.94
CA LEU A 89 8.90 -7.04 -9.91
C LEU A 89 7.63 -7.86 -10.14
N ARG A 90 7.49 -8.95 -9.39
CA ARG A 90 6.30 -9.79 -9.49
C ARG A 90 5.73 -10.03 -8.10
N GLY A 91 4.56 -9.46 -7.85
CA GLY A 91 3.92 -9.59 -6.55
C GLY A 91 2.48 -9.17 -6.57
N THR A 92 1.85 -9.13 -5.39
CA THR A 92 0.45 -8.72 -5.24
C THR A 92 -0.01 -8.85 -3.79
N TRP A 93 -1.32 -8.69 -3.58
CA TRP A 93 -1.90 -8.81 -2.25
C TRP A 93 -2.88 -9.97 -2.18
N SER A 94 -2.88 -10.67 -1.05
CA SER A 94 -3.77 -11.81 -0.83
C SER A 94 -4.04 -12.00 0.64
N LEU A 95 -5.31 -12.09 1.01
CA LEU A 95 -5.70 -12.27 2.40
C LEU A 95 -5.51 -13.73 2.81
N GLU A 96 -4.88 -13.92 3.96
CA GLU A 96 -4.63 -15.26 4.51
C GLU A 96 -5.00 -15.31 5.98
N GLY A 97 -5.72 -16.37 6.36
CA GLY A 97 -6.13 -16.52 7.73
C GLY A 97 -7.06 -15.42 8.19
N ASN A 98 -6.49 -14.50 8.94
CA ASN A 98 -7.24 -13.36 9.47
C ASN A 98 -6.55 -12.03 9.15
N LYS A 99 -5.68 -12.03 8.14
CA LYS A 99 -4.94 -10.81 7.77
C LYS A 99 -4.66 -10.72 6.27
N LEU A 100 -4.25 -9.54 5.79
CA LEU A 100 -3.95 -9.32 4.37
C LEU A 100 -2.44 -9.31 4.12
N ILE A 101 -2.03 -10.15 3.18
CA ILE A 101 -0.62 -10.29 2.80
C ILE A 101 -0.27 -9.54 1.53
N GLY A 102 0.79 -8.76 1.58
CA GLY A 102 1.27 -8.03 0.42
C GLY A 102 2.73 -8.36 0.17
N LYS A 103 3.02 -9.00 -0.95
CA LYS A 103 4.39 -9.40 -1.25
C LYS A 103 4.81 -9.07 -2.68
N PHE A 104 6.06 -8.61 -2.81
CA PHE A 104 6.66 -8.27 -4.10
C PHE A 104 8.15 -8.58 -4.04
N LYS A 105 8.70 -9.14 -5.12
CA LYS A 105 10.11 -9.51 -5.13
C LYS A 105 10.86 -9.01 -6.37
N ARG A 106 12.10 -8.54 -6.15
CA ARG A 106 12.95 -8.06 -7.24
C ARG A 106 13.29 -9.23 -8.18
N THR A 107 13.41 -8.95 -9.47
CA THR A 107 13.76 -9.98 -10.44
C THR A 107 15.27 -10.22 -10.51
N ASP A 108 16.05 -9.23 -10.06
CA ASP A 108 17.50 -9.32 -10.07
C ASP A 108 17.98 -10.54 -9.28
N ASN A 109 17.78 -10.51 -7.97
CA ASN A 109 18.20 -11.61 -7.10
C ASN A 109 17.01 -12.29 -6.43
N GLY A 110 15.87 -11.59 -6.34
CA GLY A 110 14.69 -12.16 -5.71
C GLY A 110 14.47 -11.66 -4.29
N ASN A 111 14.79 -10.40 -4.03
CA ASN A 111 14.61 -9.83 -2.69
C ASN A 111 13.16 -9.95 -2.27
N GLU A 112 12.93 -10.60 -1.14
CA GLU A 112 11.58 -10.80 -0.64
C GLU A 112 11.14 -9.69 0.30
N LEU A 113 10.19 -8.89 -0.16
CA LEU A 113 9.63 -7.82 0.66
C LEU A 113 8.27 -8.24 1.16
N ASN A 114 7.94 -7.87 2.38
CA ASN A 114 6.66 -8.24 2.95
C ASN A 114 5.92 -7.03 3.51
N THR A 115 4.68 -6.85 3.08
CA THR A 115 3.86 -5.73 3.53
C THR A 115 2.47 -6.19 3.95
N VAL A 116 1.95 -5.58 5.01
CA VAL A 116 0.61 -5.94 5.52
C VAL A 116 -0.34 -4.73 5.50
N ARG A 117 -1.63 -4.97 5.24
CA ARG A 117 -2.62 -3.89 5.21
C ARG A 117 -3.53 -3.96 6.44
N GLU A 118 -3.50 -2.92 7.28
CA GLU A 118 -4.33 -2.91 8.48
C GLU A 118 -4.91 -1.51 8.76
N ILE A 119 -5.90 -1.45 9.65
CA ILE A 119 -6.51 -0.19 10.04
C ILE A 119 -6.63 -0.14 11.56
N ILE A 120 -6.09 0.91 12.16
CA ILE A 120 -6.12 1.07 13.61
C ILE A 120 -6.90 2.32 14.01
N GLY A 121 -7.86 2.16 14.90
CA GLY A 121 -8.67 3.28 15.34
C GLY A 121 -9.43 3.91 14.22
N ASP A 122 -8.99 5.09 13.81
CA ASP A 122 -9.62 5.84 12.73
C ASP A 122 -8.59 6.25 11.66
N GLU A 123 -7.47 5.52 11.59
CA GLU A 123 -6.41 5.81 10.62
C GLU A 123 -5.92 4.53 9.94
N LEU A 124 -5.65 4.63 8.64
CA LEU A 124 -5.17 3.47 7.86
C LEU A 124 -3.68 3.27 8.05
N VAL A 125 -3.27 2.00 8.05
CA VAL A 125 -1.87 1.67 8.22
C VAL A 125 -1.40 0.60 7.26
N GLN A 126 -0.17 0.75 6.80
CA GLN A 126 0.47 -0.20 5.90
C GLN A 126 1.93 -0.40 6.28
N THR A 127 2.26 -1.56 6.84
CA THR A 127 3.62 -1.86 7.27
C THR A 127 4.39 -2.62 6.18
N TYR A 128 5.64 -2.22 5.97
CA TYR A 128 6.50 -2.87 4.98
C TYR A 128 7.80 -3.30 5.64
N VAL A 129 8.23 -4.50 5.32
CA VAL A 129 9.47 -5.05 5.88
C VAL A 129 10.52 -5.33 4.79
N TYR A 130 11.68 -4.66 4.91
CA TYR A 130 12.78 -4.82 3.96
C TYR A 130 14.09 -5.16 4.68
N GLU A 131 14.47 -6.43 4.64
CA GLU A 131 15.70 -6.91 5.26
C GLU A 131 15.76 -6.57 6.76
N GLY A 132 14.75 -7.02 7.50
CA GLY A 132 14.70 -6.78 8.94
C GLY A 132 14.04 -5.45 9.30
N VAL A 133 14.13 -4.46 8.41
CA VAL A 133 13.54 -3.15 8.65
C VAL A 133 12.03 -3.19 8.45
N GLU A 134 11.30 -3.09 9.56
CA GLU A 134 9.84 -3.09 9.52
C GLU A 134 9.32 -1.69 9.82
N ALA A 135 9.02 -0.96 8.76
CA ALA A 135 8.50 0.41 8.87
C ALA A 135 7.06 0.50 8.37
N LYS A 136 6.38 1.59 8.70
CA LYS A 136 4.99 1.77 8.28
C LYS A 136 4.65 3.25 8.11
N ARG A 137 3.58 3.50 7.34
CA ARG A 137 3.09 4.86 7.11
C ARG A 137 1.63 4.95 7.55
N ILE A 138 1.36 5.93 8.41
CA ILE A 138 0.01 6.13 8.93
C ILE A 138 -0.70 7.24 8.16
N PHE A 139 -1.60 6.84 7.27
CA PHE A 139 -2.33 7.81 6.45
C PHE A 139 -3.67 8.16 7.09
N LYS A 140 -3.92 9.46 7.23
CA LYS A 140 -5.18 9.94 7.78
C LYS A 140 -6.01 10.57 6.67
N LYS A 141 -7.32 10.45 6.80
CA LYS A 141 -8.23 11.00 5.79
C LYS A 141 -7.81 12.41 5.39
N ASP A 142 -7.97 12.72 4.11
CA ASP A 142 -7.61 14.03 3.60
C ASP A 142 -8.86 14.82 3.21
N ALA A 1 -47.55 -18.10 7.08
CA ALA A 1 -48.38 -17.17 6.26
C ALA A 1 -47.50 -16.27 5.38
N HIS A 2 -46.94 -15.21 5.99
CA HIS A 2 -46.07 -14.27 5.26
C HIS A 2 -45.39 -13.27 6.20
N HIS A 3 -44.11 -12.98 5.94
CA HIS A 3 -43.34 -12.03 6.75
C HIS A 3 -41.93 -11.85 6.16
N HIS A 4 -41.35 -10.65 6.36
CA HIS A 4 -39.99 -10.36 5.84
C HIS A 4 -39.47 -9.00 6.35
N HIS A 5 -38.19 -8.71 6.06
CA HIS A 5 -37.56 -7.46 6.48
C HIS A 5 -36.41 -7.08 5.52
N HIS A 6 -35.51 -6.17 5.95
CA HIS A 6 -34.39 -5.72 5.11
C HIS A 6 -33.29 -5.04 5.94
N HIS A 7 -32.11 -4.81 5.32
CA HIS A 7 -30.98 -4.16 6.00
C HIS A 7 -30.07 -3.41 5.02
N VAL A 8 -28.84 -3.10 5.46
CA VAL A 8 -27.86 -2.37 4.64
C VAL A 8 -26.41 -2.59 5.14
N GLY A 9 -25.41 -2.20 4.34
CA GLY A 9 -24.02 -2.36 4.73
C GLY A 9 -23.24 -1.06 4.70
N THR A 10 -21.94 -1.14 4.35
CA THR A 10 -21.03 0.02 4.27
C THR A 10 -19.57 -0.41 4.59
N GLN A 11 -18.72 -0.43 3.55
CA GLN A 11 -17.30 -0.80 3.69
C GLN A 11 -16.55 0.20 4.56
N ALA A 12 -15.34 -0.19 5.01
CA ALA A 12 -14.52 0.69 5.86
C ALA A 12 -13.28 1.22 5.14
N PHE A 13 -12.53 0.31 4.51
CA PHE A 13 -11.30 0.69 3.80
C PHE A 13 -11.56 1.54 2.55
N ASP A 14 -12.73 1.35 1.94
CA ASP A 14 -13.10 2.09 0.73
C ASP A 14 -13.30 3.59 1.02
N SER A 15 -12.20 4.31 1.17
CA SER A 15 -12.26 5.74 1.45
C SER A 15 -11.08 6.48 0.79
N THR A 16 -10.86 7.72 1.23
CA THR A 16 -9.76 8.54 0.70
C THR A 16 -8.88 9.01 1.87
N TRP A 17 -7.70 8.42 2.00
CA TRP A 17 -6.77 8.77 3.07
C TRP A 17 -5.46 9.30 2.51
N LYS A 18 -5.08 10.50 2.94
CA LYS A 18 -3.84 11.14 2.50
C LYS A 18 -2.75 10.96 3.54
N VAL A 19 -1.49 10.96 3.11
CA VAL A 19 -0.37 10.79 4.02
C VAL A 19 -0.47 11.79 5.16
N ASP A 20 -0.55 11.27 6.36
CA ASP A 20 -0.63 12.11 7.54
C ASP A 20 0.62 11.93 8.39
N ARG A 21 1.36 10.84 8.15
CA ARG A 21 2.58 10.56 8.90
C ARG A 21 3.22 9.24 8.49
N SER A 22 4.36 8.94 9.11
CA SER A 22 5.09 7.72 8.82
C SER A 22 5.94 7.31 10.03
N GLU A 23 6.48 6.10 9.98
CA GLU A 23 7.31 5.59 11.06
C GLU A 23 8.44 4.73 10.50
N ASN A 24 9.68 5.16 10.74
CA ASN A 24 10.87 4.43 10.29
C ASN A 24 11.16 4.61 8.78
N TYR A 25 10.50 5.58 8.14
CA TYR A 25 10.72 5.82 6.71
C TYR A 25 12.19 6.05 6.39
N ASP A 26 12.86 6.80 7.28
CA ASP A 26 14.27 7.13 7.11
C ASP A 26 15.13 5.90 6.80
N LYS A 27 14.97 4.84 7.60
CA LYS A 27 15.74 3.62 7.41
C LYS A 27 15.45 2.97 6.06
N PHE A 28 14.18 2.95 5.66
CA PHE A 28 13.79 2.35 4.39
C PHE A 28 14.50 3.04 3.21
N MET A 29 14.44 4.36 3.17
CA MET A 29 15.08 5.13 2.08
C MET A 29 16.60 5.06 2.18
N GLU A 30 17.12 5.18 3.39
CA GLU A 30 18.57 5.13 3.60
C GLU A 30 19.13 3.74 3.31
N LYS A 31 18.37 2.70 3.64
CA LYS A 31 18.80 1.31 3.39
C LYS A 31 19.03 1.06 1.91
N MET A 32 18.03 1.38 1.09
CA MET A 32 18.13 1.18 -0.36
C MET A 32 19.35 1.91 -0.93
N GLY A 33 19.70 3.05 -0.33
CA GLY A 33 20.84 3.83 -0.79
C GLY A 33 20.41 5.03 -1.63
N VAL A 34 19.25 5.59 -1.29
CA VAL A 34 18.69 6.74 -1.99
C VAL A 34 19.57 7.98 -1.86
N ASN A 35 19.65 8.75 -2.95
CA ASN A 35 20.43 9.98 -2.98
C ASN A 35 19.74 11.09 -2.20
N ILE A 36 20.53 11.98 -1.61
CA ILE A 36 20.01 13.11 -0.82
C ILE A 36 18.83 13.80 -1.51
N VAL A 37 18.94 13.99 -2.82
CA VAL A 37 17.87 14.65 -3.59
C VAL A 37 16.66 13.72 -3.78
N LYS A 38 16.93 12.43 -3.99
CA LYS A 38 15.88 11.44 -4.17
C LYS A 38 15.05 11.29 -2.89
N ARG A 39 15.71 11.43 -1.74
CA ARG A 39 15.03 11.33 -0.46
C ARG A 39 14.19 12.59 -0.19
N LYS A 40 14.56 13.70 -0.84
CA LYS A 40 13.85 14.97 -0.68
C LYS A 40 12.41 14.90 -1.18
N LEU A 41 12.20 14.46 -2.43
CA LEU A 41 10.83 14.40 -2.97
C LEU A 41 10.09 13.13 -2.53
N ALA A 42 10.83 12.03 -2.35
CA ALA A 42 10.21 10.78 -1.93
C ALA A 42 9.67 10.88 -0.50
N ALA A 43 10.11 11.92 0.22
CA ALA A 43 9.66 12.16 1.60
C ALA A 43 8.56 13.21 1.65
N HIS A 44 8.64 14.17 0.71
CA HIS A 44 7.66 15.24 0.60
C HIS A 44 6.85 15.05 -0.69
N ASP A 45 6.50 13.80 -0.97
CA ASP A 45 5.77 13.46 -2.17
C ASP A 45 4.27 13.82 -2.04
N ASN A 46 3.76 13.83 -0.80
CA ASN A 46 2.35 14.15 -0.56
C ASN A 46 1.45 13.13 -1.25
N LEU A 47 1.74 11.86 -0.99
CA LEU A 47 1.01 10.74 -1.57
C LEU A 47 -0.46 10.73 -1.16
N LYS A 48 -1.34 10.88 -2.14
CA LYS A 48 -2.78 10.86 -1.90
C LYS A 48 -3.33 9.47 -2.21
N LEU A 49 -3.95 8.83 -1.21
CA LEU A 49 -4.48 7.47 -1.40
C LEU A 49 -6.01 7.43 -1.43
N THR A 50 -6.52 6.65 -2.38
CA THR A 50 -7.95 6.44 -2.55
C THR A 50 -8.20 4.95 -2.67
N ILE A 51 -9.08 4.43 -1.82
CA ILE A 51 -9.37 3.02 -1.79
C ILE A 51 -10.77 2.71 -2.34
N THR A 52 -10.81 1.80 -3.33
CA THR A 52 -12.07 1.38 -3.95
C THR A 52 -11.93 -0.07 -4.45
N GLN A 53 -12.82 -0.94 -3.98
CA GLN A 53 -12.78 -2.36 -4.35
C GLN A 53 -14.13 -2.88 -4.85
N GLU A 54 -14.07 -3.90 -5.68
CA GLU A 54 -15.27 -4.55 -6.23
C GLU A 54 -15.07 -6.06 -6.24
N GLY A 55 -15.16 -6.66 -5.05
CA GLY A 55 -14.97 -8.10 -4.93
C GLY A 55 -13.60 -8.48 -4.44
N ASN A 56 -12.92 -9.24 -5.25
CA ASN A 56 -11.57 -9.69 -4.95
C ASN A 56 -10.57 -8.92 -5.80
N LYS A 57 -11.03 -7.77 -6.31
CA LYS A 57 -10.21 -6.90 -7.13
C LYS A 57 -10.25 -5.50 -6.56
N PHE A 58 -9.11 -5.04 -6.07
CA PHE A 58 -9.02 -3.72 -5.46
C PHE A 58 -8.26 -2.76 -6.35
N THR A 59 -8.72 -1.51 -6.35
CA THR A 59 -8.09 -0.46 -7.13
C THR A 59 -7.86 0.77 -6.26
N VAL A 60 -6.61 1.21 -6.18
CA VAL A 60 -6.26 2.37 -5.37
C VAL A 60 -5.48 3.40 -6.19
N LYS A 61 -6.00 4.62 -6.21
CA LYS A 61 -5.37 5.71 -6.96
C LYS A 61 -4.40 6.50 -6.07
N GLU A 62 -3.12 6.48 -6.44
CA GLU A 62 -2.09 7.18 -5.69
C GLU A 62 -1.40 8.23 -6.57
N SER A 63 -1.22 9.42 -6.01
CA SER A 63 -0.57 10.51 -6.73
C SER A 63 0.61 11.05 -5.93
N SER A 64 1.76 11.18 -6.60
CA SER A 64 2.97 11.68 -5.97
C SER A 64 3.40 12.99 -6.60
N ALA A 65 4.43 13.60 -6.02
CA ALA A 65 4.95 14.87 -6.52
C ALA A 65 5.51 14.77 -7.94
N PHE A 66 6.11 13.61 -8.27
CA PHE A 66 6.70 13.42 -9.60
C PHE A 66 5.92 12.45 -10.49
N ARG A 67 4.77 11.94 -10.02
CA ARG A 67 3.97 11.01 -10.82
C ARG A 67 2.68 10.59 -10.11
N ASN A 68 1.66 10.29 -10.90
CA ASN A 68 0.36 9.83 -10.38
C ASN A 68 -0.15 8.69 -11.25
N ILE A 69 -0.50 7.55 -10.63
CA ILE A 69 -1.00 6.40 -11.40
C ILE A 69 -2.10 5.64 -10.65
N GLU A 70 -2.66 4.64 -11.35
CA GLU A 70 -3.72 3.80 -10.80
C GLU A 70 -3.25 2.35 -10.74
N VAL A 71 -3.41 1.71 -9.57
CA VAL A 71 -2.98 0.33 -9.39
C VAL A 71 -4.16 -0.55 -8.96
N VAL A 72 -4.37 -1.64 -9.70
CA VAL A 72 -5.45 -2.57 -9.39
C VAL A 72 -4.90 -3.99 -9.25
N PHE A 73 -5.22 -4.64 -8.14
CA PHE A 73 -4.74 -6.00 -7.87
C PHE A 73 -5.90 -6.97 -7.67
N GLU A 74 -5.55 -8.25 -7.57
CA GLU A 74 -6.52 -9.33 -7.34
C GLU A 74 -6.03 -10.24 -6.23
N LEU A 75 -6.88 -10.50 -5.23
CA LEU A 75 -6.49 -11.35 -4.11
C LEU A 75 -6.03 -12.73 -4.58
N GLY A 76 -4.72 -12.97 -4.50
CA GLY A 76 -4.16 -14.25 -4.90
C GLY A 76 -3.77 -14.31 -6.37
N VAL A 77 -3.61 -13.17 -7.01
CA VAL A 77 -3.23 -13.13 -8.43
C VAL A 77 -1.94 -12.33 -8.63
N THR A 78 -0.82 -13.04 -8.70
CA THR A 78 0.49 -12.40 -8.88
C THR A 78 0.65 -11.82 -10.28
N PHE A 79 1.11 -10.57 -10.34
CA PHE A 79 1.32 -9.89 -11.61
C PHE A 79 2.69 -9.20 -11.63
N ASN A 80 3.05 -8.63 -12.78
CA ASN A 80 4.33 -7.94 -12.92
C ASN A 80 4.16 -6.43 -12.78
N TYR A 81 4.84 -5.85 -11.80
CA TYR A 81 4.78 -4.40 -11.57
C TYR A 81 6.08 -3.73 -11.99
N ASN A 82 5.98 -2.56 -12.63
CA ASN A 82 7.15 -1.83 -13.10
C ASN A 82 7.53 -0.70 -12.14
N LEU A 83 8.85 -0.48 -12.01
CA LEU A 83 9.36 0.56 -11.12
C LEU A 83 9.58 1.88 -11.89
N ALA A 84 10.06 2.90 -11.17
CA ALA A 84 10.32 4.21 -11.77
C ALA A 84 11.51 4.17 -12.74
N ASP A 85 12.37 3.15 -12.60
CA ASP A 85 13.55 3.01 -13.47
C ASP A 85 13.32 1.98 -14.59
N GLY A 86 12.26 1.17 -14.47
CA GLY A 86 11.97 0.16 -15.47
C GLY A 86 12.00 -1.26 -14.92
N THR A 87 12.51 -1.43 -13.69
CA THR A 87 12.59 -2.75 -13.06
C THR A 87 11.22 -3.42 -12.99
N GLU A 88 11.21 -4.75 -13.03
CA GLU A 88 9.97 -5.51 -12.99
C GLU A 88 9.97 -6.53 -11.86
N LEU A 89 9.04 -6.38 -10.92
CA LEU A 89 8.93 -7.30 -9.78
C LEU A 89 7.61 -8.06 -9.84
N ARG A 90 7.59 -9.23 -9.21
CA ARG A 90 6.39 -10.05 -9.17
C ARG A 90 5.87 -10.11 -7.74
N GLY A 91 4.62 -9.66 -7.55
CA GLY A 91 4.06 -9.68 -6.23
C GLY A 91 2.58 -9.31 -6.21
N THR A 92 1.98 -9.38 -5.02
CA THR A 92 0.56 -9.04 -4.83
C THR A 92 0.13 -9.24 -3.38
N TRP A 93 -1.19 -9.20 -3.14
CA TRP A 93 -1.73 -9.37 -1.79
C TRP A 93 -2.65 -10.58 -1.70
N SER A 94 -2.68 -11.19 -0.52
CA SER A 94 -3.52 -12.36 -0.26
C SER A 94 -3.82 -12.49 1.24
N LEU A 95 -5.11 -12.52 1.59
CA LEU A 95 -5.51 -12.63 2.99
C LEU A 95 -5.42 -14.07 3.48
N GLU A 96 -4.81 -14.24 4.65
CA GLU A 96 -4.65 -15.56 5.25
C GLU A 96 -5.14 -15.53 6.69
N GLY A 97 -5.99 -16.49 7.03
CA GLY A 97 -6.53 -16.57 8.37
C GLY A 97 -7.30 -15.31 8.73
N ASN A 98 -6.66 -14.49 9.52
CA ASN A 98 -7.23 -13.22 9.98
C ASN A 98 -6.29 -12.04 9.69
N LYS A 99 -5.43 -12.19 8.69
CA LYS A 99 -4.47 -11.13 8.35
C LYS A 99 -4.25 -11.02 6.84
N LEU A 100 -3.93 -9.82 6.36
CA LEU A 100 -3.70 -9.62 4.93
C LEU A 100 -2.21 -9.58 4.61
N ILE A 101 -1.82 -10.51 3.73
CA ILE A 101 -0.43 -10.66 3.30
C ILE A 101 -0.16 -9.96 1.96
N GLY A 102 1.02 -9.34 1.87
CA GLY A 102 1.43 -8.66 0.65
C GLY A 102 2.91 -8.86 0.42
N LYS A 103 3.29 -9.36 -0.76
CA LYS A 103 4.70 -9.62 -1.03
C LYS A 103 5.09 -9.36 -2.49
N PHE A 104 6.24 -8.71 -2.66
CA PHE A 104 6.80 -8.41 -3.98
C PHE A 104 8.31 -8.65 -3.94
N LYS A 105 8.89 -9.16 -5.02
CA LYS A 105 10.33 -9.44 -5.04
C LYS A 105 11.04 -8.91 -6.28
N ARG A 106 12.20 -8.27 -6.06
CA ARG A 106 13.01 -7.73 -7.16
C ARG A 106 13.48 -8.87 -8.06
N THR A 107 13.43 -8.64 -9.37
CA THR A 107 13.86 -9.65 -10.34
C THR A 107 15.39 -9.65 -10.52
N ASP A 108 16.08 -8.69 -9.90
CA ASP A 108 17.53 -8.60 -9.99
C ASP A 108 18.21 -9.69 -9.17
N ASN A 109 18.13 -9.56 -7.85
CA ASN A 109 18.75 -10.54 -6.94
C ASN A 109 17.71 -11.34 -6.16
N GLY A 110 16.43 -10.92 -6.22
CA GLY A 110 15.39 -11.64 -5.51
C GLY A 110 15.13 -11.07 -4.13
N ASN A 111 15.23 -9.75 -3.98
CA ASN A 111 14.99 -9.12 -2.68
C ASN A 111 13.53 -9.28 -2.28
N GLU A 112 13.30 -10.08 -1.25
CA GLU A 112 11.96 -10.36 -0.77
C GLU A 112 11.46 -9.27 0.17
N LEU A 113 10.48 -8.50 -0.30
CA LEU A 113 9.87 -7.46 0.52
C LEU A 113 8.53 -7.95 0.99
N ASN A 114 8.19 -7.63 2.23
CA ASN A 114 6.93 -8.07 2.80
C ASN A 114 6.11 -6.89 3.27
N THR A 115 4.79 -6.99 3.12
CA THR A 115 3.89 -5.90 3.52
C THR A 115 2.58 -6.42 4.10
N VAL A 116 2.08 -5.73 5.11
CA VAL A 116 0.82 -6.09 5.77
C VAL A 116 -0.16 -4.90 5.75
N ARG A 117 -1.46 -5.19 5.59
CA ARG A 117 -2.47 -4.12 5.56
C ARG A 117 -3.39 -4.19 6.78
N GLU A 118 -3.48 -3.10 7.54
CA GLU A 118 -4.34 -3.08 8.72
C GLU A 118 -4.87 -1.67 9.00
N ILE A 119 -5.93 -1.59 9.80
CA ILE A 119 -6.50 -0.31 10.17
C ILE A 119 -6.52 -0.16 11.69
N ILE A 120 -6.04 0.98 12.18
CA ILE A 120 -6.00 1.24 13.61
C ILE A 120 -6.88 2.43 13.95
N GLY A 121 -7.62 2.33 15.05
CA GLY A 121 -8.51 3.41 15.46
C GLY A 121 -9.38 3.88 14.33
N ASP A 122 -9.04 5.04 13.79
CA ASP A 122 -9.76 5.63 12.68
C ASP A 122 -8.84 5.98 11.51
N GLU A 123 -7.60 5.46 11.55
CA GLU A 123 -6.60 5.73 10.52
C GLU A 123 -6.10 4.44 9.85
N LEU A 124 -5.77 4.54 8.56
CA LEU A 124 -5.28 3.38 7.80
C LEU A 124 -3.78 3.25 7.89
N VAL A 125 -3.31 2.00 7.94
CA VAL A 125 -1.90 1.73 8.02
C VAL A 125 -1.47 0.58 7.13
N GLN A 126 -0.23 0.68 6.69
CA GLN A 126 0.38 -0.35 5.85
C GLN A 126 1.84 -0.56 6.27
N THR A 127 2.15 -1.74 6.80
CA THR A 127 3.50 -2.05 7.27
C THR A 127 4.31 -2.77 6.19
N TYR A 128 5.55 -2.33 6.00
CA TYR A 128 6.44 -2.94 5.01
C TYR A 128 7.74 -3.35 5.67
N VAL A 129 8.25 -4.52 5.28
CA VAL A 129 9.50 -5.03 5.84
C VAL A 129 10.57 -5.20 4.74
N TYR A 130 11.71 -4.52 4.92
CA TYR A 130 12.81 -4.59 3.96
C TYR A 130 14.13 -4.95 4.64
N GLU A 131 14.56 -6.19 4.47
CA GLU A 131 15.81 -6.70 5.05
C GLU A 131 15.94 -6.38 6.55
N GLY A 132 15.00 -6.90 7.34
CA GLY A 132 15.03 -6.68 8.78
C GLY A 132 14.67 -5.25 9.17
N VAL A 133 13.91 -4.56 8.31
CA VAL A 133 13.48 -3.20 8.59
C VAL A 133 11.99 -3.04 8.33
N GLU A 134 11.21 -3.02 9.41
CA GLU A 134 9.76 -2.90 9.29
C GLU A 134 9.30 -1.47 9.54
N ALA A 135 8.98 -0.77 8.45
CA ALA A 135 8.49 0.60 8.51
C ALA A 135 7.04 0.66 8.05
N LYS A 136 6.34 1.74 8.38
CA LYS A 136 4.94 1.88 7.98
C LYS A 136 4.56 3.33 7.66
N ARG A 137 3.45 3.47 6.95
CA ARG A 137 2.91 4.78 6.57
C ARG A 137 1.48 4.90 7.08
N ILE A 138 1.22 5.92 7.89
CA ILE A 138 -0.11 6.13 8.46
C ILE A 138 -0.87 7.16 7.65
N PHE A 139 -1.88 6.70 6.91
CA PHE A 139 -2.68 7.59 6.09
C PHE A 139 -4.00 7.89 6.79
N LYS A 140 -4.30 9.17 6.92
CA LYS A 140 -5.55 9.60 7.54
C LYS A 140 -6.47 10.17 6.47
N LYS A 141 -7.79 9.92 6.63
CA LYS A 141 -8.77 10.40 5.65
C LYS A 141 -8.46 11.83 5.23
N ASP A 142 -8.68 12.12 3.97
CA ASP A 142 -8.41 13.46 3.46
C ASP A 142 -9.70 14.26 3.31
N ALA A 1 -46.48 -18.86 3.18
CA ALA A 1 -45.12 -19.22 2.69
C ALA A 1 -44.39 -17.98 2.17
N HIS A 2 -44.06 -17.05 3.08
CA HIS A 2 -43.36 -15.83 2.72
C HIS A 2 -42.90 -15.05 3.97
N HIS A 3 -41.95 -14.13 3.78
CA HIS A 3 -41.41 -13.31 4.87
C HIS A 3 -40.63 -12.11 4.32
N HIS A 4 -40.26 -11.17 5.20
CA HIS A 4 -39.51 -9.98 4.79
C HIS A 4 -38.68 -9.41 5.94
N HIS A 5 -37.53 -8.82 5.61
CA HIS A 5 -36.62 -8.23 6.61
C HIS A 5 -35.80 -7.10 5.99
N HIS A 6 -35.02 -6.40 6.82
CA HIS A 6 -34.19 -5.28 6.34
C HIS A 6 -32.91 -5.10 7.16
N HIS A 7 -31.89 -4.49 6.55
CA HIS A 7 -30.59 -4.25 7.20
C HIS A 7 -29.77 -3.21 6.41
N VAL A 8 -28.48 -3.04 6.79
CA VAL A 8 -27.62 -2.08 6.10
C VAL A 8 -26.13 -2.26 6.48
N GLY A 9 -25.23 -1.75 5.62
CA GLY A 9 -23.80 -1.85 5.87
C GLY A 9 -23.07 -0.54 5.57
N THR A 10 -21.84 -0.65 5.03
CA THR A 10 -20.99 0.49 4.66
C THR A 10 -19.53 0.21 4.97
N GLN A 11 -18.72 0.11 3.92
CA GLN A 11 -17.27 -0.15 4.05
C GLN A 11 -16.57 0.96 4.85
N ALA A 12 -15.33 0.70 5.27
CA ALA A 12 -14.54 1.67 6.05
C ALA A 12 -13.36 2.23 5.26
N PHE A 13 -12.58 1.34 4.65
CA PHE A 13 -11.38 1.73 3.89
C PHE A 13 -11.68 2.61 2.67
N ASP A 14 -12.87 2.44 2.09
CA ASP A 14 -13.28 3.22 0.90
C ASP A 14 -13.37 4.72 1.19
N SER A 15 -12.22 5.38 1.32
CA SER A 15 -12.18 6.81 1.61
C SER A 15 -10.98 7.49 0.94
N THR A 16 -10.61 8.66 1.45
CA THR A 16 -9.47 9.42 0.92
C THR A 16 -8.53 9.80 2.07
N TRP A 17 -7.36 9.16 2.13
CA TRP A 17 -6.41 9.45 3.20
C TRP A 17 -5.03 9.86 2.65
N LYS A 18 -4.56 11.01 3.13
CA LYS A 18 -3.26 11.56 2.74
C LYS A 18 -2.22 11.23 3.78
N VAL A 19 -0.94 11.31 3.41
CA VAL A 19 0.13 11.03 4.35
C VAL A 19 0.05 11.96 5.54
N ASP A 20 -0.29 11.41 6.68
CA ASP A 20 -0.39 12.17 7.90
C ASP A 20 0.87 12.00 8.73
N ARG A 21 1.62 10.92 8.46
CA ARG A 21 2.86 10.65 9.18
C ARG A 21 3.53 9.37 8.68
N SER A 22 4.80 9.20 9.08
CA SER A 22 5.57 8.03 8.69
C SER A 22 6.49 7.59 9.82
N GLU A 23 6.87 6.31 9.83
CA GLU A 23 7.74 5.78 10.85
C GLU A 23 8.81 4.87 10.27
N ASN A 24 10.01 5.02 10.79
CA ASN A 24 11.15 4.20 10.36
C ASN A 24 11.48 4.39 8.87
N TYR A 25 10.91 5.40 8.22
CA TYR A 25 11.17 5.65 6.81
C TYR A 25 12.66 5.82 6.52
N ASP A 26 13.37 6.41 7.49
CA ASP A 26 14.81 6.65 7.34
C ASP A 26 15.55 5.36 6.97
N LYS A 27 15.28 4.29 7.71
CA LYS A 27 15.92 3.00 7.46
C LYS A 27 15.44 2.38 6.16
N PHE A 28 14.13 2.49 5.89
CA PHE A 28 13.54 1.94 4.68
C PHE A 28 14.20 2.54 3.42
N MET A 29 14.37 3.86 3.42
CA MET A 29 14.99 4.56 2.28
C MET A 29 16.49 4.30 2.22
N GLU A 30 17.15 4.46 3.38
CA GLU A 30 18.59 4.26 3.46
C GLU A 30 18.99 2.83 3.05
N LYS A 31 18.20 1.85 3.50
CA LYS A 31 18.45 0.44 3.17
C LYS A 31 18.55 0.23 1.66
N MET A 32 17.54 0.72 0.93
CA MET A 32 17.50 0.59 -0.52
C MET A 32 18.74 1.23 -1.15
N GLY A 33 19.27 2.26 -0.48
CA GLY A 33 20.45 2.96 -0.98
C GLY A 33 20.07 4.20 -1.76
N VAL A 34 18.98 4.85 -1.33
CA VAL A 34 18.49 6.06 -1.98
C VAL A 34 19.40 7.25 -1.72
N ASN A 35 19.68 8.01 -2.78
CA ASN A 35 20.52 9.20 -2.70
C ASN A 35 19.80 10.33 -1.97
N ILE A 36 20.57 11.20 -1.32
CA ILE A 36 20.03 12.33 -0.57
C ILE A 36 18.94 13.07 -1.37
N VAL A 37 19.19 13.31 -2.65
CA VAL A 37 18.22 14.00 -3.52
C VAL A 37 16.96 13.17 -3.69
N LYS A 38 17.13 11.87 -3.93
CA LYS A 38 16.01 10.96 -4.09
C LYS A 38 15.24 10.81 -2.78
N ARG A 39 15.96 10.87 -1.66
CA ARG A 39 15.34 10.75 -0.33
C ARG A 39 14.53 12.01 0.01
N LYS A 40 14.92 13.15 -0.58
CA LYS A 40 14.25 14.42 -0.33
C LYS A 40 12.80 14.43 -0.83
N LEU A 41 12.59 14.07 -2.10
CA LEU A 41 11.22 14.08 -2.64
C LEU A 41 10.40 12.87 -2.21
N ALA A 42 11.05 11.72 -2.03
CA ALA A 42 10.33 10.51 -1.61
C ALA A 42 9.88 10.60 -0.15
N ALA A 43 10.40 11.61 0.56
CA ALA A 43 10.06 11.82 1.97
C ALA A 43 9.03 12.94 2.11
N HIS A 44 9.15 13.95 1.24
CA HIS A 44 8.24 15.09 1.23
C HIS A 44 7.46 15.10 -0.08
N ASP A 45 7.04 13.91 -0.52
CA ASP A 45 6.30 13.76 -1.75
C ASP A 45 4.84 14.20 -1.60
N ASN A 46 4.31 14.11 -0.36
CA ASN A 46 2.92 14.51 -0.08
C ASN A 46 1.98 13.58 -0.84
N LEU A 47 2.14 12.27 -0.59
CA LEU A 47 1.34 11.24 -1.23
C LEU A 47 -0.12 11.30 -0.82
N LYS A 48 -1.00 11.57 -1.80
CA LYS A 48 -2.44 11.62 -1.56
C LYS A 48 -3.06 10.33 -2.09
N LEU A 49 -3.77 9.60 -1.20
CA LEU A 49 -4.36 8.33 -1.59
C LEU A 49 -5.89 8.31 -1.46
N THR A 50 -6.51 7.57 -2.38
CA THR A 50 -7.97 7.38 -2.40
C THR A 50 -8.24 5.89 -2.54
N ILE A 51 -9.10 5.38 -1.67
CA ILE A 51 -9.43 3.96 -1.66
C ILE A 51 -10.82 3.70 -2.22
N THR A 52 -10.88 2.84 -3.24
CA THR A 52 -12.14 2.46 -3.87
C THR A 52 -12.07 1.03 -4.40
N GLN A 53 -12.99 0.17 -3.96
CA GLN A 53 -13.00 -1.23 -4.37
C GLN A 53 -14.37 -1.69 -4.84
N GLU A 54 -14.36 -2.64 -5.78
CA GLU A 54 -15.58 -3.20 -6.33
C GLU A 54 -15.42 -4.71 -6.46
N GLY A 55 -15.51 -5.40 -5.33
CA GLY A 55 -15.35 -6.85 -5.32
C GLY A 55 -14.00 -7.29 -4.81
N ASN A 56 -13.31 -8.05 -5.62
CA ASN A 56 -12.00 -8.56 -5.28
C ASN A 56 -10.93 -7.79 -6.05
N LYS A 57 -11.32 -6.60 -6.50
CA LYS A 57 -10.42 -5.74 -7.26
C LYS A 57 -10.41 -4.34 -6.64
N PHE A 58 -9.28 -3.96 -6.07
CA PHE A 58 -9.15 -2.67 -5.42
C PHE A 58 -8.31 -1.72 -6.25
N THR A 59 -8.73 -0.47 -6.28
CA THR A 59 -8.02 0.55 -7.04
C THR A 59 -7.81 1.81 -6.19
N VAL A 60 -6.56 2.10 -5.88
CA VAL A 60 -6.23 3.27 -5.08
C VAL A 60 -5.37 4.24 -5.89
N LYS A 61 -5.75 5.51 -5.89
CA LYS A 61 -5.03 6.54 -6.63
C LYS A 61 -3.87 7.08 -5.80
N GLU A 62 -2.69 7.15 -6.42
CA GLU A 62 -1.49 7.64 -5.74
C GLU A 62 -0.88 8.82 -6.49
N SER A 63 -0.87 9.99 -5.84
CA SER A 63 -0.29 11.19 -6.44
C SER A 63 0.95 11.61 -5.66
N SER A 64 2.08 11.69 -6.36
CA SER A 64 3.35 12.07 -5.74
C SER A 64 3.81 13.45 -6.22
N ALA A 65 4.91 13.93 -5.64
CA ALA A 65 5.47 15.23 -6.00
C ALA A 65 6.03 15.25 -7.43
N PHE A 66 6.50 14.10 -7.91
CA PHE A 66 7.08 14.04 -9.26
C PHE A 66 6.15 13.37 -10.29
N ARG A 67 5.20 12.55 -9.84
CA ARG A 67 4.27 11.87 -10.76
C ARG A 67 2.93 11.55 -10.08
N ASN A 68 2.04 10.88 -10.82
CA ASN A 68 0.73 10.50 -10.30
C ASN A 68 0.12 9.39 -11.15
N ILE A 69 -0.30 8.30 -10.50
CA ILE A 69 -0.91 7.15 -11.18
C ILE A 69 -1.88 6.41 -10.26
N GLU A 70 -2.72 5.56 -10.85
CA GLU A 70 -3.69 4.78 -10.09
C GLU A 70 -3.33 3.30 -10.17
N VAL A 71 -3.41 2.60 -9.04
CA VAL A 71 -3.05 1.18 -9.00
C VAL A 71 -4.27 0.30 -8.76
N VAL A 72 -4.39 -0.75 -9.57
CA VAL A 72 -5.49 -1.70 -9.45
C VAL A 72 -4.96 -3.13 -9.28
N PHE A 73 -5.47 -3.84 -8.28
CA PHE A 73 -5.05 -5.20 -8.00
C PHE A 73 -6.24 -6.13 -7.82
N GLU A 74 -5.95 -7.42 -7.61
CA GLU A 74 -6.99 -8.43 -7.40
C GLU A 74 -6.52 -9.44 -6.36
N LEU A 75 -7.36 -9.70 -5.36
CA LEU A 75 -7.02 -10.64 -4.29
C LEU A 75 -6.67 -12.02 -4.86
N GLY A 76 -5.38 -12.35 -4.81
CA GLY A 76 -4.91 -13.64 -5.30
C GLY A 76 -4.56 -13.65 -6.77
N VAL A 77 -4.25 -12.49 -7.35
CA VAL A 77 -3.89 -12.40 -8.76
C VAL A 77 -2.51 -11.78 -8.95
N THR A 78 -1.50 -12.62 -9.17
CA THR A 78 -0.13 -12.13 -9.35
C THR A 78 0.01 -11.34 -10.65
N PHE A 79 0.68 -10.18 -10.56
CA PHE A 79 0.90 -9.33 -11.71
C PHE A 79 2.29 -8.73 -11.69
N ASN A 80 2.63 -8.00 -12.75
CA ASN A 80 3.95 -7.38 -12.86
C ASN A 80 3.86 -5.86 -12.66
N TYR A 81 4.51 -5.37 -11.60
CA TYR A 81 4.52 -3.94 -11.30
C TYR A 81 5.89 -3.36 -11.61
N ASN A 82 5.91 -2.18 -12.24
CA ASN A 82 7.17 -1.54 -12.62
C ASN A 82 7.51 -0.38 -11.68
N LEU A 83 8.80 -0.15 -11.48
CA LEU A 83 9.26 0.94 -10.61
C LEU A 83 9.56 2.19 -11.43
N ALA A 84 9.95 3.27 -10.74
CA ALA A 84 10.25 4.54 -11.41
C ALA A 84 11.46 4.41 -12.35
N ASP A 85 12.38 3.50 -12.04
CA ASP A 85 13.59 3.31 -12.86
C ASP A 85 13.38 2.28 -13.97
N GLY A 86 12.29 1.49 -13.90
CA GLY A 86 12.03 0.50 -14.94
C GLY A 86 11.99 -0.93 -14.41
N THR A 87 12.67 -1.20 -13.30
CA THR A 87 12.69 -2.55 -12.73
C THR A 87 11.27 -3.00 -12.39
N GLU A 88 10.91 -4.19 -12.83
CA GLU A 88 9.58 -4.73 -12.57
C GLU A 88 9.63 -5.89 -11.59
N LEU A 89 8.68 -5.92 -10.66
CA LEU A 89 8.60 -6.98 -9.66
C LEU A 89 7.31 -7.77 -9.81
N ARG A 90 7.32 -9.01 -9.35
CA ARG A 90 6.14 -9.86 -9.42
C ARG A 90 5.58 -10.08 -8.03
N GLY A 91 4.43 -9.48 -7.77
CA GLY A 91 3.80 -9.60 -6.48
C GLY A 91 2.36 -9.11 -6.48
N THR A 92 1.71 -9.17 -5.32
CA THR A 92 0.32 -8.71 -5.15
C THR A 92 -0.14 -8.86 -3.71
N TRP A 93 -1.43 -8.64 -3.47
CA TRP A 93 -2.00 -8.76 -2.13
C TRP A 93 -2.98 -9.93 -2.03
N SER A 94 -3.14 -10.44 -0.81
CA SER A 94 -4.04 -11.55 -0.52
C SER A 94 -4.43 -11.51 0.95
N LEU A 95 -5.38 -12.35 1.35
CA LEU A 95 -5.80 -12.38 2.74
C LEU A 95 -5.67 -13.78 3.32
N GLU A 96 -5.06 -13.87 4.49
CA GLU A 96 -4.84 -15.14 5.15
C GLU A 96 -5.24 -15.05 6.62
N GLY A 97 -5.97 -16.05 7.10
CA GLY A 97 -6.42 -16.06 8.47
C GLY A 97 -7.36 -14.92 8.76
N ASN A 98 -6.85 -13.95 9.48
CA ASN A 98 -7.62 -12.75 9.84
C ASN A 98 -6.85 -11.47 9.48
N LYS A 99 -5.93 -11.57 8.53
CA LYS A 99 -5.13 -10.40 8.12
C LYS A 99 -4.86 -10.38 6.61
N LEU A 100 -4.48 -9.20 6.09
CA LEU A 100 -4.19 -9.05 4.66
C LEU A 100 -2.69 -9.03 4.39
N ILE A 101 -2.30 -9.89 3.45
CA ILE A 101 -0.90 -10.05 3.05
C ILE A 101 -0.59 -9.33 1.73
N GLY A 102 0.62 -8.77 1.67
CA GLY A 102 1.08 -8.09 0.47
C GLY A 102 2.53 -8.43 0.21
N LYS A 103 2.80 -9.19 -0.85
CA LYS A 103 4.16 -9.62 -1.14
C LYS A 103 4.60 -9.27 -2.56
N PHE A 104 5.85 -8.79 -2.67
CA PHE A 104 6.46 -8.43 -3.96
C PHE A 104 7.94 -8.77 -3.93
N LYS A 105 8.49 -9.26 -5.05
CA LYS A 105 9.92 -9.62 -5.09
C LYS A 105 10.63 -9.08 -6.34
N ARG A 106 11.86 -8.57 -6.11
CA ARG A 106 12.69 -8.06 -7.21
C ARG A 106 13.11 -9.20 -8.14
N THR A 107 13.19 -8.91 -9.44
CA THR A 107 13.59 -9.92 -10.41
C THR A 107 15.12 -10.08 -10.43
N ASP A 108 15.83 -9.07 -9.93
CA ASP A 108 17.29 -9.10 -9.88
C ASP A 108 17.80 -10.32 -9.12
N ASN A 109 17.57 -10.33 -7.81
CA ASN A 109 18.03 -11.44 -6.96
C ASN A 109 16.85 -12.16 -6.28
N GLY A 110 15.70 -11.47 -6.17
CA GLY A 110 14.55 -12.09 -5.53
C GLY A 110 14.32 -11.60 -4.11
N ASN A 111 14.57 -10.32 -3.85
CA ASN A 111 14.37 -9.76 -2.51
C ASN A 111 12.89 -9.73 -2.18
N GLU A 112 12.47 -10.60 -1.28
CA GLU A 112 11.08 -10.69 -0.89
C GLU A 112 10.69 -9.60 0.11
N LEU A 113 9.80 -8.72 -0.33
CA LEU A 113 9.30 -7.65 0.53
C LEU A 113 7.90 -8.00 0.99
N ASN A 114 7.58 -7.63 2.21
CA ASN A 114 6.27 -7.93 2.75
C ASN A 114 5.55 -6.68 3.25
N THR A 115 4.25 -6.62 2.99
CA THR A 115 3.44 -5.47 3.39
C THR A 115 2.07 -5.92 3.90
N VAL A 116 1.65 -5.35 5.03
CA VAL A 116 0.36 -5.69 5.63
C VAL A 116 -0.58 -4.48 5.66
N ARG A 117 -1.88 -4.71 5.43
CA ARG A 117 -2.85 -3.60 5.44
C ARG A 117 -3.75 -3.66 6.67
N GLU A 118 -3.73 -2.59 7.48
CA GLU A 118 -4.56 -2.54 8.68
C GLU A 118 -5.00 -1.12 8.98
N ILE A 119 -6.00 -0.98 9.85
CA ILE A 119 -6.47 0.34 10.26
C ILE A 119 -6.47 0.42 11.78
N ILE A 120 -5.84 1.48 12.31
CA ILE A 120 -5.75 1.66 13.75
C ILE A 120 -6.47 2.94 14.18
N GLY A 121 -7.46 2.80 15.06
CA GLY A 121 -8.20 3.95 15.54
C GLY A 121 -8.98 4.63 14.44
N ASP A 122 -8.46 5.77 14.00
CA ASP A 122 -9.10 6.56 12.96
C ASP A 122 -8.13 6.88 11.80
N GLU A 123 -7.02 6.13 11.71
CA GLU A 123 -6.03 6.34 10.65
C GLU A 123 -5.63 5.02 9.99
N LEU A 124 -5.45 5.05 8.67
CA LEU A 124 -5.05 3.85 7.92
C LEU A 124 -3.57 3.62 7.99
N VAL A 125 -3.18 2.34 7.98
CA VAL A 125 -1.78 1.99 8.06
C VAL A 125 -1.41 0.86 7.11
N GLN A 126 -0.19 0.96 6.61
CA GLN A 126 0.38 -0.04 5.70
C GLN A 126 1.86 -0.27 6.07
N THR A 127 2.12 -1.31 6.84
CA THR A 127 3.48 -1.61 7.28
C THR A 127 4.21 -2.50 6.28
N TYR A 128 5.43 -2.09 5.92
CA TYR A 128 6.25 -2.84 4.99
C TYR A 128 7.50 -3.38 5.70
N VAL A 129 7.91 -4.57 5.29
CA VAL A 129 9.07 -5.22 5.88
C VAL A 129 10.14 -5.49 4.82
N TYR A 130 11.33 -4.89 5.00
CA TYR A 130 12.43 -5.06 4.05
C TYR A 130 13.70 -5.51 4.77
N GLU A 131 14.10 -6.76 4.53
CA GLU A 131 15.30 -7.35 5.13
C GLU A 131 15.42 -7.06 6.63
N GLY A 132 14.33 -7.34 7.37
CA GLY A 132 14.34 -7.11 8.81
C GLY A 132 13.81 -5.74 9.22
N VAL A 133 13.87 -4.78 8.30
CA VAL A 133 13.41 -3.42 8.58
C VAL A 133 11.89 -3.31 8.41
N GLU A 134 11.20 -3.12 9.52
CA GLU A 134 9.75 -2.97 9.51
C GLU A 134 9.35 -1.52 9.73
N ALA A 135 8.89 -0.89 8.64
CA ALA A 135 8.46 0.51 8.67
C ALA A 135 6.99 0.62 8.26
N LYS A 136 6.33 1.70 8.69
CA LYS A 136 4.92 1.90 8.34
C LYS A 136 4.61 3.37 8.05
N ARG A 137 3.60 3.57 7.20
CA ARG A 137 3.14 4.90 6.83
C ARG A 137 1.69 5.05 7.26
N ILE A 138 1.42 6.03 8.12
CA ILE A 138 0.08 6.27 8.61
C ILE A 138 -0.60 7.37 7.80
N PHE A 139 -1.65 7.01 7.08
CA PHE A 139 -2.38 7.98 6.27
C PHE A 139 -3.72 8.29 6.90
N LYS A 140 -3.98 9.58 7.10
CA LYS A 140 -5.25 10.03 7.66
C LYS A 140 -6.06 10.71 6.57
N LYS A 141 -7.39 10.66 6.72
CA LYS A 141 -8.28 11.27 5.74
C LYS A 141 -7.79 12.64 5.30
N ASP A 142 -8.04 12.96 4.04
CA ASP A 142 -7.64 14.25 3.48
C ASP A 142 -8.85 15.13 3.20
N ALA A 1 -49.37 -15.78 8.19
CA ALA A 1 -48.50 -16.80 7.51
C ALA A 1 -47.02 -16.58 7.85
N HIS A 2 -46.47 -15.43 7.45
CA HIS A 2 -45.07 -15.12 7.71
C HIS A 2 -44.75 -13.65 7.36
N HIS A 3 -43.59 -13.17 7.86
CA HIS A 3 -43.16 -11.79 7.62
C HIS A 3 -41.62 -11.67 7.63
N HIS A 4 -41.10 -10.52 7.16
CA HIS A 4 -39.65 -10.29 7.10
C HIS A 4 -39.33 -8.79 7.00
N HIS A 5 -38.05 -8.47 6.68
CA HIS A 5 -37.61 -7.08 6.55
C HIS A 5 -36.42 -6.97 5.58
N HIS A 6 -35.68 -5.85 5.64
CA HIS A 6 -34.53 -5.61 4.75
C HIS A 6 -33.43 -4.79 5.45
N HIS A 7 -32.23 -4.76 4.85
CA HIS A 7 -31.09 -4.00 5.42
C HIS A 7 -30.06 -3.62 4.34
N VAL A 8 -28.95 -2.98 4.75
CA VAL A 8 -27.89 -2.54 3.84
C VAL A 8 -26.48 -2.65 4.48
N GLY A 9 -25.44 -2.70 3.64
CA GLY A 9 -24.06 -2.79 4.13
C GLY A 9 -23.23 -1.56 3.78
N THR A 10 -21.95 -1.77 3.38
CA THR A 10 -21.02 -0.70 2.99
C THR A 10 -19.59 -1.00 3.50
N GLN A 11 -18.67 -1.24 2.57
CA GLN A 11 -17.26 -1.51 2.90
C GLN A 11 -16.62 -0.35 3.67
N ALA A 12 -15.42 -0.58 4.21
CA ALA A 12 -14.69 0.44 4.97
C ALA A 12 -13.47 0.94 4.22
N PHE A 13 -12.61 0.01 3.81
CA PHE A 13 -11.37 0.34 3.11
C PHE A 13 -11.62 1.13 1.81
N ASP A 14 -12.74 0.84 1.14
CA ASP A 14 -13.10 1.52 -0.12
C ASP A 14 -13.42 3.00 0.10
N SER A 15 -12.38 3.79 0.36
CA SER A 15 -12.54 5.23 0.59
C SER A 15 -11.34 6.01 0.07
N THR A 16 -11.30 7.31 0.38
CA THR A 16 -10.20 8.17 -0.06
C THR A 16 -9.39 8.64 1.15
N TRP A 17 -8.15 8.15 1.28
CA TRP A 17 -7.29 8.54 2.39
C TRP A 17 -5.98 9.16 1.88
N LYS A 18 -5.66 10.34 2.42
CA LYS A 18 -4.45 11.06 2.06
C LYS A 18 -3.39 10.91 3.14
N VAL A 19 -2.12 11.05 2.76
CA VAL A 19 -1.03 10.93 3.73
C VAL A 19 -1.26 11.88 4.89
N ASP A 20 -1.47 11.29 6.04
CA ASP A 20 -1.71 12.05 7.26
C ASP A 20 -0.46 12.04 8.12
N ARG A 21 0.33 10.98 7.99
CA ARG A 21 1.54 10.85 8.78
C ARG A 21 2.36 9.63 8.36
N SER A 22 3.52 9.48 8.98
CA SER A 22 4.43 8.37 8.72
C SER A 22 5.24 8.06 9.98
N GLU A 23 5.79 6.85 10.06
CA GLU A 23 6.58 6.44 11.20
C GLU A 23 7.74 5.53 10.78
N ASN A 24 8.95 5.91 11.20
CA ASN A 24 10.16 5.14 10.90
C ASN A 24 10.60 5.25 9.44
N TYR A 25 9.94 6.12 8.67
CA TYR A 25 10.29 6.30 7.25
C TYR A 25 11.76 6.65 7.08
N ASP A 26 12.28 7.46 8.00
CA ASP A 26 13.66 7.91 7.95
C ASP A 26 14.62 6.77 7.58
N LYS A 27 14.49 5.63 8.27
CA LYS A 27 15.36 4.49 8.01
C LYS A 27 15.09 3.85 6.64
N PHE A 28 13.83 3.85 6.21
CA PHE A 28 13.46 3.25 4.92
C PHE A 28 14.18 3.93 3.75
N MET A 29 14.18 5.27 3.72
CA MET A 29 14.84 6.01 2.65
C MET A 29 16.35 5.87 2.75
N GLU A 30 16.89 6.16 3.94
CA GLU A 30 18.32 6.08 4.16
C GLU A 30 18.84 4.66 3.93
N LYS A 31 18.01 3.65 4.23
CA LYS A 31 18.38 2.24 4.06
C LYS A 31 18.85 1.98 2.62
N MET A 32 17.98 2.30 1.66
CA MET A 32 18.28 2.08 0.25
C MET A 32 19.48 2.92 -0.19
N GLY A 33 19.65 4.09 0.43
CA GLY A 33 20.74 4.98 0.09
C GLY A 33 20.29 6.14 -0.79
N VAL A 34 19.06 6.60 -0.56
CA VAL A 34 18.47 7.68 -1.34
C VAL A 34 19.23 9.00 -1.13
N ASN A 35 19.38 9.75 -2.22
CA ASN A 35 20.06 11.04 -2.19
C ASN A 35 19.20 12.10 -1.50
N ILE A 36 19.87 13.08 -0.89
CA ILE A 36 19.18 14.15 -0.18
C ILE A 36 18.03 14.73 -0.99
N VAL A 37 18.26 14.97 -2.28
CA VAL A 37 17.23 15.52 -3.17
C VAL A 37 16.11 14.51 -3.40
N LYS A 38 16.48 13.25 -3.62
CA LYS A 38 15.51 12.18 -3.83
C LYS A 38 14.64 12.00 -2.59
N ARG A 39 15.24 12.23 -1.42
CA ARG A 39 14.52 12.10 -0.15
C ARG A 39 13.57 13.29 0.04
N LYS A 40 13.84 14.40 -0.66
CA LYS A 40 13.02 15.61 -0.55
C LYS A 40 11.61 15.42 -1.12
N LEU A 41 11.50 14.95 -2.36
CA LEU A 41 10.17 14.79 -2.97
C LEU A 41 9.46 13.52 -2.49
N ALA A 42 10.20 12.43 -2.30
CA ALA A 42 9.61 11.18 -1.84
C ALA A 42 9.06 11.32 -0.42
N ALA A 43 9.47 12.39 0.29
CA ALA A 43 9.01 12.64 1.65
C ALA A 43 7.87 13.65 1.67
N HIS A 44 7.87 14.56 0.69
CA HIS A 44 6.83 15.59 0.57
C HIS A 44 6.12 15.42 -0.77
N ASP A 45 5.85 14.16 -1.12
CA ASP A 45 5.21 13.81 -2.38
C ASP A 45 3.70 14.10 -2.36
N ASN A 46 3.09 14.08 -1.17
CA ASN A 46 1.65 14.33 -1.03
C ASN A 46 0.86 13.17 -1.63
N LEU A 47 1.21 11.96 -1.21
CA LEU A 47 0.57 10.75 -1.68
C LEU A 47 -0.92 10.70 -1.34
N LYS A 48 -1.76 10.76 -2.37
CA LYS A 48 -3.21 10.69 -2.20
C LYS A 48 -3.71 9.32 -2.63
N LEU A 49 -4.35 8.59 -1.71
CA LEU A 49 -4.83 7.24 -2.01
C LEU A 49 -6.36 7.14 -2.08
N THR A 50 -6.82 6.36 -3.05
CA THR A 50 -8.24 6.08 -3.25
C THR A 50 -8.43 4.58 -3.39
N ILE A 51 -9.18 4.01 -2.47
CA ILE A 51 -9.39 2.57 -2.45
C ILE A 51 -10.74 2.16 -3.06
N THR A 52 -10.68 1.20 -3.99
CA THR A 52 -11.88 0.67 -4.64
C THR A 52 -11.65 -0.80 -5.04
N GLN A 53 -12.53 -1.70 -4.59
CA GLN A 53 -12.39 -3.13 -4.89
C GLN A 53 -13.69 -3.75 -5.39
N GLU A 54 -13.54 -4.79 -6.21
CA GLU A 54 -14.66 -5.53 -6.75
C GLU A 54 -14.31 -7.01 -6.78
N GLY A 55 -14.34 -7.62 -5.61
CA GLY A 55 -14.01 -9.03 -5.47
C GLY A 55 -12.63 -9.25 -4.91
N ASN A 56 -11.84 -10.00 -5.64
CA ASN A 56 -10.47 -10.30 -5.25
C ASN A 56 -9.50 -9.46 -6.07
N LYS A 57 -10.05 -8.43 -6.71
CA LYS A 57 -9.25 -7.52 -7.52
C LYS A 57 -9.42 -6.10 -6.99
N PHE A 58 -8.31 -5.50 -6.62
CA PHE A 58 -8.32 -4.17 -6.07
C PHE A 58 -7.65 -3.16 -6.97
N THR A 59 -8.20 -1.97 -7.01
CA THR A 59 -7.65 -0.89 -7.81
C THR A 59 -7.57 0.38 -7.00
N VAL A 60 -6.35 0.86 -6.82
CA VAL A 60 -6.11 2.06 -6.04
C VAL A 60 -5.37 3.13 -6.84
N LYS A 61 -5.81 4.37 -6.68
CA LYS A 61 -5.20 5.50 -7.39
C LYS A 61 -4.28 6.28 -6.45
N GLU A 62 -3.03 6.47 -6.88
CA GLU A 62 -2.05 7.20 -6.09
C GLU A 62 -1.47 8.36 -6.88
N SER A 63 -1.47 9.54 -6.26
CA SER A 63 -0.94 10.74 -6.90
C SER A 63 0.23 11.29 -6.08
N SER A 64 1.36 11.49 -6.75
CA SER A 64 2.56 12.01 -6.09
C SER A 64 3.00 13.35 -6.70
N ALA A 65 4.09 13.89 -6.16
CA ALA A 65 4.62 15.18 -6.63
C ALA A 65 5.28 15.07 -8.01
N PHE A 66 5.84 13.90 -8.33
CA PHE A 66 6.50 13.71 -9.62
C PHE A 66 5.72 12.82 -10.58
N ARG A 67 4.62 12.21 -10.13
CA ARG A 67 3.80 11.35 -11.00
C ARG A 67 2.57 10.79 -10.28
N ASN A 68 1.60 10.33 -11.06
CA ASN A 68 0.36 9.74 -10.53
C ASN A 68 -0.15 8.65 -11.46
N ILE A 69 -0.40 7.45 -10.92
CA ILE A 69 -0.88 6.33 -11.75
C ILE A 69 -1.92 5.48 -11.01
N GLU A 70 -2.54 4.56 -11.76
CA GLU A 70 -3.55 3.65 -11.22
C GLU A 70 -3.03 2.21 -11.30
N VAL A 71 -3.08 1.49 -10.18
CA VAL A 71 -2.59 0.11 -10.14
C VAL A 71 -3.69 -0.86 -9.69
N VAL A 72 -3.69 -2.05 -10.30
CA VAL A 72 -4.66 -3.09 -9.98
C VAL A 72 -3.96 -4.38 -9.55
N PHE A 73 -4.52 -5.05 -8.54
CA PHE A 73 -3.94 -6.30 -8.03
C PHE A 73 -5.03 -7.35 -7.81
N GLU A 74 -4.61 -8.59 -7.60
CA GLU A 74 -5.53 -9.70 -7.36
C GLU A 74 -5.00 -10.59 -6.25
N LEU A 75 -5.85 -10.91 -5.28
CA LEU A 75 -5.44 -11.75 -4.16
C LEU A 75 -4.94 -13.12 -4.63
N GLY A 76 -3.63 -13.32 -4.53
CA GLY A 76 -3.03 -14.58 -4.92
C GLY A 76 -2.61 -14.64 -6.38
N VAL A 77 -2.44 -13.48 -7.02
CA VAL A 77 -2.04 -13.44 -8.43
C VAL A 77 -0.75 -12.63 -8.59
N THR A 78 0.38 -13.34 -8.68
CA THR A 78 1.69 -12.68 -8.84
C THR A 78 1.80 -11.95 -10.17
N PHE A 79 2.45 -10.77 -10.15
CA PHE A 79 2.64 -9.97 -11.35
C PHE A 79 4.00 -9.27 -11.34
N ASN A 80 4.29 -8.53 -12.40
CA ASN A 80 5.55 -7.80 -12.51
C ASN A 80 5.34 -6.30 -12.40
N TYR A 81 5.90 -5.70 -11.36
CA TYR A 81 5.79 -4.25 -11.15
C TYR A 81 7.09 -3.56 -11.53
N ASN A 82 6.98 -2.34 -12.06
CA ASN A 82 8.17 -1.58 -12.47
C ASN A 82 8.32 -0.32 -11.61
N LEU A 83 9.56 0.08 -11.39
CA LEU A 83 9.85 1.27 -10.59
C LEU A 83 10.04 2.49 -11.48
N ALA A 84 10.21 3.66 -10.85
CA ALA A 84 10.41 4.91 -11.57
C ALA A 84 11.72 4.90 -12.38
N ASP A 85 12.63 4.01 -12.02
CA ASP A 85 13.93 3.91 -12.72
C ASP A 85 13.91 2.82 -13.79
N GLY A 86 12.97 1.87 -13.69
CA GLY A 86 12.88 0.79 -14.66
C GLY A 86 13.07 -0.60 -14.07
N THR A 87 13.32 -0.68 -12.76
CA THR A 87 13.50 -1.97 -12.09
C THR A 87 12.20 -2.76 -12.10
N GLU A 88 12.31 -4.06 -12.36
CA GLU A 88 11.13 -4.93 -12.39
C GLU A 88 11.17 -5.96 -11.27
N LEU A 89 10.18 -5.89 -10.38
CA LEU A 89 10.09 -6.81 -9.25
C LEU A 89 8.88 -7.73 -9.37
N ARG A 90 8.99 -8.92 -8.81
CA ARG A 90 7.90 -9.88 -8.83
C ARG A 90 7.26 -9.95 -7.44
N GLY A 91 6.06 -9.39 -7.32
CA GLY A 91 5.37 -9.40 -6.04
C GLY A 91 3.89 -9.09 -6.16
N THR A 92 3.19 -9.15 -5.01
CA THR A 92 1.75 -8.86 -4.93
C THR A 92 1.25 -9.01 -3.49
N TRP A 93 -0.08 -9.08 -3.32
CA TRP A 93 -0.68 -9.23 -1.99
C TRP A 93 -1.52 -10.50 -1.89
N SER A 94 -1.60 -11.03 -0.67
CA SER A 94 -2.37 -12.24 -0.41
C SER A 94 -2.71 -12.36 1.06
N LEU A 95 -4.00 -12.51 1.37
CA LEU A 95 -4.44 -12.63 2.76
C LEU A 95 -4.25 -14.06 3.25
N GLU A 96 -3.72 -14.17 4.46
CA GLU A 96 -3.47 -15.48 5.08
C GLU A 96 -4.02 -15.49 6.49
N GLY A 97 -4.75 -16.54 6.82
CA GLY A 97 -5.33 -16.66 8.15
C GLY A 97 -6.23 -15.48 8.48
N ASN A 98 -5.69 -14.59 9.27
CA ASN A 98 -6.39 -13.38 9.71
C ASN A 98 -5.57 -12.12 9.44
N LYS A 99 -4.66 -12.17 8.46
CA LYS A 99 -3.82 -11.01 8.13
C LYS A 99 -3.47 -10.94 6.65
N LEU A 100 -3.28 -9.72 6.13
CA LEU A 100 -2.94 -9.52 4.73
C LEU A 100 -1.44 -9.42 4.50
N ILE A 101 -0.96 -10.27 3.58
CA ILE A 101 0.46 -10.34 3.24
C ILE A 101 0.80 -9.63 1.93
N GLY A 102 1.82 -8.79 1.97
CA GLY A 102 2.28 -8.08 0.78
C GLY A 102 3.77 -8.27 0.61
N LYS A 103 4.20 -8.79 -0.54
CA LYS A 103 5.61 -9.05 -0.76
C LYS A 103 6.06 -8.76 -2.19
N PHE A 104 7.24 -8.13 -2.30
CA PHE A 104 7.86 -7.81 -3.58
C PHE A 104 9.37 -7.98 -3.44
N LYS A 105 10.02 -8.57 -4.44
CA LYS A 105 11.47 -8.78 -4.36
C LYS A 105 12.20 -8.26 -5.60
N ARG A 106 13.33 -7.58 -5.35
CA ARG A 106 14.16 -7.04 -6.43
C ARG A 106 14.70 -8.18 -7.30
N THR A 107 14.66 -8.00 -8.61
CA THR A 107 15.15 -9.02 -9.55
C THR A 107 16.66 -8.92 -9.77
N ASP A 108 17.29 -7.87 -9.27
CA ASP A 108 18.72 -7.67 -9.43
C ASP A 108 19.53 -8.42 -8.37
N ASN A 109 19.19 -8.22 -7.10
CA ASN A 109 19.91 -8.87 -6.00
C ASN A 109 19.05 -9.90 -5.26
N GLY A 110 17.72 -9.79 -5.37
CA GLY A 110 16.85 -10.74 -4.71
C GLY A 110 16.52 -10.37 -3.27
N ASN A 111 16.36 -9.06 -2.99
CA ASN A 111 16.03 -8.64 -1.63
C ASN A 111 14.57 -8.92 -1.35
N GLU A 112 14.26 -9.36 -0.15
CA GLU A 112 12.90 -9.69 0.22
C GLU A 112 12.27 -8.62 1.10
N LEU A 113 11.28 -7.92 0.54
CA LEU A 113 10.55 -6.91 1.27
C LEU A 113 9.21 -7.46 1.68
N ASN A 114 8.76 -7.11 2.87
CA ASN A 114 7.49 -7.61 3.36
C ASN A 114 6.63 -6.48 3.91
N THR A 115 5.37 -6.43 3.47
CA THR A 115 4.44 -5.39 3.90
C THR A 115 3.12 -5.99 4.36
N VAL A 116 2.56 -5.40 5.42
CA VAL A 116 1.28 -5.84 5.96
C VAL A 116 0.24 -4.71 5.88
N ARG A 117 -1.00 -5.04 5.51
CA ARG A 117 -2.04 -4.01 5.38
C ARG A 117 -3.16 -4.20 6.40
N GLU A 118 -3.40 -3.17 7.21
CA GLU A 118 -4.45 -3.22 8.22
C GLU A 118 -5.06 -1.83 8.46
N ILE A 119 -6.07 -1.76 9.31
CA ILE A 119 -6.69 -0.49 9.66
C ILE A 119 -6.76 -0.35 11.17
N ILE A 120 -6.22 0.75 11.68
CA ILE A 120 -6.20 1.00 13.12
C ILE A 120 -7.00 2.25 13.46
N GLY A 121 -7.87 2.13 14.45
CA GLY A 121 -8.69 3.27 14.85
C GLY A 121 -9.61 3.70 13.73
N ASP A 122 -9.31 4.86 13.17
CA ASP A 122 -10.10 5.41 12.07
C ASP A 122 -9.22 5.79 10.87
N GLU A 123 -8.00 5.26 10.82
CA GLU A 123 -7.07 5.57 9.72
C GLU A 123 -6.45 4.29 9.15
N LEU A 124 -6.20 4.29 7.84
CA LEU A 124 -5.59 3.14 7.17
C LEU A 124 -4.09 3.10 7.41
N VAL A 125 -3.56 1.89 7.51
CA VAL A 125 -2.15 1.70 7.73
C VAL A 125 -1.54 0.64 6.83
N GLN A 126 -0.31 0.88 6.43
CA GLN A 126 0.45 -0.04 5.59
C GLN A 126 1.90 -0.10 6.07
N THR A 127 2.25 -1.18 6.75
CA THR A 127 3.60 -1.34 7.28
C THR A 127 4.50 -2.10 6.31
N TYR A 128 5.74 -1.63 6.17
CA TYR A 128 6.72 -2.26 5.31
C TYR A 128 7.99 -2.57 6.07
N VAL A 129 8.57 -3.72 5.80
CA VAL A 129 9.80 -4.15 6.47
C VAL A 129 10.92 -4.34 5.45
N TYR A 130 11.99 -3.54 5.59
CA TYR A 130 13.15 -3.62 4.69
C TYR A 130 14.45 -3.83 5.46
N GLU A 131 14.97 -5.05 5.39
CA GLU A 131 16.23 -5.41 6.07
C GLU A 131 16.24 -4.98 7.53
N GLY A 132 15.32 -5.54 8.32
CA GLY A 132 15.24 -5.22 9.74
C GLY A 132 14.78 -3.79 10.00
N VAL A 133 14.02 -3.22 9.07
CA VAL A 133 13.52 -1.86 9.20
C VAL A 133 12.02 -1.82 8.96
N GLU A 134 11.24 -1.79 10.03
CA GLU A 134 9.80 -1.77 9.95
C GLU A 134 9.26 -0.34 10.02
N ALA A 135 8.82 0.17 8.86
CA ALA A 135 8.27 1.51 8.76
C ALA A 135 6.83 1.45 8.23
N LYS A 136 6.02 2.45 8.56
CA LYS A 136 4.63 2.47 8.11
C LYS A 136 4.11 3.89 7.85
N ARG A 137 3.26 4.01 6.84
CA ARG A 137 2.63 5.27 6.47
C ARG A 137 1.16 5.21 6.83
N ILE A 138 0.69 6.20 7.58
CA ILE A 138 -0.71 6.25 8.00
C ILE A 138 -1.48 7.27 7.17
N PHE A 139 -2.42 6.76 6.38
CA PHE A 139 -3.24 7.63 5.53
C PHE A 139 -4.59 7.88 6.18
N LYS A 140 -4.96 9.16 6.28
CA LYS A 140 -6.23 9.56 6.86
C LYS A 140 -7.16 10.04 5.75
N LYS A 141 -8.45 9.71 5.86
CA LYS A 141 -9.44 10.09 4.85
C LYS A 141 -9.25 11.52 4.38
N ASP A 142 -9.50 11.73 3.10
CA ASP A 142 -9.38 13.05 2.49
C ASP A 142 -10.72 13.55 1.98
N ALA A 1 -50.59 -13.79 5.71
CA ALA A 1 -49.92 -15.07 5.29
C ALA A 1 -48.48 -15.14 5.81
N HIS A 2 -47.69 -14.08 5.55
CA HIS A 2 -46.28 -14.03 5.99
C HIS A 2 -45.70 -12.62 5.86
N HIS A 3 -44.52 -12.41 6.45
CA HIS A 3 -43.85 -11.10 6.40
C HIS A 3 -42.34 -11.25 6.12
N HIS A 4 -41.58 -10.17 6.30
CA HIS A 4 -40.13 -10.18 6.04
C HIS A 4 -39.43 -8.93 6.56
N HIS A 5 -38.09 -8.92 6.50
CA HIS A 5 -37.27 -7.79 6.97
C HIS A 5 -36.01 -7.62 6.10
N HIS A 6 -35.27 -6.52 6.31
CA HIS A 6 -34.06 -6.25 5.53
C HIS A 6 -33.04 -5.40 6.32
N HIS A 7 -31.81 -5.29 5.76
CA HIS A 7 -30.75 -4.49 6.40
C HIS A 7 -29.84 -3.82 5.35
N VAL A 8 -28.73 -3.22 5.83
CA VAL A 8 -27.77 -2.53 4.96
C VAL A 8 -26.34 -2.63 5.52
N GLY A 9 -25.33 -2.32 4.66
CA GLY A 9 -23.94 -2.38 5.10
C GLY A 9 -23.18 -1.07 4.82
N THR A 10 -21.89 -1.20 4.44
CA THR A 10 -21.02 -0.05 4.13
C THR A 10 -19.55 -0.35 4.51
N GLN A 11 -18.70 -0.43 3.49
CA GLN A 11 -17.26 -0.70 3.68
C GLN A 11 -16.58 0.41 4.49
N ALA A 12 -15.36 0.16 4.95
CA ALA A 12 -14.59 1.13 5.74
C ALA A 12 -13.39 1.69 4.98
N PHE A 13 -12.57 0.80 4.43
CA PHE A 13 -11.35 1.19 3.71
C PHE A 13 -11.61 2.14 2.53
N ASP A 14 -12.77 2.02 1.89
CA ASP A 14 -13.12 2.86 0.74
C ASP A 14 -13.14 4.36 1.09
N SER A 15 -11.95 4.96 1.21
CA SER A 15 -11.86 6.39 1.54
C SER A 15 -10.64 7.05 0.89
N THR A 16 -10.38 8.29 1.29
CA THR A 16 -9.23 9.06 0.77
C THR A 16 -8.34 9.45 1.94
N TRP A 17 -7.22 8.75 2.09
CA TRP A 17 -6.27 9.03 3.17
C TRP A 17 -4.94 9.53 2.64
N LYS A 18 -4.50 10.66 3.18
CA LYS A 18 -3.23 11.28 2.78
C LYS A 18 -2.15 11.01 3.82
N VAL A 19 -0.88 11.01 3.39
CA VAL A 19 0.22 10.77 4.31
C VAL A 19 0.16 11.76 5.46
N ASP A 20 -0.01 11.23 6.65
CA ASP A 20 -0.07 12.05 7.84
C ASP A 20 1.16 11.82 8.71
N ARG A 21 1.77 10.63 8.57
CA ARG A 21 2.95 10.29 9.35
C ARG A 21 3.55 8.96 8.92
N SER A 22 4.73 8.66 9.46
CA SER A 22 5.43 7.41 9.16
C SER A 22 6.45 7.10 10.26
N GLU A 23 6.84 5.83 10.34
CA GLU A 23 7.80 5.40 11.35
C GLU A 23 8.82 4.44 10.76
N ASN A 24 10.09 4.71 11.03
CA ASN A 24 11.20 3.86 10.57
C ASN A 24 11.53 4.08 9.08
N TYR A 25 10.83 5.01 8.42
CA TYR A 25 11.08 5.29 7.01
C TYR A 25 12.56 5.46 6.71
N ASP A 26 13.26 6.11 7.66
CA ASP A 26 14.69 6.36 7.51
C ASP A 26 15.49 5.09 7.20
N LYS A 27 15.22 4.03 7.97
CA LYS A 27 15.91 2.75 7.80
C LYS A 27 15.66 2.16 6.41
N PHE A 28 14.41 2.24 5.94
CA PHE A 28 14.05 1.70 4.63
C PHE A 28 14.79 2.45 3.51
N MET A 29 14.83 3.78 3.60
CA MET A 29 15.52 4.60 2.60
C MET A 29 17.01 4.32 2.67
N GLU A 30 17.58 4.43 3.88
CA GLU A 30 19.00 4.20 4.08
C GLU A 30 19.41 2.78 3.64
N LYS A 31 18.53 1.81 3.85
CA LYS A 31 18.81 0.42 3.46
C LYS A 31 18.87 0.27 1.95
N MET A 32 17.87 0.82 1.25
CA MET A 32 17.80 0.76 -0.20
C MET A 32 19.05 1.39 -0.84
N GLY A 33 19.69 2.31 -0.10
CA GLY A 33 20.88 2.99 -0.58
C GLY A 33 20.54 4.29 -1.30
N VAL A 34 19.44 4.92 -0.88
CA VAL A 34 18.97 6.17 -1.47
C VAL A 34 19.89 7.33 -1.11
N ASN A 35 19.99 8.30 -2.02
CA ASN A 35 20.82 9.48 -1.83
C ASN A 35 20.05 10.56 -1.06
N ILE A 36 20.78 11.40 -0.34
CA ILE A 36 20.19 12.47 0.45
C ILE A 36 19.14 13.26 -0.36
N VAL A 37 19.48 13.60 -1.60
CA VAL A 37 18.57 14.34 -2.48
C VAL A 37 17.32 13.51 -2.79
N LYS A 38 17.52 12.22 -3.04
CA LYS A 38 16.43 11.31 -3.33
C LYS A 38 15.56 11.13 -2.08
N ARG A 39 16.20 11.06 -0.91
CA ARG A 39 15.50 10.91 0.35
C ARG A 39 14.71 12.18 0.71
N LYS A 40 15.06 13.30 0.06
CA LYS A 40 14.39 14.58 0.31
C LYS A 40 12.97 14.60 -0.25
N LEU A 41 12.83 14.28 -1.55
CA LEU A 41 11.50 14.28 -2.15
C LEU A 41 10.73 12.99 -1.88
N ALA A 42 11.44 11.87 -1.74
CA ALA A 42 10.80 10.59 -1.46
C ALA A 42 10.26 10.55 -0.02
N ALA A 43 10.63 11.55 0.78
CA ALA A 43 10.17 11.65 2.16
C ALA A 43 9.06 12.70 2.28
N HIS A 44 9.22 13.79 1.52
CA HIS A 44 8.24 14.87 1.47
C HIS A 44 7.49 14.84 0.15
N ASP A 45 7.15 13.62 -0.28
CA ASP A 45 6.44 13.41 -1.54
C ASP A 45 4.95 13.73 -1.40
N ASN A 46 4.43 13.61 -0.17
CA ASN A 46 3.00 13.88 0.09
C ASN A 46 2.15 12.84 -0.63
N LEU A 47 2.43 11.58 -0.35
CA LEU A 47 1.72 10.47 -0.96
C LEU A 47 0.23 10.47 -0.59
N LYS A 48 -0.61 10.76 -1.58
CA LYS A 48 -2.06 10.77 -1.37
C LYS A 48 -2.65 9.45 -1.82
N LEU A 49 -3.49 8.85 -0.98
CA LEU A 49 -4.09 7.55 -1.29
C LEU A 49 -5.62 7.61 -1.33
N THR A 50 -6.18 6.92 -2.32
CA THR A 50 -7.63 6.83 -2.49
C THR A 50 -8.00 5.38 -2.68
N ILE A 51 -8.72 4.84 -1.69
CA ILE A 51 -9.11 3.45 -1.71
C ILE A 51 -10.51 3.24 -2.30
N THR A 52 -10.58 2.41 -3.33
CA THR A 52 -11.84 2.08 -4.00
C THR A 52 -11.76 0.66 -4.58
N GLN A 53 -12.68 -0.22 -4.16
CA GLN A 53 -12.68 -1.62 -4.61
C GLN A 53 -14.04 -2.08 -5.10
N GLU A 54 -14.02 -3.00 -6.07
CA GLU A 54 -15.23 -3.58 -6.63
C GLU A 54 -15.07 -5.09 -6.76
N GLY A 55 -15.17 -5.76 -5.62
CA GLY A 55 -15.02 -7.20 -5.58
C GLY A 55 -13.67 -7.65 -5.11
N ASN A 56 -13.00 -8.40 -5.95
CA ASN A 56 -11.67 -8.91 -5.66
C ASN A 56 -10.64 -8.14 -6.48
N LYS A 57 -11.04 -6.95 -6.94
CA LYS A 57 -10.17 -6.09 -7.72
C LYS A 57 -10.17 -4.70 -7.13
N PHE A 58 -9.08 -4.35 -6.47
CA PHE A 58 -8.96 -3.05 -5.81
C PHE A 58 -8.24 -2.05 -6.69
N THR A 59 -8.63 -0.79 -6.56
CA THR A 59 -8.00 0.30 -7.31
C THR A 59 -7.68 1.45 -6.38
N VAL A 60 -6.38 1.72 -6.21
CA VAL A 60 -5.95 2.79 -5.35
C VAL A 60 -5.11 3.81 -6.13
N LYS A 61 -5.38 5.09 -5.88
CA LYS A 61 -4.67 6.17 -6.56
C LYS A 61 -3.62 6.79 -5.64
N GLU A 62 -2.37 6.79 -6.10
CA GLU A 62 -1.26 7.35 -5.33
C GLU A 62 -0.56 8.47 -6.11
N SER A 63 -0.55 9.67 -5.52
CA SER A 63 0.09 10.82 -6.14
C SER A 63 1.31 11.27 -5.35
N SER A 64 2.39 11.58 -6.06
CA SER A 64 3.63 12.03 -5.43
C SER A 64 4.08 13.38 -5.99
N ALA A 65 5.18 13.90 -5.46
CA ALA A 65 5.72 15.19 -5.90
C ALA A 65 6.33 15.12 -7.29
N PHE A 66 6.84 13.94 -7.68
CA PHE A 66 7.47 13.78 -9.01
C PHE A 66 6.63 12.95 -9.99
N ARG A 67 5.49 12.41 -9.54
CA ARG A 67 4.63 11.61 -10.42
C ARG A 67 3.29 11.27 -9.75
N ASN A 68 2.41 10.60 -10.50
CA ASN A 68 1.10 10.19 -9.98
C ASN A 68 0.43 9.22 -10.94
N ILE A 69 0.00 8.05 -10.41
CA ILE A 69 -0.65 7.04 -11.23
C ILE A 69 -1.69 6.22 -10.44
N GLU A 70 -2.45 5.40 -11.17
CA GLU A 70 -3.47 4.53 -10.57
C GLU A 70 -3.08 3.07 -10.77
N VAL A 71 -3.15 2.27 -9.70
CA VAL A 71 -2.79 0.86 -9.78
C VAL A 71 -3.96 -0.04 -9.36
N VAL A 72 -4.08 -1.18 -10.04
CA VAL A 72 -5.12 -2.15 -9.75
C VAL A 72 -4.53 -3.53 -9.44
N PHE A 73 -5.23 -4.29 -8.59
CA PHE A 73 -4.77 -5.63 -8.21
C PHE A 73 -5.97 -6.57 -8.03
N GLU A 74 -5.69 -7.87 -8.06
CA GLU A 74 -6.72 -8.89 -7.88
C GLU A 74 -6.28 -9.89 -6.82
N LEU A 75 -7.09 -10.05 -5.77
CA LEU A 75 -6.76 -10.97 -4.69
C LEU A 75 -6.41 -12.36 -5.21
N GLY A 76 -5.12 -12.71 -5.13
CA GLY A 76 -4.65 -14.01 -5.59
C GLY A 76 -4.19 -14.05 -7.03
N VAL A 77 -3.93 -12.88 -7.62
CA VAL A 77 -3.48 -12.80 -9.02
C VAL A 77 -2.15 -12.07 -9.12
N THR A 78 -1.07 -12.82 -9.37
CA THR A 78 0.27 -12.25 -9.49
C THR A 78 0.44 -11.47 -10.79
N PHE A 79 1.00 -10.26 -10.69
CA PHE A 79 1.23 -9.41 -11.87
C PHE A 79 2.64 -8.82 -11.85
N ASN A 80 2.96 -8.04 -12.89
CA ASN A 80 4.26 -7.42 -13.00
C ASN A 80 4.16 -5.90 -12.82
N TYR A 81 4.85 -5.38 -11.82
CA TYR A 81 4.84 -3.94 -11.54
C TYR A 81 6.17 -3.31 -11.91
N ASN A 82 6.11 -2.16 -12.58
CA ASN A 82 7.32 -1.46 -12.99
C ASN A 82 7.71 -0.42 -11.96
N LEU A 83 8.95 0.07 -12.04
CA LEU A 83 9.45 1.08 -11.10
C LEU A 83 9.81 2.38 -11.80
N ALA A 84 10.15 3.39 -11.01
CA ALA A 84 10.52 4.70 -11.52
C ALA A 84 11.86 4.69 -12.27
N ASP A 85 12.63 3.59 -12.15
CA ASP A 85 13.93 3.49 -12.81
C ASP A 85 13.93 2.45 -13.94
N GLY A 86 12.89 1.62 -14.01
CA GLY A 86 12.81 0.61 -15.06
C GLY A 86 12.98 -0.81 -14.55
N THR A 87 12.73 -1.03 -13.26
CA THR A 87 12.85 -2.36 -12.67
C THR A 87 11.47 -2.98 -12.48
N GLU A 88 11.29 -4.21 -12.99
CA GLU A 88 10.00 -4.89 -12.87
C GLU A 88 10.04 -5.98 -11.81
N LEU A 89 9.10 -5.91 -10.86
CA LEU A 89 9.00 -6.88 -9.78
C LEU A 89 7.71 -7.69 -9.93
N ARG A 90 7.73 -8.92 -9.44
CA ARG A 90 6.55 -9.78 -9.50
C ARG A 90 5.96 -9.95 -8.11
N GLY A 91 4.80 -9.35 -7.89
CA GLY A 91 4.15 -9.42 -6.59
C GLY A 91 2.69 -9.02 -6.63
N THR A 92 2.03 -9.10 -5.46
CA THR A 92 0.61 -8.73 -5.33
C THR A 92 0.12 -8.91 -3.88
N TRP A 93 -1.20 -8.76 -3.68
CA TRP A 93 -1.80 -8.91 -2.35
C TRP A 93 -2.76 -10.09 -2.29
N SER A 94 -2.85 -10.71 -1.12
CA SER A 94 -3.73 -11.85 -0.91
C SER A 94 -4.08 -11.99 0.56
N LEU A 95 -5.38 -11.93 0.86
CA LEU A 95 -5.86 -12.05 2.22
C LEU A 95 -5.94 -13.51 2.65
N GLU A 96 -5.07 -13.89 3.58
CA GLU A 96 -5.03 -15.25 4.10
C GLU A 96 -5.51 -15.27 5.54
N GLY A 97 -6.43 -16.18 5.84
CA GLY A 97 -6.97 -16.27 7.18
C GLY A 97 -7.79 -15.06 7.54
N ASN A 98 -7.22 -14.23 8.39
CA ASN A 98 -7.85 -12.99 8.83
C ASN A 98 -6.90 -11.79 8.65
N LYS A 99 -5.92 -11.93 7.75
CA LYS A 99 -4.96 -10.85 7.49
C LYS A 99 -4.66 -10.72 5.99
N LEU A 100 -4.28 -9.51 5.57
CA LEU A 100 -3.96 -9.26 4.17
C LEU A 100 -2.46 -9.32 3.93
N ILE A 101 -2.06 -10.27 3.09
CA ILE A 101 -0.66 -10.50 2.75
C ILE A 101 -0.26 -9.79 1.45
N GLY A 102 0.83 -9.04 1.53
CA GLY A 102 1.35 -8.34 0.38
C GLY A 102 2.81 -8.68 0.16
N LYS A 103 3.16 -9.09 -1.05
CA LYS A 103 4.55 -9.46 -1.35
C LYS A 103 4.98 -9.03 -2.75
N PHE A 104 6.22 -8.53 -2.82
CA PHE A 104 6.82 -8.10 -4.08
C PHE A 104 8.31 -8.40 -4.03
N LYS A 105 8.86 -8.98 -5.11
CA LYS A 105 10.28 -9.34 -5.12
C LYS A 105 11.04 -8.77 -6.32
N ARG A 106 12.29 -8.39 -6.06
CA ARG A 106 13.17 -7.85 -7.11
C ARG A 106 13.47 -8.93 -8.15
N THR A 107 13.61 -8.51 -9.41
CA THR A 107 13.89 -9.45 -10.51
C THR A 107 15.40 -9.70 -10.69
N ASP A 108 16.24 -9.06 -9.88
CA ASP A 108 17.69 -9.22 -9.99
C ASP A 108 18.17 -10.45 -9.20
N ASN A 109 17.93 -10.44 -7.88
CA ASN A 109 18.35 -11.55 -7.03
C ASN A 109 17.18 -12.18 -6.27
N GLY A 110 15.96 -11.66 -6.50
CA GLY A 110 14.79 -12.20 -5.83
C GLY A 110 14.62 -11.70 -4.41
N ASN A 111 14.95 -10.43 -4.14
CA ASN A 111 14.81 -9.88 -2.80
C ASN A 111 13.35 -9.84 -2.40
N GLU A 112 12.96 -10.80 -1.56
CA GLU A 112 11.60 -10.92 -1.10
C GLU A 112 11.24 -9.85 -0.07
N LEU A 113 10.30 -9.00 -0.43
CA LEU A 113 9.83 -7.96 0.48
C LEU A 113 8.48 -8.36 1.03
N ASN A 114 8.19 -7.96 2.25
CA ASN A 114 6.93 -8.31 2.87
C ASN A 114 6.16 -7.06 3.27
N THR A 115 4.85 -7.06 3.03
CA THR A 115 4.00 -5.92 3.36
C THR A 115 2.63 -6.38 3.84
N VAL A 116 2.08 -5.67 4.83
CA VAL A 116 0.76 -6.00 5.38
C VAL A 116 -0.16 -4.77 5.41
N ARG A 117 -1.44 -4.97 5.12
CA ARG A 117 -2.41 -3.87 5.10
C ARG A 117 -3.43 -3.98 6.23
N GLU A 118 -3.46 -2.99 7.13
CA GLU A 118 -4.41 -3.01 8.24
C GLU A 118 -4.87 -1.60 8.62
N ILE A 119 -6.01 -1.52 9.31
CA ILE A 119 -6.54 -0.23 9.75
C ILE A 119 -6.61 -0.21 11.27
N ILE A 120 -6.09 0.87 11.86
CA ILE A 120 -6.11 1.04 13.30
C ILE A 120 -6.93 2.25 13.71
N GLY A 121 -7.70 2.11 14.78
CA GLY A 121 -8.54 3.21 15.24
C GLY A 121 -9.35 3.83 14.12
N ASP A 122 -8.91 4.99 13.68
CA ASP A 122 -9.56 5.72 12.60
C ASP A 122 -8.56 6.10 11.49
N GLU A 123 -7.38 5.47 11.49
CA GLU A 123 -6.34 5.75 10.50
C GLU A 123 -5.89 4.48 9.79
N LEU A 124 -5.49 4.62 8.52
CA LEU A 124 -5.03 3.47 7.73
C LEU A 124 -3.52 3.30 7.84
N VAL A 125 -3.09 2.05 7.81
CA VAL A 125 -1.67 1.75 7.90
C VAL A 125 -1.23 0.67 6.94
N GLN A 126 0.03 0.78 6.54
CA GLN A 126 0.67 -0.17 5.64
C GLN A 126 2.11 -0.43 6.11
N THR A 127 2.34 -1.59 6.70
CA THR A 127 3.67 -1.93 7.21
C THR A 127 4.47 -2.77 6.22
N TYR A 128 5.71 -2.35 5.96
CA TYR A 128 6.61 -3.08 5.06
C TYR A 128 7.80 -3.62 5.82
N VAL A 129 8.26 -4.81 5.43
CA VAL A 129 9.41 -5.45 6.05
C VAL A 129 10.50 -5.73 5.02
N TYR A 130 11.66 -5.08 5.18
CA TYR A 130 12.78 -5.24 4.24
C TYR A 130 14.09 -5.57 4.97
N GLU A 131 14.53 -6.82 4.85
CA GLU A 131 15.77 -7.28 5.47
C GLU A 131 15.83 -6.95 6.97
N GLY A 132 14.86 -7.45 7.72
CA GLY A 132 14.82 -7.21 9.16
C GLY A 132 14.49 -5.77 9.52
N VAL A 133 13.79 -5.07 8.63
CA VAL A 133 13.40 -3.69 8.86
C VAL A 133 11.90 -3.52 8.66
N GLU A 134 11.19 -3.22 9.73
CA GLU A 134 9.75 -3.04 9.68
C GLU A 134 9.36 -1.56 9.77
N ALA A 135 9.05 -0.97 8.62
CA ALA A 135 8.65 0.43 8.56
C ALA A 135 7.19 0.53 8.14
N LYS A 136 6.49 1.57 8.59
CA LYS A 136 5.08 1.74 8.25
C LYS A 136 4.73 3.21 8.00
N ARG A 137 3.93 3.43 6.96
CA ARG A 137 3.45 4.76 6.60
C ARG A 137 2.00 4.87 7.02
N ILE A 138 1.71 5.82 7.90
CA ILE A 138 0.35 6.01 8.40
C ILE A 138 -0.36 7.11 7.62
N PHE A 139 -1.47 6.74 7.00
CA PHE A 139 -2.25 7.69 6.22
C PHE A 139 -3.56 8.03 6.92
N LYS A 140 -3.81 9.32 7.09
CA LYS A 140 -5.05 9.78 7.71
C LYS A 140 -5.93 10.42 6.64
N LYS A 141 -7.24 10.22 6.76
CA LYS A 141 -8.18 10.77 5.79
C LYS A 141 -7.87 12.23 5.51
N ASP A 142 -7.94 12.61 4.26
CA ASP A 142 -7.66 13.98 3.88
C ASP A 142 -8.95 14.80 3.78
N ALA A 1 -42.62 -17.56 -5.34
CA ALA A 1 -41.21 -17.12 -5.14
C ALA A 1 -41.15 -15.60 -4.87
N HIS A 2 -41.00 -15.25 -3.58
CA HIS A 2 -40.94 -13.84 -3.17
C HIS A 2 -40.34 -13.70 -1.76
N HIS A 3 -39.81 -12.51 -1.46
CA HIS A 3 -39.20 -12.24 -0.14
C HIS A 3 -38.89 -10.74 0.03
N HIS A 4 -38.58 -10.33 1.26
CA HIS A 4 -38.26 -8.92 1.54
C HIS A 4 -37.46 -8.75 2.84
N HIS A 5 -36.66 -7.68 2.90
CA HIS A 5 -35.82 -7.37 4.07
C HIS A 5 -35.16 -6.00 3.93
N HIS A 6 -34.76 -5.39 5.05
CA HIS A 6 -34.12 -4.07 5.02
C HIS A 6 -33.09 -3.90 6.14
N HIS A 7 -32.06 -3.07 5.87
CA HIS A 7 -30.99 -2.77 6.82
C HIS A 7 -30.01 -1.74 6.24
N VAL A 8 -28.94 -1.43 6.97
CA VAL A 8 -27.94 -0.45 6.52
C VAL A 8 -26.51 -0.83 6.94
N GLY A 9 -25.51 -0.36 6.17
CA GLY A 9 -24.13 -0.64 6.47
C GLY A 9 -23.27 0.63 6.47
N THR A 10 -22.01 0.50 6.03
CA THR A 10 -21.05 1.62 5.95
C THR A 10 -19.62 1.13 6.22
N GLN A 11 -18.79 1.12 5.18
CA GLN A 11 -17.38 0.69 5.29
C GLN A 11 -16.58 1.71 6.12
N ALA A 12 -15.35 1.34 6.51
CA ALA A 12 -14.50 2.21 7.33
C ALA A 12 -13.29 2.74 6.57
N PHE A 13 -12.59 1.86 5.87
CA PHE A 13 -11.38 2.23 5.14
C PHE A 13 -11.64 3.03 3.86
N ASP A 14 -12.87 2.97 3.33
CA ASP A 14 -13.22 3.70 2.11
C ASP A 14 -13.21 5.22 2.35
N SER A 15 -12.02 5.82 2.35
CA SER A 15 -11.90 7.27 2.59
C SER A 15 -10.72 7.86 1.81
N THR A 16 -10.36 9.11 2.16
CA THR A 16 -9.25 9.80 1.53
C THR A 16 -8.27 10.27 2.60
N TRP A 17 -7.11 9.61 2.69
CA TRP A 17 -6.09 9.95 3.66
C TRP A 17 -4.76 10.27 2.99
N LYS A 18 -4.22 11.44 3.33
CA LYS A 18 -2.94 11.89 2.79
C LYS A 18 -1.80 11.61 3.76
N VAL A 19 -0.58 11.53 3.25
CA VAL A 19 0.57 11.27 4.10
C VAL A 19 0.67 12.30 5.20
N ASP A 20 0.39 11.87 6.41
CA ASP A 20 0.45 12.74 7.56
C ASP A 20 1.75 12.54 8.31
N ARG A 21 2.36 11.35 8.13
CA ARG A 21 3.63 11.04 8.79
C ARG A 21 4.10 9.63 8.47
N SER A 22 5.27 9.28 9.01
CA SER A 22 5.87 7.96 8.82
C SER A 22 6.70 7.57 10.04
N GLU A 23 7.09 6.30 10.12
CA GLU A 23 7.89 5.83 11.23
C GLU A 23 8.91 4.78 10.76
N ASN A 24 10.18 5.09 10.95
CA ASN A 24 11.29 4.19 10.58
C ASN A 24 11.59 4.22 9.07
N TYR A 25 10.99 5.17 8.33
CA TYR A 25 11.24 5.27 6.89
C TYR A 25 12.73 5.37 6.57
N ASP A 26 13.47 6.09 7.42
CA ASP A 26 14.89 6.27 7.21
C ASP A 26 15.60 4.93 6.97
N LYS A 27 15.33 3.95 7.84
CA LYS A 27 15.93 2.62 7.71
C LYS A 27 15.47 1.93 6.43
N PHE A 28 14.18 2.05 6.12
CA PHE A 28 13.61 1.43 4.92
C PHE A 28 14.26 2.00 3.65
N MET A 29 14.39 3.32 3.58
CA MET A 29 15.01 3.97 2.41
C MET A 29 16.50 3.68 2.37
N GLU A 30 17.20 3.93 3.48
CA GLU A 30 18.63 3.68 3.55
C GLU A 30 18.95 2.21 3.28
N LYS A 31 18.02 1.33 3.65
CA LYS A 31 18.19 -0.11 3.44
C LYS A 31 18.49 -0.42 1.97
N MET A 32 17.57 -0.02 1.10
CA MET A 32 17.72 -0.23 -0.33
C MET A 32 18.95 0.48 -0.88
N GLY A 33 19.33 1.60 -0.24
CA GLY A 33 20.48 2.37 -0.68
C GLY A 33 20.08 3.64 -1.40
N VAL A 34 18.97 4.24 -0.97
CA VAL A 34 18.46 5.46 -1.59
C VAL A 34 19.36 6.66 -1.30
N ASN A 35 19.61 7.46 -2.34
CA ASN A 35 20.44 8.65 -2.25
C ASN A 35 19.71 9.79 -1.54
N ILE A 36 20.48 10.71 -0.95
CA ILE A 36 19.92 11.86 -0.25
C ILE A 36 18.86 12.58 -1.09
N VAL A 37 19.17 12.79 -2.37
CA VAL A 37 18.23 13.46 -3.28
C VAL A 37 16.99 12.61 -3.50
N LYS A 38 17.17 11.30 -3.61
CA LYS A 38 16.06 10.38 -3.79
C LYS A 38 15.19 10.33 -2.53
N ARG A 39 15.85 10.32 -1.37
CA ARG A 39 15.15 10.29 -0.10
C ARG A 39 14.44 11.61 0.18
N LYS A 40 14.96 12.70 -0.40
CA LYS A 40 14.38 14.02 -0.21
C LYS A 40 12.95 14.11 -0.73
N LEU A 41 12.73 13.75 -1.99
CA LEU A 41 11.39 13.81 -2.55
C LEU A 41 10.58 12.56 -2.23
N ALA A 42 11.22 11.39 -2.18
CA ALA A 42 10.51 10.16 -1.86
C ALA A 42 9.93 10.21 -0.45
N ALA A 43 10.40 11.17 0.36
CA ALA A 43 9.91 11.34 1.73
C ALA A 43 8.93 12.51 1.81
N HIS A 44 9.14 13.52 0.95
CA HIS A 44 8.29 14.71 0.94
C HIS A 44 7.61 14.88 -0.43
N ASP A 45 7.14 13.76 -1.01
CA ASP A 45 6.48 13.80 -2.32
C ASP A 45 4.99 14.15 -2.20
N ASN A 46 4.42 14.00 -0.99
CA ASN A 46 3.01 14.30 -0.76
C ASN A 46 2.11 13.27 -1.42
N LEU A 47 2.37 12.00 -1.13
CA LEU A 47 1.60 10.90 -1.69
C LEU A 47 0.17 10.90 -1.13
N LYS A 48 -0.79 11.32 -1.97
CA LYS A 48 -2.19 11.35 -1.57
C LYS A 48 -2.80 9.97 -1.77
N LEU A 49 -3.58 9.52 -0.79
CA LEU A 49 -4.21 8.20 -0.87
C LEU A 49 -5.73 8.25 -0.80
N THR A 50 -6.35 7.47 -1.67
CA THR A 50 -7.81 7.36 -1.74
C THR A 50 -8.18 5.89 -1.77
N ILE A 51 -9.05 5.50 -0.86
CA ILE A 51 -9.46 4.11 -0.74
C ILE A 51 -10.89 3.89 -1.22
N THR A 52 -11.05 3.06 -2.26
CA THR A 52 -12.36 2.75 -2.81
C THR A 52 -12.36 1.29 -3.31
N GLN A 53 -13.31 0.49 -2.81
CA GLN A 53 -13.38 -0.94 -3.18
C GLN A 53 -14.75 -1.36 -3.67
N GLU A 54 -14.75 -2.42 -4.50
CA GLU A 54 -15.98 -2.99 -5.04
C GLU A 54 -15.85 -4.51 -5.03
N GLY A 55 -16.00 -5.10 -3.85
CA GLY A 55 -15.89 -6.53 -3.69
C GLY A 55 -14.52 -6.97 -3.22
N ASN A 56 -13.90 -7.82 -4.00
CA ASN A 56 -12.58 -8.34 -3.70
C ASN A 56 -11.55 -7.65 -4.59
N LYS A 57 -11.95 -6.49 -5.13
CA LYS A 57 -11.09 -5.71 -6.00
C LYS A 57 -11.05 -4.27 -5.50
N PHE A 58 -9.94 -3.92 -4.88
CA PHE A 58 -9.75 -2.59 -4.33
C PHE A 58 -9.00 -1.69 -5.30
N THR A 59 -9.38 -0.42 -5.30
CA THR A 59 -8.74 0.56 -6.16
C THR A 59 -8.37 1.81 -5.37
N VAL A 60 -7.08 2.05 -5.25
CA VAL A 60 -6.59 3.21 -4.51
C VAL A 60 -5.87 4.17 -5.43
N LYS A 61 -6.28 5.44 -5.37
CA LYS A 61 -5.71 6.49 -6.20
C LYS A 61 -4.60 7.23 -5.46
N GLU A 62 -3.36 7.03 -5.92
CA GLU A 62 -2.21 7.65 -5.29
C GLU A 62 -1.50 8.60 -6.26
N SER A 63 -1.23 9.82 -5.81
CA SER A 63 -0.55 10.82 -6.62
C SER A 63 0.57 11.49 -5.80
N SER A 64 1.71 11.75 -6.45
CA SER A 64 2.84 12.36 -5.77
C SER A 64 3.45 13.51 -6.58
N ALA A 65 4.63 13.96 -6.17
CA ALA A 65 5.32 15.08 -6.82
C ALA A 65 5.88 14.73 -8.21
N PHE A 66 6.40 13.50 -8.38
CA PHE A 66 6.98 13.12 -9.68
C PHE A 66 6.14 12.11 -10.46
N ARG A 67 5.05 11.61 -9.88
CA ARG A 67 4.20 10.65 -10.58
C ARG A 67 2.89 10.39 -9.84
N ASN A 68 1.85 10.02 -10.59
CA ASN A 68 0.54 9.74 -10.03
C ASN A 68 -0.16 8.62 -10.83
N ILE A 69 -0.61 7.58 -10.14
CA ILE A 69 -1.28 6.47 -10.81
C ILE A 69 -2.29 5.76 -9.90
N GLU A 70 -3.15 4.95 -10.51
CA GLU A 70 -4.17 4.18 -9.79
C GLU A 70 -3.84 2.69 -9.85
N VAL A 71 -4.07 2.00 -8.74
CA VAL A 71 -3.79 0.56 -8.68
C VAL A 71 -5.03 -0.25 -8.28
N VAL A 72 -5.27 -1.34 -9.01
CA VAL A 72 -6.42 -2.20 -8.74
C VAL A 72 -5.99 -3.67 -8.63
N PHE A 73 -6.13 -4.24 -7.44
CA PHE A 73 -5.75 -5.62 -7.19
C PHE A 73 -6.96 -6.49 -6.85
N GLU A 74 -6.71 -7.76 -6.52
CA GLU A 74 -7.77 -8.68 -6.15
C GLU A 74 -7.31 -9.58 -5.02
N LEU A 75 -8.08 -9.63 -3.94
CA LEU A 75 -7.72 -10.47 -2.80
C LEU A 75 -7.62 -11.93 -3.21
N GLY A 76 -6.39 -12.43 -3.26
CA GLY A 76 -6.16 -13.81 -3.63
C GLY A 76 -5.76 -13.99 -5.10
N VAL A 77 -5.53 -12.89 -5.81
CA VAL A 77 -5.14 -12.95 -7.22
C VAL A 77 -3.81 -12.25 -7.46
N THR A 78 -2.79 -13.05 -7.81
CA THR A 78 -1.44 -12.51 -8.06
C THR A 78 -1.35 -11.83 -9.42
N PHE A 79 -0.56 -10.75 -9.47
CA PHE A 79 -0.36 -10.00 -10.70
C PHE A 79 1.07 -9.44 -10.78
N ASN A 80 1.43 -8.90 -11.93
CA ASN A 80 2.75 -8.34 -12.15
C ASN A 80 2.73 -6.81 -12.02
N TYR A 81 3.59 -6.28 -11.15
CA TYR A 81 3.68 -4.85 -10.92
C TYR A 81 5.06 -4.33 -11.35
N ASN A 82 5.11 -3.08 -11.84
CA ASN A 82 6.35 -2.49 -12.30
C ASN A 82 6.82 -1.38 -11.36
N LEU A 83 8.14 -1.31 -11.14
CA LEU A 83 8.73 -0.30 -10.27
C LEU A 83 8.99 1.00 -11.04
N ALA A 84 9.72 1.93 -10.41
CA ALA A 84 10.03 3.22 -11.02
C ALA A 84 11.20 3.11 -12.03
N ASP A 85 11.93 1.99 -12.00
CA ASP A 85 13.06 1.80 -12.91
C ASP A 85 12.81 0.72 -13.98
N GLY A 86 11.72 -0.03 -13.83
CA GLY A 86 11.41 -1.07 -14.80
C GLY A 86 11.37 -2.46 -14.18
N THR A 87 11.95 -2.62 -12.99
CA THR A 87 11.97 -3.92 -12.30
C THR A 87 10.55 -4.46 -12.11
N GLU A 88 10.35 -5.73 -12.44
CA GLU A 88 9.04 -6.35 -12.31
C GLU A 88 9.01 -7.34 -11.15
N LEU A 89 8.01 -7.18 -10.27
CA LEU A 89 7.85 -8.07 -9.12
C LEU A 89 6.52 -8.81 -9.23
N ARG A 90 6.45 -9.96 -8.58
CA ARG A 90 5.23 -10.77 -8.57
C ARG A 90 4.71 -10.87 -7.15
N GLY A 91 3.53 -10.30 -6.91
CA GLY A 91 2.96 -10.32 -5.57
C GLY A 91 1.55 -9.76 -5.50
N THR A 92 0.99 -9.74 -4.29
CA THR A 92 -0.36 -9.22 -4.05
C THR A 92 -0.72 -9.31 -2.56
N TRP A 93 -1.99 -9.08 -2.24
CA TRP A 93 -2.45 -9.14 -0.86
C TRP A 93 -3.48 -10.26 -0.67
N SER A 94 -3.68 -10.66 0.57
CA SER A 94 -4.63 -11.71 0.92
C SER A 94 -4.85 -11.76 2.42
N LEU A 95 -6.10 -11.63 2.83
CA LEU A 95 -6.43 -11.66 4.25
C LEU A 95 -6.36 -13.09 4.76
N GLU A 96 -5.72 -13.26 5.92
CA GLU A 96 -5.57 -14.57 6.53
C GLU A 96 -5.92 -14.51 8.01
N GLY A 97 -6.79 -15.41 8.44
CA GLY A 97 -7.22 -15.43 9.82
C GLY A 97 -7.99 -14.19 10.17
N ASN A 98 -7.31 -13.30 10.86
CA ASN A 98 -7.89 -12.03 11.29
C ASN A 98 -7.02 -10.84 10.87
N LYS A 99 -6.13 -11.04 9.89
CA LYS A 99 -5.26 -9.95 9.44
C LYS A 99 -5.03 -9.98 7.93
N LEU A 100 -4.78 -8.80 7.35
CA LEU A 100 -4.55 -8.67 5.91
C LEU A 100 -3.06 -8.74 5.57
N ILE A 101 -2.72 -9.69 4.70
CA ILE A 101 -1.35 -9.92 4.28
C ILE A 101 -1.05 -9.32 2.91
N GLY A 102 0.14 -8.76 2.76
CA GLY A 102 0.59 -8.18 1.49
C GLY A 102 2.02 -8.58 1.21
N LYS A 103 2.25 -9.32 0.14
CA LYS A 103 3.59 -9.78 -0.19
C LYS A 103 3.97 -9.61 -1.66
N PHE A 104 5.19 -9.14 -1.88
CA PHE A 104 5.75 -8.97 -3.21
C PHE A 104 7.22 -9.37 -3.21
N LYS A 105 7.69 -9.99 -4.29
CA LYS A 105 9.08 -10.44 -4.35
C LYS A 105 9.82 -9.93 -5.59
N ARG A 106 11.06 -9.47 -5.38
CA ARG A 106 11.91 -9.02 -6.48
C ARG A 106 12.25 -10.20 -7.39
N THR A 107 12.32 -9.95 -8.69
CA THR A 107 12.65 -11.01 -9.64
C THR A 107 14.17 -11.19 -9.81
N ASP A 108 14.95 -10.36 -9.10
CA ASP A 108 16.41 -10.43 -9.17
C ASP A 108 16.94 -11.60 -8.34
N ASN A 109 16.74 -11.53 -7.03
CA ASN A 109 17.19 -12.57 -6.12
C ASN A 109 16.03 -13.18 -5.31
N GLY A 110 14.83 -12.58 -5.42
CA GLY A 110 13.69 -13.11 -4.70
C GLY A 110 13.53 -12.52 -3.31
N ASN A 111 13.84 -11.23 -3.14
CA ASN A 111 13.71 -10.59 -1.83
C ASN A 111 12.25 -10.56 -1.41
N GLU A 112 11.93 -11.29 -0.35
CA GLU A 112 10.57 -11.37 0.15
C GLU A 112 10.22 -10.20 1.06
N LEU A 113 9.29 -9.36 0.60
CA LEU A 113 8.84 -8.22 1.40
C LEU A 113 7.49 -8.54 1.98
N ASN A 114 7.25 -8.08 3.20
CA ASN A 114 5.98 -8.35 3.85
C ASN A 114 5.34 -7.07 4.35
N THR A 115 4.06 -6.88 4.00
CA THR A 115 3.32 -5.69 4.41
C THR A 115 1.94 -6.05 4.95
N VAL A 116 1.49 -5.28 5.94
CA VAL A 116 0.18 -5.51 6.56
C VAL A 116 -0.66 -4.22 6.60
N ARG A 117 -1.99 -4.36 6.46
CA ARG A 117 -2.89 -3.20 6.48
C ARG A 117 -3.74 -3.17 7.75
N GLU A 118 -3.68 -2.06 8.51
CA GLU A 118 -4.47 -1.94 9.73
C GLU A 118 -4.79 -0.48 10.04
N ILE A 119 -5.83 -0.26 10.83
CA ILE A 119 -6.21 1.10 11.22
C ILE A 119 -6.06 1.27 12.73
N ILE A 120 -5.42 2.36 13.14
CA ILE A 120 -5.21 2.64 14.57
C ILE A 120 -5.90 3.91 14.99
N GLY A 121 -6.75 3.81 16.01
CA GLY A 121 -7.47 4.98 16.49
C GLY A 121 -8.33 5.61 15.42
N ASP A 122 -7.88 6.76 14.94
CA ASP A 122 -8.59 7.49 13.90
C ASP A 122 -7.67 7.83 12.72
N GLU A 123 -6.65 6.98 12.50
CA GLU A 123 -5.69 7.18 11.41
C GLU A 123 -5.37 5.84 10.73
N LEU A 124 -5.08 5.87 9.43
CA LEU A 124 -4.76 4.65 8.68
C LEU A 124 -3.27 4.35 8.70
N VAL A 125 -2.94 3.07 8.74
CA VAL A 125 -1.56 2.64 8.75
C VAL A 125 -1.30 1.44 7.86
N GLN A 126 -0.10 1.40 7.32
CA GLN A 126 0.37 0.33 6.44
C GLN A 126 1.83 0.01 6.76
N THR A 127 2.05 -1.07 7.50
CA THR A 127 3.42 -1.47 7.89
C THR A 127 4.06 -2.38 6.84
N TYR A 128 5.36 -2.16 6.61
CA TYR A 128 6.13 -2.96 5.65
C TYR A 128 7.41 -3.46 6.30
N VAL A 129 7.77 -4.69 6.00
CA VAL A 129 8.99 -5.30 6.54
C VAL A 129 9.98 -5.66 5.43
N TYR A 130 11.20 -5.11 5.53
CA TYR A 130 12.24 -5.38 4.54
C TYR A 130 13.54 -5.83 5.21
N GLU A 131 13.79 -7.15 5.15
CA GLU A 131 14.99 -7.76 5.72
C GLU A 131 15.28 -7.27 7.15
N GLY A 132 14.35 -7.54 8.06
CA GLY A 132 14.52 -7.15 9.46
C GLY A 132 14.30 -5.65 9.70
N VAL A 133 13.60 -4.99 8.78
CA VAL A 133 13.31 -3.56 8.90
C VAL A 133 11.84 -3.29 8.67
N GLU A 134 11.08 -3.20 9.77
CA GLU A 134 9.65 -2.96 9.71
C GLU A 134 9.33 -1.47 9.86
N ALA A 135 9.01 -0.83 8.73
CA ALA A 135 8.66 0.59 8.70
C ALA A 135 7.21 0.78 8.29
N LYS A 136 6.59 1.88 8.71
CA LYS A 136 5.18 2.13 8.37
C LYS A 136 4.90 3.61 8.06
N ARG A 137 3.96 3.82 7.16
CA ARG A 137 3.51 5.16 6.77
C ARG A 137 2.13 5.42 7.33
N ILE A 138 1.99 6.47 8.13
CA ILE A 138 0.70 6.80 8.75
C ILE A 138 -0.02 7.87 7.95
N PHE A 139 -1.07 7.45 7.23
CA PHE A 139 -1.85 8.38 6.42
C PHE A 139 -3.10 8.83 7.16
N LYS A 140 -3.27 10.14 7.26
CA LYS A 140 -4.44 10.71 7.90
C LYS A 140 -5.32 11.37 6.86
N LYS A 141 -6.63 11.36 7.10
CA LYS A 141 -7.59 11.96 6.18
C LYS A 141 -7.10 13.30 5.66
N ASP A 142 -7.47 13.59 4.42
CA ASP A 142 -7.09 14.86 3.80
C ASP A 142 -8.31 15.76 3.62
N ALA A 1 -50.49 -14.29 13.09
CA ALA A 1 -49.71 -13.08 12.68
C ALA A 1 -48.24 -13.43 12.47
N HIS A 2 -47.72 -13.11 11.27
CA HIS A 2 -46.32 -13.39 10.94
C HIS A 2 -45.67 -12.20 10.23
N HIS A 3 -44.38 -12.32 9.95
CA HIS A 3 -43.64 -11.24 9.27
C HIS A 3 -42.38 -11.76 8.56
N HIS A 4 -41.53 -10.84 8.09
CA HIS A 4 -40.29 -11.20 7.38
C HIS A 4 -39.10 -10.38 7.90
N HIS A 5 -37.96 -10.48 7.20
CA HIS A 5 -36.74 -9.76 7.59
C HIS A 5 -35.78 -9.61 6.41
N HIS A 6 -34.80 -8.68 6.55
CA HIS A 6 -33.81 -8.43 5.49
C HIS A 6 -32.69 -7.50 6.00
N HIS A 7 -31.52 -7.56 5.35
CA HIS A 7 -30.37 -6.72 5.75
C HIS A 7 -29.55 -6.25 4.54
N VAL A 8 -28.34 -5.73 4.80
CA VAL A 8 -27.45 -5.22 3.75
C VAL A 8 -25.99 -5.17 4.22
N GLY A 9 -25.08 -4.71 3.34
CA GLY A 9 -23.66 -4.61 3.69
C GLY A 9 -23.06 -3.26 3.34
N THR A 10 -21.80 -3.27 2.89
CA THR A 10 -21.04 -2.06 2.50
C THR A 10 -19.57 -2.19 2.92
N GLN A 11 -18.68 -2.34 1.91
CA GLN A 11 -17.24 -2.47 2.15
C GLN A 11 -16.69 -1.26 2.93
N ALA A 12 -15.48 -1.41 3.48
CA ALA A 12 -14.84 -0.34 4.24
C ALA A 12 -13.64 0.26 3.52
N PHE A 13 -12.73 -0.61 3.06
CA PHE A 13 -11.52 -0.16 2.37
C PHE A 13 -11.81 0.62 1.09
N ASP A 14 -12.90 0.28 0.40
CA ASP A 14 -13.26 0.96 -0.86
C ASP A 14 -13.63 2.42 -0.62
N SER A 15 -12.63 3.26 -0.38
CA SER A 15 -12.85 4.68 -0.14
C SER A 15 -11.70 5.54 -0.68
N THR A 16 -11.74 6.85 -0.37
CA THR A 16 -10.69 7.78 -0.80
C THR A 16 -9.93 8.31 0.41
N TRP A 17 -8.67 7.91 0.55
CA TRP A 17 -7.84 8.34 1.67
C TRP A 17 -6.57 9.04 1.17
N LYS A 18 -6.30 10.22 1.73
CA LYS A 18 -5.13 11.02 1.38
C LYS A 18 -4.10 10.96 2.51
N VAL A 19 -2.81 11.04 2.15
CA VAL A 19 -1.76 11.00 3.16
C VAL A 19 -2.04 12.03 4.25
N ASP A 20 -2.27 11.55 5.45
CA ASP A 20 -2.55 12.41 6.57
C ASP A 20 -1.41 12.36 7.58
N ARG A 21 -0.55 11.33 7.47
CA ARG A 21 0.57 11.18 8.37
C ARG A 21 1.43 9.96 8.02
N SER A 22 2.55 9.83 8.71
CA SER A 22 3.48 8.71 8.49
C SER A 22 4.27 8.42 9.77
N GLU A 23 4.90 7.25 9.82
CA GLU A 23 5.69 6.86 10.98
C GLU A 23 6.94 6.08 10.57
N ASN A 24 8.10 6.56 11.01
CA ASN A 24 9.39 5.91 10.72
C ASN A 24 9.79 6.05 9.24
N TYR A 25 9.07 6.86 8.47
CA TYR A 25 9.39 7.05 7.05
C TYR A 25 10.83 7.51 6.85
N ASP A 26 11.34 8.26 7.81
CA ASP A 26 12.68 8.81 7.73
C ASP A 26 13.74 7.73 7.46
N LYS A 27 13.79 6.69 8.30
CA LYS A 27 14.77 5.61 8.14
C LYS A 27 14.60 4.85 6.83
N PHE A 28 13.35 4.60 6.44
CA PHE A 28 13.05 3.86 5.21
C PHE A 28 13.83 4.43 4.01
N MET A 29 13.94 5.75 3.93
CA MET A 29 14.65 6.40 2.83
C MET A 29 16.17 6.25 2.99
N GLU A 30 16.67 6.60 4.18
CA GLU A 30 18.10 6.51 4.47
C GLU A 30 18.62 5.10 4.17
N LYS A 31 17.80 4.09 4.48
CA LYS A 31 18.16 2.69 4.25
C LYS A 31 18.62 2.45 2.83
N MET A 32 17.78 2.80 1.87
CA MET A 32 18.09 2.62 0.45
C MET A 32 19.27 3.48 0.00
N GLY A 33 19.47 4.61 0.67
CA GLY A 33 20.56 5.52 0.31
C GLY A 33 20.08 6.64 -0.61
N VAL A 34 18.82 7.06 -0.40
CA VAL A 34 18.20 8.11 -1.20
C VAL A 34 18.85 9.47 -0.96
N ASN A 35 19.05 10.21 -2.04
CA ASN A 35 19.66 11.54 -1.97
C ASN A 35 18.78 12.51 -1.18
N ILE A 36 19.41 13.50 -0.57
CA ILE A 36 18.68 14.50 0.22
C ILE A 36 17.53 15.12 -0.57
N VAL A 37 17.77 15.43 -1.84
CA VAL A 37 16.75 16.03 -2.70
C VAL A 37 15.68 14.98 -3.05
N LYS A 38 16.11 13.74 -3.23
CA LYS A 38 15.22 12.65 -3.56
C LYS A 38 14.27 12.38 -2.39
N ARG A 39 14.81 12.50 -1.17
CA ARG A 39 14.02 12.30 0.05
C ARG A 39 13.06 13.47 0.27
N LYS A 40 13.32 14.61 -0.37
CA LYS A 40 12.48 15.79 -0.23
C LYS A 40 11.10 15.59 -0.86
N LEU A 41 11.04 15.20 -2.13
CA LEU A 41 9.75 15.00 -2.78
C LEU A 41 9.06 13.70 -2.36
N ALA A 42 9.85 12.66 -2.11
CA ALA A 42 9.30 11.37 -1.70
C ALA A 42 8.68 11.45 -0.30
N ALA A 43 8.97 12.55 0.42
CA ALA A 43 8.43 12.76 1.77
C ALA A 43 7.25 13.72 1.72
N HIS A 44 7.32 14.71 0.84
CA HIS A 44 6.27 15.70 0.66
C HIS A 44 5.61 15.50 -0.71
N ASP A 45 5.39 14.23 -1.05
CA ASP A 45 4.78 13.88 -2.33
C ASP A 45 3.27 14.08 -2.32
N ASN A 46 2.66 14.00 -1.12
CA ASN A 46 1.22 14.16 -0.98
C ASN A 46 0.46 13.02 -1.65
N LEU A 47 0.94 11.79 -1.41
CA LEU A 47 0.34 10.59 -1.99
C LEU A 47 -1.17 10.53 -1.74
N LYS A 48 -1.93 10.50 -2.84
CA LYS A 48 -3.39 10.42 -2.77
C LYS A 48 -3.82 8.99 -3.11
N LEU A 49 -4.56 8.34 -2.23
CA LEU A 49 -4.99 6.96 -2.46
C LEU A 49 -6.50 6.79 -2.58
N THR A 50 -6.89 5.97 -3.55
CA THR A 50 -8.29 5.64 -3.79
C THR A 50 -8.40 4.13 -3.92
N ILE A 51 -9.31 3.56 -3.14
CA ILE A 51 -9.47 2.11 -3.12
C ILE A 51 -10.80 1.65 -3.73
N THR A 52 -10.71 0.71 -4.66
CA THR A 52 -11.88 0.13 -5.33
C THR A 52 -11.59 -1.32 -5.74
N GLN A 53 -12.37 -2.26 -5.21
CA GLN A 53 -12.17 -3.69 -5.51
C GLN A 53 -13.41 -4.32 -6.13
N GLU A 54 -13.17 -5.30 -7.00
CA GLU A 54 -14.24 -6.04 -7.66
C GLU A 54 -13.88 -7.51 -7.69
N GLY A 55 -14.02 -8.16 -6.54
CA GLY A 55 -13.69 -9.57 -6.41
C GLY A 55 -12.38 -9.80 -5.73
N ASN A 56 -11.52 -10.53 -6.42
CA ASN A 56 -10.19 -10.84 -5.93
C ASN A 56 -9.15 -10.00 -6.67
N LYS A 57 -9.63 -8.89 -7.24
CA LYS A 57 -8.79 -7.95 -7.96
C LYS A 57 -9.00 -6.56 -7.41
N PHE A 58 -7.91 -5.86 -7.16
CA PHE A 58 -7.98 -4.53 -6.60
C PHE A 58 -7.24 -3.51 -7.45
N THR A 59 -7.82 -2.33 -7.58
CA THR A 59 -7.21 -1.26 -8.34
C THR A 59 -7.25 0.04 -7.57
N VAL A 60 -6.08 0.50 -7.16
CA VAL A 60 -5.96 1.75 -6.40
C VAL A 60 -5.19 2.79 -7.20
N LYS A 61 -5.62 4.05 -7.07
CA LYS A 61 -4.98 5.15 -7.76
C LYS A 61 -4.11 5.95 -6.81
N GLU A 62 -2.82 6.10 -7.15
CA GLU A 62 -1.88 6.85 -6.32
C GLU A 62 -1.21 7.96 -7.10
N SER A 63 -1.44 9.20 -6.69
CA SER A 63 -0.85 10.35 -7.35
C SER A 63 0.24 10.98 -6.48
N SER A 64 1.41 11.21 -7.07
CA SER A 64 2.53 11.80 -6.34
C SER A 64 2.87 13.18 -6.88
N ALA A 65 3.85 13.82 -6.25
CA ALA A 65 4.29 15.15 -6.64
C ALA A 65 4.97 15.17 -8.01
N PHE A 66 5.61 14.07 -8.40
CA PHE A 66 6.31 14.00 -9.68
C PHE A 66 5.61 13.09 -10.71
N ARG A 67 4.57 12.36 -10.30
CA ARG A 67 3.86 11.48 -11.24
C ARG A 67 2.53 10.98 -10.65
N ASN A 68 1.75 10.31 -11.50
CA ASN A 68 0.45 9.76 -11.10
C ASN A 68 0.11 8.55 -11.97
N ILE A 69 -0.21 7.42 -11.33
CA ILE A 69 -0.56 6.20 -12.07
C ILE A 69 -1.56 5.32 -11.29
N GLU A 70 -2.01 4.26 -11.94
CA GLU A 70 -2.96 3.32 -11.34
C GLU A 70 -2.31 1.95 -11.17
N VAL A 71 -2.55 1.31 -10.03
CA VAL A 71 -1.99 0.00 -9.74
C VAL A 71 -3.09 -1.04 -9.57
N VAL A 72 -2.83 -2.26 -10.06
CA VAL A 72 -3.80 -3.35 -9.94
C VAL A 72 -3.12 -4.63 -9.43
N PHE A 73 -3.90 -5.45 -8.71
CA PHE A 73 -3.39 -6.70 -8.16
C PHE A 73 -4.50 -7.74 -8.04
N GLU A 74 -4.10 -8.99 -7.80
CA GLU A 74 -5.03 -10.10 -7.62
C GLU A 74 -4.53 -10.99 -6.50
N LEU A 75 -5.39 -11.26 -5.51
CA LEU A 75 -4.99 -12.11 -4.38
C LEU A 75 -4.45 -13.45 -4.85
N GLY A 76 -3.14 -13.62 -4.73
CA GLY A 76 -2.51 -14.87 -5.12
C GLY A 76 -2.02 -14.90 -6.58
N VAL A 77 -1.87 -13.73 -7.19
CA VAL A 77 -1.41 -13.64 -8.57
C VAL A 77 -0.14 -12.80 -8.67
N THR A 78 1.01 -13.45 -8.85
CA THR A 78 2.29 -12.74 -8.93
C THR A 78 2.42 -11.97 -10.25
N PHE A 79 2.87 -10.73 -10.16
CA PHE A 79 3.05 -9.89 -11.34
C PHE A 79 4.35 -9.09 -11.25
N ASN A 80 4.79 -8.52 -12.37
CA ASN A 80 6.00 -7.73 -12.41
C ASN A 80 5.69 -6.24 -12.29
N TYR A 81 6.22 -5.60 -11.26
CA TYR A 81 6.00 -4.18 -11.03
C TYR A 81 7.26 -3.39 -11.32
N ASN A 82 7.12 -2.23 -11.97
CA ASN A 82 8.26 -1.39 -12.32
C ASN A 82 8.32 -0.15 -11.45
N LEU A 83 9.54 0.35 -11.24
CA LEU A 83 9.78 1.54 -10.43
C LEU A 83 9.95 2.79 -11.30
N ALA A 84 10.46 3.87 -10.71
CA ALA A 84 10.69 5.11 -11.43
C ALA A 84 12.09 5.16 -12.04
N ASP A 85 12.88 4.11 -11.82
CA ASP A 85 14.25 4.05 -12.34
C ASP A 85 14.44 2.92 -13.35
N GLY A 86 13.35 2.21 -13.69
CA GLY A 86 13.44 1.12 -14.64
C GLY A 86 13.49 -0.25 -13.98
N THR A 87 13.84 -0.29 -12.68
CA THR A 87 13.92 -1.54 -11.94
C THR A 87 12.54 -2.17 -11.80
N GLU A 88 12.48 -3.49 -11.90
CA GLU A 88 11.22 -4.21 -11.78
C GLU A 88 11.32 -5.28 -10.68
N LEU A 89 10.26 -5.41 -9.89
CA LEU A 89 10.24 -6.40 -8.81
C LEU A 89 9.10 -7.39 -9.00
N ARG A 90 9.32 -8.62 -8.54
CA ARG A 90 8.29 -9.65 -8.62
C ARG A 90 7.63 -9.79 -7.27
N GLY A 91 6.41 -9.28 -7.16
CA GLY A 91 5.69 -9.32 -5.90
C GLY A 91 4.19 -9.12 -6.06
N THR A 92 3.48 -9.17 -4.94
CA THR A 92 2.02 -8.98 -4.92
C THR A 92 1.49 -9.08 -3.49
N TRP A 93 0.17 -9.17 -3.36
CA TRP A 93 -0.47 -9.29 -2.07
C TRP A 93 -1.24 -10.61 -1.96
N SER A 94 -1.23 -11.21 -0.78
CA SER A 94 -1.91 -12.48 -0.54
C SER A 94 -2.36 -12.58 0.91
N LEU A 95 -3.67 -12.72 1.12
CA LEU A 95 -4.23 -12.81 2.45
C LEU A 95 -4.18 -14.24 2.98
N GLU A 96 -3.77 -14.37 4.24
CA GLU A 96 -3.69 -15.66 4.91
C GLU A 96 -4.26 -15.52 6.32
N GLY A 97 -5.17 -16.41 6.67
CA GLY A 97 -5.78 -16.35 7.98
C GLY A 97 -6.61 -15.10 8.16
N ASN A 98 -6.06 -14.17 8.89
CA ASN A 98 -6.72 -12.89 9.17
C ASN A 98 -5.82 -11.70 8.83
N LYS A 99 -4.79 -11.92 8.01
CA LYS A 99 -3.86 -10.85 7.65
C LYS A 99 -3.50 -10.85 6.16
N LEU A 100 -3.28 -9.65 5.62
CA LEU A 100 -2.91 -9.51 4.20
C LEU A 100 -1.40 -9.35 4.05
N ILE A 101 -0.81 -10.28 3.32
CA ILE A 101 0.63 -10.31 3.10
C ILE A 101 1.02 -9.66 1.76
N GLY A 102 1.91 -8.66 1.84
CA GLY A 102 2.40 -8.01 0.65
C GLY A 102 3.90 -8.21 0.52
N LYS A 103 4.32 -8.90 -0.54
CA LYS A 103 5.74 -9.19 -0.72
C LYS A 103 6.24 -8.85 -2.11
N PHE A 104 7.39 -8.15 -2.15
CA PHE A 104 8.04 -7.77 -3.40
C PHE A 104 9.55 -7.90 -3.23
N LYS A 105 10.25 -8.33 -4.29
CA LYS A 105 11.71 -8.51 -4.18
C LYS A 105 12.50 -7.96 -5.38
N ARG A 106 13.65 -7.34 -5.06
CA ARG A 106 14.53 -6.77 -6.09
C ARG A 106 15.07 -7.86 -7.01
N THR A 107 15.32 -7.51 -8.28
CA THR A 107 15.84 -8.47 -9.26
C THR A 107 17.38 -8.54 -9.24
N ASP A 108 18.03 -7.74 -8.39
CA ASP A 108 19.48 -7.73 -8.30
C ASP A 108 19.97 -8.82 -7.35
N ASN A 109 19.68 -8.66 -6.06
CA ASN A 109 20.09 -9.63 -5.06
C ASN A 109 18.89 -10.39 -4.47
N GLY A 110 17.67 -9.91 -4.73
CA GLY A 110 16.49 -10.57 -4.20
C GLY A 110 16.09 -10.02 -2.84
N ASN A 111 16.27 -8.71 -2.65
CA ASN A 111 15.94 -8.06 -1.37
C ASN A 111 14.46 -8.25 -1.05
N GLU A 112 14.19 -9.05 -0.03
CA GLU A 112 12.83 -9.34 0.40
C GLU A 112 12.24 -8.20 1.22
N LEU A 113 11.22 -7.55 0.65
CA LEU A 113 10.52 -6.49 1.36
C LEU A 113 9.21 -7.03 1.85
N ASN A 114 8.77 -6.56 3.00
CA ASN A 114 7.52 -7.03 3.57
C ASN A 114 6.55 -5.87 3.83
N THR A 115 5.31 -6.04 3.40
CA THR A 115 4.29 -5.02 3.60
C THR A 115 2.94 -5.62 3.97
N VAL A 116 2.38 -5.15 5.08
CA VAL A 116 1.08 -5.64 5.56
C VAL A 116 0.03 -4.52 5.49
N ARG A 117 -1.21 -4.87 5.13
CA ARG A 117 -2.26 -3.86 5.02
C ARG A 117 -3.41 -4.11 6.01
N GLU A 118 -3.68 -3.12 6.87
CA GLU A 118 -4.76 -3.24 7.85
C GLU A 118 -5.49 -1.91 8.02
N ILE A 119 -6.56 -1.90 8.81
CA ILE A 119 -7.31 -0.68 9.05
C ILE A 119 -7.68 -0.51 10.52
N ILE A 120 -7.37 0.67 11.05
CA ILE A 120 -7.67 0.99 12.45
C ILE A 120 -8.64 2.16 12.51
N GLY A 121 -9.53 2.13 13.49
CA GLY A 121 -10.50 3.20 13.64
C GLY A 121 -11.20 3.51 12.34
N ASP A 122 -10.89 4.67 11.79
CA ASP A 122 -11.48 5.12 10.54
C ASP A 122 -10.40 5.56 9.52
N GLU A 123 -9.17 5.04 9.69
CA GLU A 123 -8.06 5.40 8.81
C GLU A 123 -7.34 4.15 8.29
N LEU A 124 -6.84 4.21 7.05
CA LEU A 124 -6.13 3.08 6.44
C LEU A 124 -4.64 3.15 6.74
N VAL A 125 -4.03 1.96 6.89
CA VAL A 125 -2.62 1.87 7.18
C VAL A 125 -1.93 0.78 6.37
N GLN A 126 -0.68 1.06 6.01
CA GLN A 126 0.16 0.12 5.28
C GLN A 126 1.58 0.16 5.83
N THR A 127 2.01 -0.92 6.48
CA THR A 127 3.34 -0.98 7.07
C THR A 127 4.31 -1.74 6.17
N TYR A 128 5.47 -1.12 5.91
CA TYR A 128 6.51 -1.73 5.10
C TYR A 128 7.77 -1.95 5.92
N VAL A 129 8.38 -3.10 5.73
CA VAL A 129 9.60 -3.45 6.47
C VAL A 129 10.78 -3.70 5.53
N TYR A 130 11.85 -2.90 5.68
CA TYR A 130 13.03 -3.04 4.85
C TYR A 130 14.30 -3.10 5.70
N GLU A 131 14.93 -4.29 5.73
CA GLU A 131 16.14 -4.51 6.51
C GLU A 131 15.96 -4.12 7.98
N GLY A 132 14.86 -4.57 8.58
CA GLY A 132 14.58 -4.26 9.97
C GLY A 132 13.78 -2.97 10.15
N VAL A 133 13.96 -2.02 9.22
CA VAL A 133 13.26 -0.74 9.29
C VAL A 133 11.77 -0.92 8.96
N GLU A 134 10.94 -0.76 9.98
CA GLU A 134 9.50 -0.88 9.83
C GLU A 134 8.84 0.50 9.82
N ALA A 135 8.46 0.95 8.64
CA ALA A 135 7.80 2.25 8.48
C ALA A 135 6.42 2.09 7.86
N LYS A 136 5.51 2.99 8.20
CA LYS A 136 4.14 2.93 7.68
C LYS A 136 3.56 4.31 7.40
N ARG A 137 2.69 4.37 6.39
CA ARG A 137 2.01 5.61 6.01
C ARG A 137 0.54 5.51 6.38
N ILE A 138 0.05 6.49 7.11
CA ILE A 138 -1.36 6.50 7.53
C ILE A 138 -2.17 7.45 6.65
N PHE A 139 -3.04 6.88 5.84
CA PHE A 139 -3.87 7.68 4.95
C PHE A 139 -5.26 7.85 5.56
N LYS A 140 -5.70 9.10 5.65
CA LYS A 140 -7.02 9.41 6.19
C LYS A 140 -7.96 9.85 5.07
N LYS A 141 -9.22 9.43 5.19
CA LYS A 141 -10.23 9.78 4.18
C LYS A 141 -10.10 11.23 3.77
N ASP A 142 -10.22 11.48 2.48
CA ASP A 142 -10.11 12.85 1.96
C ASP A 142 -11.49 13.37 1.55
N ALA A 1 -48.14 -18.42 4.01
CA ALA A 1 -47.61 -17.59 5.13
C ALA A 1 -46.13 -17.28 4.93
N HIS A 2 -45.81 -15.99 4.75
CA HIS A 2 -44.43 -15.55 4.54
C HIS A 2 -44.17 -14.17 5.15
N HIS A 3 -42.90 -13.76 5.18
CA HIS A 3 -42.51 -12.46 5.74
C HIS A 3 -41.05 -12.14 5.40
N HIS A 4 -40.69 -10.86 5.50
CA HIS A 4 -39.31 -10.42 5.20
C HIS A 4 -39.03 -9.01 5.74
N HIS A 5 -37.73 -8.66 5.82
CA HIS A 5 -37.30 -7.34 6.30
C HIS A 5 -36.11 -6.82 5.46
N HIS A 6 -35.46 -5.75 5.94
CA HIS A 6 -34.31 -5.16 5.21
C HIS A 6 -33.19 -4.74 6.17
N HIS A 7 -32.01 -4.44 5.60
CA HIS A 7 -30.84 -4.03 6.39
C HIS A 7 -29.99 -2.99 5.64
N VAL A 8 -28.76 -2.75 6.14
CA VAL A 8 -27.85 -1.77 5.53
C VAL A 8 -26.39 -1.99 5.99
N GLY A 9 -25.43 -1.58 5.15
CA GLY A 9 -24.02 -1.72 5.49
C GLY A 9 -23.23 -0.44 5.27
N THR A 10 -21.97 -0.59 4.81
CA THR A 10 -21.06 0.54 4.53
C THR A 10 -19.61 0.15 4.79
N GLN A 11 -18.82 0.09 3.72
CA GLN A 11 -17.38 -0.26 3.82
C GLN A 11 -16.64 0.74 4.71
N ALA A 12 -15.40 0.40 5.07
CA ALA A 12 -14.56 1.26 5.93
C ALA A 12 -13.39 1.88 5.17
N PHE A 13 -12.65 1.04 4.44
CA PHE A 13 -11.45 1.49 3.71
C PHE A 13 -11.77 2.43 2.53
N ASP A 14 -12.98 2.34 1.99
CA ASP A 14 -13.38 3.18 0.84
C ASP A 14 -13.42 4.67 1.20
N SER A 15 -12.24 5.30 1.30
CA SER A 15 -12.16 6.73 1.62
C SER A 15 -10.95 7.38 0.93
N THR A 16 -10.59 8.58 1.39
CA THR A 16 -9.46 9.30 0.85
C THR A 16 -8.50 9.66 1.99
N TRP A 17 -7.38 8.93 2.09
CA TRP A 17 -6.41 9.19 3.15
C TRP A 17 -5.05 9.62 2.61
N LYS A 18 -4.61 10.79 3.07
CA LYS A 18 -3.31 11.36 2.67
C LYS A 18 -2.27 11.06 3.74
N VAL A 19 -1.00 10.97 3.34
CA VAL A 19 0.07 10.70 4.29
C VAL A 19 -0.05 11.59 5.50
N ASP A 20 -0.20 10.97 6.65
CA ASP A 20 -0.31 11.69 7.90
C ASP A 20 0.98 11.59 8.69
N ARG A 21 1.73 10.52 8.45
CA ARG A 21 2.99 10.31 9.16
C ARG A 21 3.70 9.06 8.66
N SER A 22 4.87 8.79 9.25
CA SER A 22 5.66 7.62 8.90
C SER A 22 6.56 7.22 10.07
N GLU A 23 6.92 5.95 10.12
CA GLU A 23 7.77 5.43 11.19
C GLU A 23 8.79 4.45 10.66
N ASN A 24 10.03 4.64 11.08
CA ASN A 24 11.15 3.77 10.68
C ASN A 24 11.55 3.97 9.21
N TYR A 25 11.03 5.00 8.56
CA TYR A 25 11.38 5.27 7.15
C TYR A 25 12.87 5.49 7.00
N ASP A 26 13.48 6.07 8.03
CA ASP A 26 14.90 6.37 8.03
C ASP A 26 15.74 5.21 7.51
N LYS A 27 15.54 4.02 8.09
CA LYS A 27 16.28 2.84 7.66
C LYS A 27 15.82 2.33 6.31
N PHE A 28 14.49 2.29 6.10
CA PHE A 28 13.93 1.80 4.84
C PHE A 28 14.60 2.47 3.62
N MET A 29 14.86 3.77 3.72
CA MET A 29 15.51 4.51 2.64
C MET A 29 17.00 4.19 2.58
N GLU A 30 17.68 4.40 3.70
CA GLU A 30 19.12 4.15 3.80
C GLU A 30 19.45 2.71 3.37
N LYS A 31 18.59 1.76 3.76
CA LYS A 31 18.78 0.34 3.43
C LYS A 31 19.05 0.15 1.95
N MET A 32 18.09 0.56 1.12
CA MET A 32 18.22 0.43 -0.33
C MET A 32 19.46 1.18 -0.84
N GLY A 33 19.83 2.25 -0.13
CA GLY A 33 20.99 3.04 -0.52
C GLY A 33 20.60 4.35 -1.17
N VAL A 34 19.48 4.92 -0.73
CA VAL A 34 18.98 6.18 -1.28
C VAL A 34 19.85 7.37 -0.89
N ASN A 35 20.10 8.27 -1.85
CA ASN A 35 20.91 9.46 -1.65
C ASN A 35 20.11 10.58 -0.96
N ILE A 36 20.82 11.50 -0.30
CA ILE A 36 20.19 12.61 0.40
C ILE A 36 19.15 13.33 -0.46
N VAL A 37 19.49 13.59 -1.73
CA VAL A 37 18.57 14.26 -2.66
C VAL A 37 17.38 13.35 -2.96
N LYS A 38 17.66 12.08 -3.17
CA LYS A 38 16.62 11.09 -3.44
C LYS A 38 15.72 10.90 -2.22
N ARG A 39 16.32 11.00 -1.02
CA ARG A 39 15.59 10.87 0.23
C ARG A 39 14.77 12.12 0.51
N LYS A 40 15.11 13.24 -0.14
CA LYS A 40 14.41 14.50 0.07
C LYS A 40 13.00 14.47 -0.51
N LEU A 41 12.85 14.10 -1.79
CA LEU A 41 11.53 14.07 -2.39
C LEU A 41 10.77 12.78 -2.10
N ALA A 42 11.49 11.68 -1.89
CA ALA A 42 10.86 10.40 -1.59
C ALA A 42 10.37 10.36 -0.14
N ALA A 43 10.69 11.40 0.64
CA ALA A 43 10.28 11.51 2.04
C ALA A 43 9.15 12.53 2.18
N HIS A 44 9.26 13.61 1.39
CA HIS A 44 8.25 14.67 1.37
C HIS A 44 7.53 14.64 0.03
N ASP A 45 7.21 13.44 -0.43
CA ASP A 45 6.53 13.23 -1.69
C ASP A 45 5.07 13.69 -1.64
N ASN A 46 4.49 13.69 -0.43
CA ASN A 46 3.09 14.11 -0.24
C ASN A 46 2.15 13.09 -0.91
N LEU A 47 2.32 11.84 -0.54
CA LEU A 47 1.52 10.75 -1.09
C LEU A 47 0.06 10.83 -0.63
N LYS A 48 -0.82 11.27 -1.53
CA LYS A 48 -2.25 11.36 -1.23
C LYS A 48 -2.95 10.13 -1.80
N LEU A 49 -3.54 9.32 -0.92
CA LEU A 49 -4.20 8.09 -1.34
C LEU A 49 -5.73 8.13 -1.27
N THR A 50 -6.34 7.45 -2.23
CA THR A 50 -7.79 7.31 -2.33
C THR A 50 -8.11 5.84 -2.53
N ILE A 51 -8.98 5.32 -1.68
CA ILE A 51 -9.32 3.90 -1.71
C ILE A 51 -10.73 3.66 -2.28
N THR A 52 -10.79 2.85 -3.34
CA THR A 52 -12.04 2.49 -3.99
C THR A 52 -11.97 1.06 -4.53
N GLN A 53 -12.86 0.20 -4.05
CA GLN A 53 -12.88 -1.22 -4.46
C GLN A 53 -14.25 -1.68 -4.92
N GLU A 54 -14.25 -2.63 -5.84
CA GLU A 54 -15.48 -3.21 -6.36
C GLU A 54 -15.34 -4.72 -6.47
N GLY A 55 -15.42 -5.39 -5.31
CA GLY A 55 -15.28 -6.84 -5.27
C GLY A 55 -13.92 -7.29 -4.78
N ASN A 56 -13.23 -8.01 -5.61
CA ASN A 56 -11.91 -8.52 -5.30
C ASN A 56 -10.86 -7.78 -6.13
N LYS A 57 -11.29 -6.62 -6.65
CA LYS A 57 -10.43 -5.76 -7.45
C LYS A 57 -10.42 -4.38 -6.84
N PHE A 58 -9.25 -3.97 -6.37
CA PHE A 58 -9.11 -2.68 -5.73
C PHE A 58 -8.37 -1.69 -6.61
N THR A 59 -8.81 -0.44 -6.55
CA THR A 59 -8.19 0.62 -7.32
C THR A 59 -7.94 1.84 -6.45
N VAL A 60 -6.67 2.16 -6.22
CA VAL A 60 -6.31 3.30 -5.41
C VAL A 60 -5.49 4.31 -6.20
N LYS A 61 -5.80 5.59 -6.01
CA LYS A 61 -5.11 6.66 -6.70
C LYS A 61 -4.08 7.31 -5.77
N GLU A 62 -2.82 7.26 -6.17
CA GLU A 62 -1.73 7.82 -5.38
C GLU A 62 -0.99 8.91 -6.15
N SER A 63 -0.80 10.07 -5.51
CA SER A 63 -0.12 11.20 -6.14
C SER A 63 1.15 11.54 -5.36
N SER A 64 2.26 11.66 -6.06
CA SER A 64 3.53 12.01 -5.43
C SER A 64 4.02 13.36 -5.95
N ALA A 65 5.18 13.79 -5.46
CA ALA A 65 5.75 15.07 -5.85
C ALA A 65 6.36 15.02 -7.25
N PHE A 66 6.84 13.84 -7.66
CA PHE A 66 7.46 13.69 -8.98
C PHE A 66 6.61 12.88 -9.97
N ARG A 67 5.51 12.27 -9.50
CA ARG A 67 4.63 11.48 -10.38
C ARG A 67 3.31 11.12 -9.71
N ASN A 68 2.37 10.63 -10.50
CA ASN A 68 1.05 10.23 -10.00
C ASN A 68 0.41 9.19 -10.93
N ILE A 69 -0.02 8.06 -10.39
CA ILE A 69 -0.65 7.01 -11.19
C ILE A 69 -1.66 6.19 -10.38
N GLU A 70 -2.55 5.49 -11.10
CA GLU A 70 -3.58 4.64 -10.48
C GLU A 70 -3.11 3.19 -10.47
N VAL A 71 -3.30 2.51 -9.33
CA VAL A 71 -2.88 1.12 -9.20
C VAL A 71 -4.08 0.20 -8.95
N VAL A 72 -4.18 -0.87 -9.73
CA VAL A 72 -5.26 -1.83 -9.60
C VAL A 72 -4.71 -3.23 -9.35
N PHE A 73 -5.40 -4.00 -8.49
CA PHE A 73 -4.97 -5.35 -8.16
C PHE A 73 -6.17 -6.26 -7.88
N GLU A 74 -5.92 -7.57 -7.91
CA GLU A 74 -6.95 -8.57 -7.63
C GLU A 74 -6.47 -9.50 -6.52
N LEU A 75 -7.30 -9.68 -5.48
CA LEU A 75 -6.93 -10.53 -4.36
C LEU A 75 -6.56 -11.94 -4.82
N GLY A 76 -5.27 -12.25 -4.76
CA GLY A 76 -4.79 -13.57 -5.15
C GLY A 76 -4.40 -13.69 -6.61
N VAL A 77 -4.12 -12.56 -7.28
CA VAL A 77 -3.73 -12.58 -8.69
C VAL A 77 -2.37 -11.92 -8.89
N THR A 78 -1.34 -12.73 -9.09
CA THR A 78 0.02 -12.22 -9.29
C THR A 78 0.14 -11.46 -10.61
N PHE A 79 0.79 -10.30 -10.55
CA PHE A 79 0.99 -9.46 -11.74
C PHE A 79 2.38 -8.81 -11.73
N ASN A 80 2.72 -8.14 -12.82
CA ASN A 80 4.01 -7.47 -12.95
C ASN A 80 3.84 -5.94 -12.83
N TYR A 81 4.55 -5.36 -11.87
CA TYR A 81 4.49 -3.91 -11.65
C TYR A 81 5.84 -3.27 -12.00
N ASN A 82 5.79 -2.15 -12.72
CA ASN A 82 7.01 -1.45 -13.13
C ASN A 82 7.35 -0.31 -12.17
N LEU A 83 8.64 -0.09 -11.94
CA LEU A 83 9.10 0.97 -11.05
C LEU A 83 9.38 2.26 -11.83
N ALA A 84 9.69 3.33 -11.11
CA ALA A 84 9.98 4.63 -11.71
C ALA A 84 11.16 4.56 -12.68
N ASP A 85 12.16 3.73 -12.35
CA ASP A 85 13.36 3.58 -13.20
C ASP A 85 13.19 2.49 -14.26
N GLY A 86 12.15 1.65 -14.11
CA GLY A 86 11.91 0.58 -15.08
C GLY A 86 11.96 -0.82 -14.48
N THR A 87 12.58 -0.99 -13.31
CA THR A 87 12.67 -2.31 -12.68
C THR A 87 11.28 -2.82 -12.31
N GLU A 88 10.90 -3.96 -12.85
CA GLU A 88 9.59 -4.54 -12.58
C GLU A 88 9.69 -5.69 -11.57
N LEU A 89 8.71 -5.76 -10.68
CA LEU A 89 8.66 -6.81 -9.67
C LEU A 89 7.38 -7.64 -9.84
N ARG A 90 7.43 -8.89 -9.37
CA ARG A 90 6.27 -9.77 -9.45
C ARG A 90 5.68 -9.97 -8.06
N GLY A 91 4.55 -9.33 -7.81
CA GLY A 91 3.91 -9.44 -6.51
C GLY A 91 2.46 -8.98 -6.54
N THR A 92 1.82 -9.00 -5.37
CA THR A 92 0.41 -8.57 -5.23
C THR A 92 -0.04 -8.69 -3.77
N TRP A 93 -1.36 -8.60 -3.55
CA TRP A 93 -1.93 -8.69 -2.22
C TRP A 93 -2.90 -9.87 -2.10
N SER A 94 -3.00 -10.42 -0.90
CA SER A 94 -3.90 -11.54 -0.64
C SER A 94 -4.13 -11.72 0.86
N LEU A 95 -5.39 -11.90 1.25
CA LEU A 95 -5.73 -12.08 2.65
C LEU A 95 -5.52 -13.52 3.09
N GLU A 96 -5.00 -13.69 4.29
CA GLU A 96 -4.76 -15.01 4.86
C GLU A 96 -5.11 -15.00 6.34
N GLY A 97 -5.86 -16.02 6.76
CA GLY A 97 -6.28 -16.11 8.14
C GLY A 97 -7.21 -14.98 8.50
N ASN A 98 -6.66 -14.04 9.24
CA ASN A 98 -7.41 -12.86 9.68
C ASN A 98 -6.68 -11.55 9.34
N LYS A 99 -5.71 -11.63 8.42
CA LYS A 99 -4.94 -10.43 8.05
C LYS A 99 -4.65 -10.40 6.54
N LEU A 100 -4.26 -9.22 6.03
CA LEU A 100 -3.96 -9.05 4.61
C LEU A 100 -2.46 -9.05 4.33
N ILE A 101 -2.09 -9.83 3.32
CA ILE A 101 -0.70 -9.97 2.91
C ILE A 101 -0.40 -9.23 1.60
N GLY A 102 0.78 -8.62 1.56
CA GLY A 102 1.22 -7.90 0.37
C GLY A 102 2.69 -8.20 0.11
N LYS A 103 2.99 -8.84 -1.02
CA LYS A 103 4.37 -9.22 -1.31
C LYS A 103 4.78 -8.91 -2.74
N PHE A 104 6.02 -8.45 -2.89
CA PHE A 104 6.61 -8.13 -4.18
C PHE A 104 8.10 -8.46 -4.14
N LYS A 105 8.63 -9.05 -5.21
CA LYS A 105 10.03 -9.45 -5.23
C LYS A 105 10.82 -8.85 -6.40
N ARG A 106 12.04 -8.38 -6.10
CA ARG A 106 12.92 -7.83 -7.13
C ARG A 106 13.27 -8.91 -8.14
N THR A 107 13.52 -8.52 -9.39
CA THR A 107 13.89 -9.46 -10.43
C THR A 107 15.40 -9.68 -10.44
N ASP A 108 16.13 -8.73 -9.85
CA ASP A 108 17.59 -8.80 -9.78
C ASP A 108 18.06 -10.05 -9.02
N ASN A 109 17.81 -10.08 -7.72
CA ASN A 109 18.24 -11.21 -6.89
C ASN A 109 17.06 -11.93 -6.22
N GLY A 110 15.87 -11.32 -6.23
CA GLY A 110 14.72 -11.95 -5.60
C GLY A 110 14.52 -11.52 -4.16
N ASN A 111 14.77 -10.23 -3.87
CA ASN A 111 14.59 -9.72 -2.51
C ASN A 111 13.11 -9.74 -2.12
N GLU A 112 12.78 -10.55 -1.12
CA GLU A 112 11.41 -10.69 -0.67
C GLU A 112 10.99 -9.57 0.26
N LEU A 113 10.07 -8.74 -0.22
CA LEU A 113 9.53 -7.65 0.59
C LEU A 113 8.15 -8.03 1.07
N ASN A 114 7.82 -7.62 2.29
CA ASN A 114 6.52 -7.95 2.85
C ASN A 114 5.80 -6.72 3.35
N THR A 115 4.53 -6.59 2.97
CA THR A 115 3.72 -5.45 3.37
C THR A 115 2.35 -5.90 3.87
N VAL A 116 1.97 -5.43 5.06
CA VAL A 116 0.68 -5.77 5.66
C VAL A 116 -0.26 -4.56 5.67
N ARG A 117 -1.56 -4.80 5.40
CA ARG A 117 -2.53 -3.70 5.39
C ARG A 117 -3.51 -3.80 6.55
N GLU A 118 -3.61 -2.74 7.36
CA GLU A 118 -4.53 -2.74 8.50
C GLU A 118 -5.06 -1.33 8.79
N ILE A 119 -6.07 -1.24 9.65
CA ILE A 119 -6.63 0.04 10.03
C ILE A 119 -6.86 0.13 11.54
N ILE A 120 -6.39 1.23 12.13
CA ILE A 120 -6.54 1.47 13.56
C ILE A 120 -7.38 2.72 13.81
N GLY A 121 -8.32 2.64 14.74
CA GLY A 121 -9.16 3.79 15.05
C GLY A 121 -9.74 4.42 13.81
N ASP A 122 -9.19 5.56 13.43
CA ASP A 122 -9.64 6.30 12.26
C ASP A 122 -8.47 6.61 11.31
N GLU A 123 -7.43 5.77 11.33
CA GLU A 123 -6.27 5.96 10.46
C GLU A 123 -5.88 4.66 9.75
N LEU A 124 -5.53 4.77 8.48
CA LEU A 124 -5.12 3.61 7.67
C LEU A 124 -3.61 3.42 7.74
N VAL A 125 -3.17 2.16 7.74
CA VAL A 125 -1.77 1.86 7.82
C VAL A 125 -1.33 0.75 6.87
N GLN A 126 -0.09 0.88 6.42
CA GLN A 126 0.55 -0.10 5.55
C GLN A 126 2.01 -0.29 5.98
N THR A 127 2.29 -1.42 6.65
CA THR A 127 3.63 -1.69 7.13
C THR A 127 4.43 -2.53 6.14
N TYR A 128 5.65 -2.09 5.84
CA TYR A 128 6.53 -2.79 4.92
C TYR A 128 7.79 -3.27 5.63
N VAL A 129 8.23 -4.47 5.29
CA VAL A 129 9.44 -5.05 5.89
C VAL A 129 10.50 -5.34 4.82
N TYR A 130 11.70 -4.83 5.04
CA TYR A 130 12.82 -5.02 4.11
C TYR A 130 14.11 -5.37 4.85
N GLU A 131 14.55 -6.63 4.70
CA GLU A 131 15.78 -7.10 5.34
C GLU A 131 15.74 -6.91 6.86
N GLY A 132 14.66 -7.37 7.49
CA GLY A 132 14.51 -7.24 8.93
C GLY A 132 13.91 -5.91 9.36
N VAL A 133 14.14 -4.86 8.56
CA VAL A 133 13.64 -3.53 8.85
C VAL A 133 12.14 -3.43 8.57
N GLU A 134 11.37 -3.15 9.62
CA GLU A 134 9.93 -3.02 9.51
C GLU A 134 9.52 -1.55 9.66
N ALA A 135 9.20 -0.93 8.54
CA ALA A 135 8.77 0.48 8.52
C ALA A 135 7.34 0.60 8.03
N LYS A 136 6.60 1.55 8.59
CA LYS A 136 5.20 1.75 8.19
C LYS A 136 4.86 3.23 8.03
N ARG A 137 3.94 3.50 7.10
CA ARG A 137 3.47 4.85 6.84
C ARG A 137 2.00 4.94 7.20
N ILE A 138 1.64 5.87 8.07
CA ILE A 138 0.26 6.04 8.48
C ILE A 138 -0.43 7.09 7.61
N PHE A 139 -1.56 6.73 7.06
CA PHE A 139 -2.31 7.66 6.22
C PHE A 139 -3.64 7.99 6.87
N LYS A 140 -3.88 9.28 7.03
CA LYS A 140 -5.13 9.77 7.62
C LYS A 140 -5.99 10.41 6.55
N LYS A 141 -7.30 10.36 6.74
CA LYS A 141 -8.22 10.94 5.76
C LYS A 141 -7.81 12.33 5.36
N ASP A 142 -8.07 12.67 4.11
CA ASP A 142 -7.74 13.98 3.58
C ASP A 142 -9.00 14.83 3.42
N ALA A 1 -46.09 -19.70 4.37
CA ALA A 1 -44.63 -19.76 4.07
C ALA A 1 -44.17 -18.50 3.32
N HIS A 2 -43.96 -17.40 4.06
CA HIS A 2 -43.53 -16.14 3.48
C HIS A 2 -43.27 -15.07 4.55
N HIS A 3 -42.36 -14.14 4.25
CA HIS A 3 -42.02 -13.05 5.17
C HIS A 3 -41.07 -12.05 4.50
N HIS A 4 -40.77 -10.93 5.19
CA HIS A 4 -39.88 -9.90 4.64
C HIS A 4 -38.98 -9.28 5.71
N HIS A 5 -37.97 -8.52 5.27
CA HIS A 5 -37.03 -7.86 6.18
C HIS A 5 -36.16 -6.84 5.43
N HIS A 6 -35.25 -6.17 6.15
CA HIS A 6 -34.36 -5.16 5.55
C HIS A 6 -33.06 -5.00 6.35
N HIS A 7 -32.11 -4.23 5.80
CA HIS A 7 -30.82 -3.98 6.46
C HIS A 7 -29.96 -2.97 5.69
N VAL A 8 -28.69 -2.79 6.10
CA VAL A 8 -27.78 -1.86 5.43
C VAL A 8 -26.31 -2.06 5.88
N GLY A 9 -25.36 -1.57 5.04
CA GLY A 9 -23.94 -1.70 5.36
C GLY A 9 -23.18 -0.39 5.18
N THR A 10 -21.93 -0.49 4.71
CA THR A 10 -21.04 0.68 4.47
C THR A 10 -19.59 0.33 4.83
N GLN A 11 -18.73 0.27 3.80
CA GLN A 11 -17.30 -0.05 3.97
C GLN A 11 -16.58 1.00 4.83
N ALA A 12 -15.36 0.67 5.25
CA ALA A 12 -14.55 1.58 6.07
C ALA A 12 -13.35 2.16 5.33
N PHE A 13 -12.59 1.29 4.66
CA PHE A 13 -11.38 1.69 3.94
C PHE A 13 -11.65 2.61 2.75
N ASP A 14 -12.84 2.51 2.15
CA ASP A 14 -13.22 3.34 0.99
C ASP A 14 -13.27 4.83 1.35
N SER A 15 -12.10 5.46 1.50
CA SER A 15 -12.03 6.88 1.85
C SER A 15 -10.82 7.56 1.21
N THR A 16 -10.44 8.73 1.74
CA THR A 16 -9.30 9.49 1.25
C THR A 16 -8.37 9.81 2.42
N TRP A 17 -7.18 9.20 2.45
CA TRP A 17 -6.24 9.44 3.54
C TRP A 17 -4.88 9.91 3.01
N LYS A 18 -4.41 11.02 3.58
CA LYS A 18 -3.12 11.62 3.22
C LYS A 18 -2.06 11.25 4.23
N VAL A 19 -0.79 11.33 3.85
CA VAL A 19 0.29 11.02 4.76
C VAL A 19 0.25 11.94 5.96
N ASP A 20 -0.10 11.36 7.10
CA ASP A 20 -0.18 12.10 8.34
C ASP A 20 1.07 11.85 9.18
N ARG A 21 1.72 10.71 8.95
CA ARG A 21 2.91 10.34 9.69
C ARG A 21 3.51 9.01 9.19
N SER A 22 4.75 8.75 9.62
CA SER A 22 5.44 7.52 9.24
C SER A 22 6.33 7.05 10.39
N GLU A 23 6.72 5.77 10.37
CA GLU A 23 7.55 5.21 11.42
C GLU A 23 8.60 4.24 10.86
N ASN A 24 9.85 4.45 11.27
CA ASN A 24 10.97 3.60 10.84
C ASN A 24 11.33 3.79 9.36
N TYR A 25 10.68 4.74 8.68
CA TYR A 25 10.96 4.98 7.27
C TYR A 25 12.44 5.24 7.03
N ASP A 26 13.04 5.99 7.94
CA ASP A 26 14.45 6.35 7.85
C ASP A 26 15.32 5.14 7.52
N LYS A 27 15.14 4.04 8.27
CA LYS A 27 15.91 2.83 8.05
C LYS A 27 15.55 2.16 6.73
N PHE A 28 14.27 2.18 6.38
CA PHE A 28 13.78 1.57 5.14
C PHE A 28 14.43 2.21 3.91
N MET A 29 14.35 3.54 3.81
CA MET A 29 14.93 4.26 2.68
C MET A 29 16.46 4.18 2.70
N GLU A 30 17.05 4.30 3.89
CA GLU A 30 18.50 4.23 4.03
C GLU A 30 19.01 2.83 3.65
N LYS A 31 18.20 1.81 3.92
CA LYS A 31 18.56 0.42 3.61
C LYS A 31 18.86 0.24 2.13
N MET A 32 17.87 0.57 1.28
CA MET A 32 18.04 0.42 -0.17
C MET A 32 19.27 1.17 -0.66
N GLY A 33 19.59 2.29 -0.01
CA GLY A 33 20.76 3.09 -0.39
C GLY A 33 20.38 4.38 -1.08
N VAL A 34 19.25 4.97 -0.68
CA VAL A 34 18.77 6.21 -1.26
C VAL A 34 19.68 7.39 -0.91
N ASN A 35 19.98 8.22 -1.92
CA ASN A 35 20.83 9.39 -1.75
C ASN A 35 20.12 10.48 -0.95
N ILE A 36 20.91 11.31 -0.26
CA ILE A 36 20.37 12.40 0.56
C ILE A 36 19.27 13.19 -0.18
N VAL A 37 19.52 13.52 -1.45
CA VAL A 37 18.54 14.27 -2.25
C VAL A 37 17.30 13.44 -2.54
N LYS A 38 17.51 12.15 -2.84
CA LYS A 38 16.42 11.23 -3.13
C LYS A 38 15.54 11.06 -1.89
N ARG A 39 16.16 11.07 -0.71
CA ARG A 39 15.42 10.93 0.54
C ARG A 39 14.68 12.23 0.89
N LYS A 40 15.10 13.35 0.29
CA LYS A 40 14.49 14.65 0.53
C LYS A 40 13.06 14.72 0.00
N LEU A 41 12.86 14.40 -1.28
CA LEU A 41 11.52 14.45 -1.84
C LEU A 41 10.71 13.19 -1.56
N ALA A 42 11.39 12.04 -1.47
CA ALA A 42 10.70 10.78 -1.19
C ALA A 42 10.19 10.75 0.25
N ALA A 43 10.66 11.71 1.06
CA ALA A 43 10.23 11.81 2.45
C ALA A 43 9.12 12.85 2.59
N HIS A 44 9.25 13.94 1.84
CA HIS A 44 8.27 15.02 1.83
C HIS A 44 7.54 15.02 0.48
N ASP A 45 7.19 13.84 0.00
CA ASP A 45 6.52 13.67 -1.28
C ASP A 45 5.05 14.10 -1.21
N ASN A 46 4.47 14.04 0.00
CA ASN A 46 3.06 14.41 0.20
C ASN A 46 2.15 13.41 -0.50
N LEU A 47 2.34 12.14 -0.17
CA LEU A 47 1.57 11.05 -0.76
C LEU A 47 0.10 11.11 -0.35
N LYS A 48 -0.76 11.49 -1.29
CA LYS A 48 -2.20 11.57 -1.04
C LYS A 48 -2.86 10.31 -1.59
N LEU A 49 -3.47 9.50 -0.72
CA LEU A 49 -4.09 8.25 -1.15
C LEU A 49 -5.61 8.27 -1.06
N THR A 50 -6.23 7.59 -2.01
CA THR A 50 -7.69 7.44 -2.08
C THR A 50 -8.02 5.97 -2.28
N ILE A 51 -8.87 5.44 -1.42
CA ILE A 51 -9.22 4.04 -1.47
C ILE A 51 -10.62 3.82 -2.05
N THR A 52 -10.69 2.99 -3.11
CA THR A 52 -11.95 2.67 -3.77
C THR A 52 -11.91 1.24 -4.31
N GLN A 53 -12.92 0.42 -3.98
CA GLN A 53 -12.96 -0.97 -4.42
C GLN A 53 -14.35 -1.39 -4.89
N GLU A 54 -14.37 -2.36 -5.80
CA GLU A 54 -15.61 -2.91 -6.33
C GLU A 54 -15.46 -4.42 -6.50
N GLY A 55 -15.52 -5.13 -5.38
CA GLY A 55 -15.38 -6.58 -5.41
C GLY A 55 -14.02 -7.04 -4.94
N ASN A 56 -13.33 -7.73 -5.82
CA ASN A 56 -12.00 -8.23 -5.55
C ASN A 56 -10.97 -7.40 -6.30
N LYS A 57 -11.40 -6.23 -6.77
CA LYS A 57 -10.53 -5.33 -7.51
C LYS A 57 -10.48 -3.98 -6.79
N PHE A 58 -9.30 -3.65 -6.29
CA PHE A 58 -9.12 -2.42 -5.56
C PHE A 58 -8.24 -1.44 -6.34
N THR A 59 -8.62 -0.17 -6.26
CA THR A 59 -7.87 0.88 -6.93
C THR A 59 -7.62 2.04 -5.98
N VAL A 60 -6.35 2.41 -5.83
CA VAL A 60 -5.97 3.49 -4.95
C VAL A 60 -5.12 4.52 -5.70
N LYS A 61 -5.55 5.77 -5.65
CA LYS A 61 -4.84 6.85 -6.32
C LYS A 61 -3.76 7.43 -5.43
N GLU A 62 -2.52 7.48 -5.95
CA GLU A 62 -1.39 8.01 -5.19
C GLU A 62 -0.71 9.16 -5.95
N SER A 63 -0.66 10.33 -5.32
CA SER A 63 -0.04 11.50 -5.92
C SER A 63 1.17 11.95 -5.10
N SER A 64 2.32 12.05 -5.77
CA SER A 64 3.55 12.46 -5.11
C SER A 64 4.01 13.84 -5.59
N ALA A 65 5.14 14.30 -5.06
CA ALA A 65 5.68 15.61 -5.42
C ALA A 65 6.28 15.61 -6.82
N PHE A 66 6.77 14.45 -7.29
CA PHE A 66 7.39 14.36 -8.60
C PHE A 66 6.56 13.61 -9.64
N ARG A 67 5.60 12.78 -9.21
CA ARG A 67 4.78 12.02 -10.17
C ARG A 67 3.35 11.80 -9.67
N ASN A 68 2.50 11.30 -10.57
CA ASN A 68 1.10 11.03 -10.25
C ASN A 68 0.61 9.79 -11.00
N ILE A 69 0.05 8.82 -10.26
CA ILE A 69 -0.46 7.58 -10.88
C ILE A 69 -1.47 6.87 -9.98
N GLU A 70 -2.37 6.11 -10.61
CA GLU A 70 -3.38 5.33 -9.90
C GLU A 70 -3.18 3.85 -10.22
N VAL A 71 -3.27 2.99 -9.21
CA VAL A 71 -3.06 1.55 -9.42
C VAL A 71 -4.31 0.74 -9.10
N VAL A 72 -4.58 -0.26 -9.95
CA VAL A 72 -5.73 -1.14 -9.76
C VAL A 72 -5.28 -2.61 -9.74
N PHE A 73 -5.54 -3.29 -8.62
CA PHE A 73 -5.14 -4.69 -8.46
C PHE A 73 -6.35 -5.60 -8.28
N GLU A 74 -6.08 -6.90 -8.10
CA GLU A 74 -7.13 -7.88 -7.89
C GLU A 74 -6.66 -8.95 -6.91
N LEU A 75 -7.49 -9.25 -5.92
CA LEU A 75 -7.15 -10.26 -4.90
C LEU A 75 -6.87 -11.61 -5.54
N GLY A 76 -5.59 -12.00 -5.55
CA GLY A 76 -5.20 -13.29 -6.12
C GLY A 76 -4.63 -13.18 -7.53
N VAL A 77 -4.89 -12.06 -8.21
CA VAL A 77 -4.40 -11.84 -9.56
C VAL A 77 -3.07 -11.08 -9.54
N THR A 78 -2.01 -11.73 -10.03
CA THR A 78 -0.69 -11.10 -10.05
C THR A 78 -0.48 -10.23 -11.28
N PHE A 79 0.23 -9.12 -11.09
CA PHE A 79 0.53 -8.19 -12.17
C PHE A 79 1.96 -7.67 -12.05
N ASN A 80 2.49 -7.11 -13.13
CA ASN A 80 3.85 -6.59 -13.14
C ASN A 80 3.87 -5.11 -12.78
N TYR A 81 4.62 -4.77 -11.74
CA TYR A 81 4.75 -3.38 -11.30
C TYR A 81 6.11 -2.83 -11.72
N ASN A 82 6.16 -1.53 -12.00
CA ASN A 82 7.42 -0.90 -12.42
C ASN A 82 7.78 0.26 -11.52
N LEU A 83 9.08 0.40 -11.25
CA LEU A 83 9.59 1.47 -10.40
C LEU A 83 9.91 2.72 -11.22
N ALA A 84 10.29 3.79 -10.54
CA ALA A 84 10.62 5.06 -11.20
C ALA A 84 11.92 4.97 -12.02
N ASP A 85 12.76 3.98 -11.71
CA ASP A 85 14.04 3.82 -12.42
C ASP A 85 13.91 2.89 -13.64
N GLY A 86 12.93 1.99 -13.62
CA GLY A 86 12.74 1.07 -14.73
C GLY A 86 12.89 -0.40 -14.36
N THR A 87 12.66 -0.72 -13.08
CA THR A 87 12.77 -2.11 -12.61
C THR A 87 11.37 -2.73 -12.51
N GLU A 88 11.23 -3.96 -12.99
CA GLU A 88 9.94 -4.66 -12.96
C GLU A 88 9.93 -5.76 -11.90
N LEU A 89 8.91 -5.70 -11.03
CA LEU A 89 8.74 -6.71 -9.97
C LEU A 89 7.42 -7.42 -10.18
N ARG A 90 7.37 -8.69 -9.79
CA ARG A 90 6.15 -9.49 -9.89
C ARG A 90 5.55 -9.67 -8.51
N GLY A 91 4.39 -9.08 -8.29
CA GLY A 91 3.76 -9.19 -6.99
C GLY A 91 2.33 -8.65 -6.96
N THR A 92 1.70 -8.76 -5.79
CA THR A 92 0.32 -8.28 -5.58
C THR A 92 -0.10 -8.50 -4.13
N TRP A 93 -1.40 -8.34 -3.87
CA TRP A 93 -1.94 -8.53 -2.53
C TRP A 93 -2.97 -9.66 -2.51
N SER A 94 -3.17 -10.24 -1.33
CA SER A 94 -4.13 -11.33 -1.16
C SER A 94 -4.41 -11.54 0.32
N LEU A 95 -5.70 -11.66 0.67
CA LEU A 95 -6.09 -11.87 2.05
C LEU A 95 -6.12 -13.35 2.39
N GLU A 96 -5.41 -13.71 3.45
CA GLU A 96 -5.36 -15.10 3.91
C GLU A 96 -5.65 -15.18 5.40
N GLY A 97 -6.37 -16.23 5.80
CA GLY A 97 -6.73 -16.39 7.19
C GLY A 97 -7.58 -15.25 7.68
N ASN A 98 -6.97 -14.41 8.49
CA ASN A 98 -7.64 -13.23 9.04
C ASN A 98 -6.83 -11.95 8.79
N LYS A 99 -5.92 -11.99 7.82
CA LYS A 99 -5.08 -10.83 7.52
C LYS A 99 -4.85 -10.63 6.02
N LEU A 100 -4.53 -9.39 5.62
CA LEU A 100 -4.28 -9.08 4.22
C LEU A 100 -2.78 -9.08 3.91
N ILE A 101 -2.41 -9.90 2.94
CA ILE A 101 -1.02 -10.06 2.53
C ILE A 101 -0.67 -9.26 1.28
N GLY A 102 0.55 -8.71 1.27
CA GLY A 102 1.05 -7.96 0.14
C GLY A 102 2.49 -8.33 -0.13
N LYS A 103 2.77 -8.91 -1.30
CA LYS A 103 4.13 -9.32 -1.63
C LYS A 103 4.59 -8.90 -3.01
N PHE A 104 5.80 -8.35 -3.07
CA PHE A 104 6.43 -7.92 -4.31
C PHE A 104 7.91 -8.30 -4.25
N LYS A 105 8.41 -8.89 -5.33
CA LYS A 105 9.82 -9.32 -5.35
C LYS A 105 10.60 -8.77 -6.54
N ARG A 106 11.82 -8.31 -6.26
CA ARG A 106 12.71 -7.79 -7.31
C ARG A 106 13.01 -8.89 -8.32
N THR A 107 13.17 -8.51 -9.59
CA THR A 107 13.48 -9.47 -10.64
C THR A 107 14.99 -9.68 -10.75
N ASP A 108 15.75 -8.78 -10.13
CA ASP A 108 17.20 -8.85 -10.14
C ASP A 108 17.70 -10.08 -9.37
N ASN A 109 17.54 -10.05 -8.04
CA ASN A 109 17.97 -11.17 -7.20
C ASN A 109 16.79 -11.93 -6.60
N GLY A 110 15.60 -11.30 -6.57
CA GLY A 110 14.43 -11.94 -6.01
C GLY A 110 14.18 -11.56 -4.57
N ASN A 111 14.44 -10.29 -4.22
CA ASN A 111 14.23 -9.82 -2.85
C ASN A 111 12.75 -9.90 -2.47
N GLU A 112 12.46 -10.76 -1.50
CA GLU A 112 11.09 -10.96 -1.03
C GLU A 112 10.68 -9.89 -0.03
N LEU A 113 9.78 -8.99 -0.44
CA LEU A 113 9.28 -7.94 0.45
C LEU A 113 7.90 -8.32 0.92
N ASN A 114 7.58 -7.98 2.15
CA ASN A 114 6.28 -8.32 2.70
C ASN A 114 5.59 -7.08 3.27
N THR A 115 4.32 -6.90 2.90
CA THR A 115 3.54 -5.76 3.36
C THR A 115 2.12 -6.16 3.78
N VAL A 116 1.72 -5.72 4.97
CA VAL A 116 0.38 -6.03 5.50
C VAL A 116 -0.47 -4.75 5.61
N ARG A 117 -1.79 -4.88 5.42
CA ARG A 117 -2.68 -3.70 5.48
C ARG A 117 -3.67 -3.78 6.65
N GLU A 118 -3.80 -2.68 7.40
CA GLU A 118 -4.73 -2.63 8.53
C GLU A 118 -5.08 -1.19 8.91
N ILE A 119 -6.06 -1.03 9.80
CA ILE A 119 -6.45 0.28 10.28
C ILE A 119 -6.44 0.31 11.80
N ILE A 120 -5.79 1.32 12.37
CA ILE A 120 -5.70 1.45 13.83
C ILE A 120 -6.37 2.72 14.31
N GLY A 121 -7.36 2.57 15.20
CA GLY A 121 -8.07 3.72 15.74
C GLY A 121 -8.80 4.50 14.68
N ASP A 122 -8.25 5.64 14.32
CA ASP A 122 -8.84 6.51 13.32
C ASP A 122 -7.84 6.86 12.21
N GLU A 123 -6.87 5.96 11.97
CA GLU A 123 -5.85 6.19 10.95
C GLU A 123 -5.52 4.89 10.20
N LEU A 124 -5.37 5.00 8.87
CA LEU A 124 -5.04 3.84 8.05
C LEU A 124 -3.55 3.56 8.09
N VAL A 125 -3.19 2.28 8.06
CA VAL A 125 -1.81 1.89 8.11
C VAL A 125 -1.44 0.77 7.13
N GLN A 126 -0.20 0.84 6.69
CA GLN A 126 0.37 -0.17 5.78
C GLN A 126 1.81 -0.46 6.21
N THR A 127 2.08 -1.70 6.64
CA THR A 127 3.42 -2.08 7.08
C THR A 127 4.20 -2.77 5.97
N TYR A 128 5.52 -2.58 5.97
CA TYR A 128 6.40 -3.19 5.00
C TYR A 128 7.64 -3.76 5.68
N VAL A 129 8.01 -4.97 5.31
CA VAL A 129 9.19 -5.62 5.88
C VAL A 129 10.27 -5.85 4.82
N TYR A 130 11.39 -5.15 4.97
CA TYR A 130 12.51 -5.26 4.03
C TYR A 130 13.79 -5.67 4.76
N GLU A 131 14.24 -6.91 4.51
CA GLU A 131 15.45 -7.46 5.13
C GLU A 131 15.45 -7.31 6.65
N GLY A 132 14.35 -7.72 7.29
CA GLY A 132 14.27 -7.64 8.75
C GLY A 132 13.72 -6.31 9.26
N VAL A 133 13.83 -5.26 8.45
CA VAL A 133 13.36 -3.93 8.82
C VAL A 133 11.88 -3.78 8.49
N GLU A 134 11.06 -3.60 9.53
CA GLU A 134 9.63 -3.42 9.35
C GLU A 134 9.23 -1.97 9.58
N ALA A 135 8.97 -1.26 8.49
CA ALA A 135 8.57 0.14 8.54
C ALA A 135 7.14 0.32 8.06
N LYS A 136 6.47 1.38 8.52
CA LYS A 136 5.08 1.64 8.12
C LYS A 136 4.77 3.13 8.04
N ARG A 137 3.72 3.46 7.29
CA ARG A 137 3.25 4.83 7.11
C ARG A 137 1.81 4.94 7.59
N ILE A 138 1.53 5.92 8.45
CA ILE A 138 0.19 6.13 8.97
C ILE A 138 -0.51 7.24 8.21
N PHE A 139 -1.47 6.87 7.37
CA PHE A 139 -2.21 7.84 6.59
C PHE A 139 -3.53 8.17 7.26
N LYS A 140 -3.78 9.46 7.46
CA LYS A 140 -5.01 9.93 8.08
C LYS A 140 -5.90 10.56 7.02
N LYS A 141 -7.20 10.46 7.22
CA LYS A 141 -8.17 11.02 6.26
C LYS A 141 -7.79 12.41 5.82
N ASP A 142 -8.14 12.73 4.60
CA ASP A 142 -7.85 14.04 4.03
C ASP A 142 -9.14 14.84 3.82
#